data_8ZL8
#
_entry.id   8ZL8
#
_cell.length_a   1.00
_cell.length_b   1.00
_cell.length_c   1.00
_cell.angle_alpha   90.00
_cell.angle_beta   90.00
_cell.angle_gamma   90.00
#
_symmetry.space_group_name_H-M   'P 1'
#
loop_
_entity.id
_entity.type
_entity.pdbx_description
1 polymer Polycystin-1
2 polymer Polycystin-2
3 non-polymer (3~{S},7~{R},8~{S},9~{S},10~{R},13~{R},14~{S},17~{R})-10,13-dimethyl-17-[(2~{R},6~{R})-6-methyl-7-oxidanyl-heptan-2-yl]-2,3,4,7,8,9,11,12,14,15,16,17-dodecahydro-1~{H}-cyclopenta[a]phenanthrene-3,7-diol
4 non-polymer 2-acetamido-2-deoxy-beta-D-glucopyranose
#
loop_
_entity_poly.entity_id
_entity_poly.type
_entity_poly.pdbx_seq_one_letter_code
_entity_poly.pdbx_strand_id
1 'polypeptide(L)'
;MDYKDDDDKGASLFVPPSHVRFVFPEPTADVNYIVMLTCAVCLVTYMVMAAILHKLDQLDASRGRAIPFCGQRGRFKYEI
LVKTGWGRGSGTTAHVGIMLYGVDSRSGHRHLDGDRAFHRNSLDIFRIATPHSLGSVWKIRVWHDNKGLSPAWFLQHVIV
RDLQTARSAFFLVNDWLSVETEANGGLVEKEVLAASDAALLRFRRLLVAELQRGFFDKHIWLSIWDRPPRSRFTRIQRAT
CCVLLICLFLGANAVWYGAVGDSAYSTGHVSRLSPLSVDTVAVGLVSSVVVYPVYLAILFLFRMSRSKVAGSPSPTPAGQ
QVLDIDSCLDSSVLDSSFLTFSGLHAEQAFVGQMKSDLFLDDSKSLVCWPSGEGTLSWPDLLSDPSIVGSNLRQLARGQA
GHGLGPEEDGFSLASPYSPAKSFSASDEDLIQQVLAEGVSSPAPTQDTHMETDLLSSLSSTPGEKTETLALQRLGELGPP
SPGLNWEQPQAARLSRTGLVEGLRKRLLPAWCASLAHGLSLLLVAVAVAVSGWVGASFPPGVSVAWLLSSSASFLASFLG
WEPLKVLLEALYFSLVAKRLHPDEDDTLVESPAVTPVSARVPRVRPPHGFALFLAKEEARKVKRLHGMLRSLLVYMLFLL
VTLLASYGDASCHGHAYRLQSAIKQELHSRAFLAITRSEELWPWMAHVLLPYVHGNQSSPELGPPRLRQVRLQEALYPDP
PGPRVHTCSAAGGFSTSDYDVGWESPHNGSGTWAYSAPDLLGAWSWGSCAVYDSGGYVQELGLSLEESRDRLRFLQLHNW
LDNRSRAVFLELTRYSPAVGLHAAVTLRLEFPAAGRALAALSVRPFALRRLSAGLSLPLLTSVCLLLFAVHFAVAEARTW
HREGRWRVLRLGAWARWLLVALTAATALVRLAQLGAADRQWTRFVRGRPRRFTSFDQVAQLSSAARGLAASLLFLLLVKA
AQQLRFVRQWSVFGKTLCRALPELLGVTLGLVVLGVAYAQLAILLVSSCVDSLWSVAQALLVLCPGTGLSTLCPAESWHL
SPLLCVGLWALRLWGALRLGAVILRWRYHALRGELYRPAWEPQDYEMVELFLRRLRLWMGLSKVKEFRHKVRFEGMEPLP
SRSSRGSKVSPDVPPPSAGSDASHPSTSSSQLDGLSVSLGRLGTRCEPEPSRLQAVFEALLTQFDRLNQATEDVYQLEQQ
LHSLQGRRSSRAPAGSSRGPSPGLRPALPSRLARASRGVDLATGPSRTPLRAKNKVHPSST
;
A
2 'polypeptide(L)'
;MGASSAWSHPQFEKGGGSGGGSGGSAWSHPQFEKGSAAAMVNSSRVQPQQPGDAKRPPAPRAPDPGRLMAGCAAVGASLA
APGGLCEQRGLEIEMQRIRQAAARDPPAGAAASPSPPLSSCSRQAWSRDNPGFEAEEEEEEVEGEEGGMVVEMDVEWRPG
SRRSAASSAVSSVGARSRGLGGYHGAGHPSGRRRRREDQGPPCPSPVGGGDPLHRHLPLEGQPPRVAWAERLVRGLRGLW
GTRLMEESSTNREKYLKSVLRELVTYLLFLIVLCILTYGMMSSNVYYYTRMMSQLFLDTPVSKTEKTNFKTLSSMEDFWK
FTEGSLLDGLYWKMQPSNQTEADNRSFIFYENLLLGVPRIRQLRVRNGSCSIPQDLRDEIKECYDVYSVSSEDRAPFGPR
NGTAWIYTSEKDLNGSSHWGIIATYSGAGYYLDLSRTREETAAQVASLKKNVWLDRGTRATFIDFSVYNANINLFCVVRL
LVEFPATGGVIPSWQFQPLKLIRYVTTFDFFLAACEIIFCFFIFYYVVEEILEIRIHKLHYFRSFWNCLDVVIVVLSVVA
IGINIYRTSNVEVLLQFLEDQNTFPNFEHLAYWQIQFNNIAAVTVFFVWIKLFKFINFNRTMSQLSTTMSRCAKDLFGFA
IMFFIIFLAYAQLAYLVFGTQVDDFSTFQECIFTQFRIILGDINFAEIEEANRVLGPIYFTTFVFFMFFILLNMFLAIIN
DTYSEVKSDLAQQKAEMELSDLIRKGYHKALVKLKLKKNTVDDISESLRQGGGKLNFDELRQDLKGKGHTDAEIEAIFTK
YDQDGDQELTEHEHQQMRDDLEKEREDLDLDHSSLPRPMSSRSFPRSLDDSEEDDDEDSGHSSRRRGSISSGVSYEEFQV
LVRRVDRMEHSIGSIVSKIDAVIVKLEIMERAKLKRREVLGRLLDGVAEDERLGRDSEIHREQMERLVREELERWESDDA
ASQISHGLGTPVGLNGQPRPRSSRPSSSQSTEGMEGAGGNGSSNVHV
;
B,C,D
#
loop_
_chem_comp.id
_chem_comp.type
_chem_comp.name
_chem_comp.formula
A1EQ3 non-polymer (3~{S},7~{R},8~{S},9~{S},10~{R},13~{R},14~{S},17~{R})-10,13-dimethyl-17-[(2~{R},6~{R})-6-methyl-7-oxidanyl-heptan-2-yl]-2,3,4,7,8,9,11,12,14,15,16,17-dodecahydro-1~{H}-cyclopenta[a]phenanthrene-3,7-diol 'C27 H46 O3'
NAG D-saccharide, beta linking 2-acetamido-2-deoxy-beta-D-glucopyranose 'C8 H15 N O6'
#
# COMPACT_ATOMS: atom_id res chain seq x y z
N ARG A 21 -40.60 -33.85 10.32
CA ARG A 21 -39.25 -34.39 10.21
C ARG A 21 -38.45 -33.59 9.19
N PHE A 22 -38.55 -32.27 9.28
CA PHE A 22 -37.84 -31.35 8.40
C PHE A 22 -37.89 -29.96 9.03
N VAL A 23 -36.97 -29.10 8.62
CA VAL A 23 -36.87 -27.76 9.18
C VAL A 23 -36.21 -26.82 8.18
N PHE A 24 -36.73 -25.58 8.11
CA PHE A 24 -36.13 -24.53 7.29
C PHE A 24 -35.47 -23.55 8.23
N PRO A 25 -34.21 -23.78 8.65
CA PRO A 25 -33.65 -23.00 9.77
C PRO A 25 -33.55 -21.51 9.54
N GLU A 26 -32.79 -21.09 8.52
CA GLU A 26 -32.46 -19.70 8.25
C GLU A 26 -32.19 -18.90 9.52
N PRO A 27 -31.35 -19.40 10.43
CA PRO A 27 -31.23 -18.76 11.75
C PRO A 27 -30.45 -17.46 11.75
N THR A 28 -29.30 -17.44 11.07
CA THR A 28 -28.36 -16.33 11.17
C THR A 28 -27.90 -15.94 9.77
N ALA A 29 -26.93 -15.03 9.72
CA ALA A 29 -26.35 -14.58 8.46
C ALA A 29 -24.83 -14.80 8.40
N ASP A 30 -24.22 -15.32 9.47
CA ASP A 30 -22.78 -15.57 9.46
C ASP A 30 -22.45 -16.76 8.58
N VAL A 31 -21.96 -16.50 7.36
CA VAL A 31 -21.69 -17.58 6.42
C VAL A 31 -20.55 -18.46 6.93
N ASN A 32 -20.58 -19.72 6.52
CA ASN A 32 -19.55 -20.69 6.82
C ASN A 32 -18.67 -20.80 5.58
N TYR A 33 -17.44 -20.32 5.68
CA TYR A 33 -16.54 -20.25 4.54
C TYR A 33 -16.04 -21.63 4.09
N ILE A 34 -16.16 -22.66 4.93
CA ILE A 34 -15.63 -23.97 4.57
C ILE A 34 -16.36 -24.53 3.35
N VAL A 35 -17.69 -24.52 3.38
CA VAL A 35 -18.47 -25.05 2.27
C VAL A 35 -18.26 -24.23 1.01
N MET A 36 -18.21 -22.90 1.14
CA MET A 36 -18.00 -22.04 -0.01
C MET A 36 -16.64 -22.31 -0.66
N LEU A 37 -15.60 -22.41 0.16
CA LEU A 37 -14.27 -22.68 -0.38
C LEU A 37 -14.21 -24.06 -1.03
N THR A 38 -14.82 -25.06 -0.41
CA THR A 38 -14.82 -26.40 -0.99
C THR A 38 -15.52 -26.41 -2.34
N CYS A 39 -16.69 -25.77 -2.43
CA CYS A 39 -17.40 -25.72 -3.70
C CYS A 39 -16.62 -24.95 -4.75
N ALA A 40 -16.01 -23.83 -4.37
CA ALA A 40 -15.24 -23.04 -5.32
C ALA A 40 -14.07 -23.85 -5.86
N VAL A 41 -13.37 -24.57 -4.98
CA VAL A 41 -12.26 -25.41 -5.42
C VAL A 41 -12.75 -26.50 -6.37
N CYS A 42 -13.86 -27.15 -6.01
CA CYS A 42 -14.38 -28.24 -6.83
C CYS A 42 -14.86 -27.77 -8.20
N LEU A 43 -15.32 -26.53 -8.31
CA LEU A 43 -15.68 -26.02 -9.63
C LEU A 43 -14.49 -25.51 -10.42
N VAL A 44 -13.51 -24.88 -9.75
CA VAL A 44 -12.32 -24.40 -10.46
C VAL A 44 -11.53 -25.57 -11.03
N THR A 45 -11.36 -26.64 -10.24
CA THR A 45 -10.63 -27.80 -10.74
C THR A 45 -11.35 -28.42 -11.92
N TYR A 46 -12.68 -28.47 -11.88
CA TYR A 46 -13.44 -28.98 -13.00
C TYR A 46 -13.23 -28.12 -14.23
N MET A 47 -13.24 -26.79 -14.07
CA MET A 47 -13.06 -25.91 -15.22
C MET A 47 -11.69 -26.11 -15.87
N VAL A 48 -10.63 -26.15 -15.06
CA VAL A 48 -9.29 -26.27 -15.63
C VAL A 48 -9.09 -27.66 -16.24
N MET A 49 -9.63 -28.69 -15.57
CA MET A 49 -9.52 -30.05 -16.10
C MET A 49 -10.29 -30.18 -17.41
N ALA A 50 -11.45 -29.54 -17.53
CA ALA A 50 -12.17 -29.53 -18.80
C ALA A 50 -11.38 -28.80 -19.86
N ALA A 51 -10.70 -27.71 -19.49
CA ALA A 51 -9.86 -26.99 -20.44
C ALA A 51 -8.77 -27.91 -21.01
N ILE A 52 -8.13 -28.69 -20.14
CA ILE A 52 -7.09 -29.62 -20.59
C ILE A 52 -7.70 -30.72 -21.45
N LEU A 53 -8.82 -31.28 -21.00
CA LEU A 53 -9.46 -32.36 -21.73
C LEU A 53 -9.96 -31.91 -23.10
N HIS A 54 -10.18 -30.61 -23.28
CA HIS A 54 -10.55 -30.11 -24.60
C HIS A 54 -9.48 -30.45 -25.63
N LYS A 55 -8.23 -30.11 -25.34
CA LYS A 55 -7.14 -30.45 -26.26
C LYS A 55 -6.89 -31.96 -26.28
N LEU A 56 -6.99 -32.60 -25.10
CA LEU A 56 -6.77 -34.05 -25.05
C LEU A 56 -7.81 -34.82 -25.87
N ASP A 57 -8.98 -34.23 -26.08
CA ASP A 57 -10.01 -34.80 -26.94
C ASP A 57 -9.87 -34.38 -28.40
N GLN A 58 -9.41 -33.15 -28.65
CA GLN A 58 -9.18 -32.72 -30.02
C GLN A 58 -8.09 -33.59 -30.68
N LEU A 59 -7.07 -33.96 -29.91
CA LEU A 59 -6.04 -34.85 -30.44
C LEU A 59 -6.64 -36.19 -30.87
N ASP A 60 -7.49 -36.77 -30.03
CA ASP A 60 -8.12 -38.04 -30.37
C ASP A 60 -9.06 -37.88 -31.58
N ALA A 61 -9.78 -36.76 -31.63
CA ALA A 61 -10.68 -36.51 -32.76
C ALA A 61 -9.89 -36.44 -34.07
N SER A 62 -8.75 -35.77 -34.04
CA SER A 62 -7.89 -35.73 -35.23
C SER A 62 -7.35 -37.13 -35.56
N ARG A 63 -7.00 -37.89 -34.53
CA ARG A 63 -6.52 -39.26 -34.73
C ARG A 63 -7.65 -40.29 -34.82
N GLY A 64 -8.87 -39.83 -35.11
CA GLY A 64 -10.01 -40.75 -35.18
C GLY A 64 -9.81 -41.85 -36.20
N ARG A 65 -9.28 -41.50 -37.38
CA ARG A 65 -9.01 -42.49 -38.40
C ARG A 65 -7.52 -42.55 -38.72
N ARG A 75 8.80 -49.71 -29.12
CA ARG A 75 7.45 -49.92 -29.64
C ARG A 75 6.69 -50.92 -28.77
N PHE A 76 5.41 -51.12 -29.08
CA PHE A 76 4.62 -52.10 -28.35
C PHE A 76 5.11 -53.52 -28.58
N LYS A 77 5.47 -53.85 -29.82
CA LYS A 77 5.96 -55.18 -30.17
C LYS A 77 6.80 -55.02 -31.45
N TYR A 78 7.27 -56.15 -31.97
CA TYR A 78 8.06 -56.12 -33.19
C TYR A 78 7.18 -55.80 -34.39
N GLU A 79 7.80 -55.69 -35.55
CA GLU A 79 7.09 -55.38 -36.79
C GLU A 79 6.25 -56.58 -37.19
N ILE A 80 4.94 -56.46 -36.99
CA ILE A 80 4.03 -57.55 -37.37
C ILE A 80 4.00 -57.66 -38.89
N LEU A 81 4.07 -58.89 -39.38
CA LEU A 81 4.14 -59.13 -40.83
C LEU A 81 3.29 -60.34 -41.17
N VAL A 82 2.25 -60.14 -41.97
CA VAL A 82 1.38 -61.22 -42.41
C VAL A 82 1.40 -61.30 -43.94
N LYS A 83 2.52 -60.92 -44.54
CA LYS A 83 2.67 -60.94 -45.99
C LYS A 83 2.75 -62.38 -46.47
N THR A 84 1.68 -62.85 -47.12
CA THR A 84 1.60 -64.22 -47.60
C THR A 84 0.89 -64.24 -48.94
N GLY A 85 0.93 -65.40 -49.59
CA GLY A 85 0.28 -65.60 -50.87
C GLY A 85 -0.47 -66.92 -50.95
N TRP A 86 -1.08 -67.30 -49.82
CA TRP A 86 -1.71 -68.62 -49.72
C TRP A 86 -2.86 -68.79 -50.71
N GLY A 87 -3.47 -67.70 -51.17
CA GLY A 87 -4.62 -67.78 -52.04
C GLY A 87 -4.45 -66.93 -53.29
N ARG A 88 -5.40 -67.12 -54.21
CA ARG A 88 -5.42 -66.40 -55.47
C ARG A 88 -6.88 -66.20 -55.89
N GLY A 89 -7.10 -65.25 -56.80
CA GLY A 89 -8.43 -64.94 -57.26
C GLY A 89 -9.32 -64.40 -56.16
N SER A 90 -8.80 -63.46 -55.38
CA SER A 90 -9.48 -62.92 -54.21
C SER A 90 -9.81 -61.44 -54.39
N GLY A 91 -10.35 -61.08 -55.55
CA GLY A 91 -10.67 -59.69 -55.82
C GLY A 91 -11.85 -59.17 -55.04
N THR A 92 -11.76 -59.21 -53.72
CA THR A 92 -12.83 -58.76 -52.84
C THR A 92 -12.19 -58.00 -51.67
N THR A 93 -12.99 -57.73 -50.65
CA THR A 93 -12.54 -57.00 -49.47
C THR A 93 -12.92 -57.76 -48.21
N ALA A 94 -12.10 -57.60 -47.17
CA ALA A 94 -12.34 -58.25 -45.89
C ALA A 94 -11.70 -57.42 -44.80
N HIS A 95 -12.14 -57.65 -43.56
CA HIS A 95 -11.61 -56.97 -42.39
C HIS A 95 -11.01 -57.99 -41.45
N VAL A 96 -9.74 -57.78 -41.08
CA VAL A 96 -9.04 -58.68 -40.18
C VAL A 96 -8.72 -57.93 -38.89
N GLY A 97 -9.60 -58.02 -37.90
CA GLY A 97 -9.38 -57.33 -36.65
C GLY A 97 -8.45 -58.14 -35.77
N ILE A 98 -7.59 -57.45 -35.03
CA ILE A 98 -6.65 -58.09 -34.11
C ILE A 98 -6.70 -57.34 -32.79
N MET A 99 -6.84 -58.08 -31.69
CA MET A 99 -6.91 -57.49 -30.37
C MET A 99 -5.68 -57.93 -29.57
N LEU A 100 -4.94 -56.95 -29.04
CA LEU A 100 -3.77 -57.22 -28.22
C LEU A 100 -4.22 -57.32 -26.77
N TYR A 101 -4.57 -58.54 -26.37
CA TYR A 101 -5.05 -58.77 -25.02
C TYR A 101 -3.93 -58.59 -24.00
N GLY A 102 -4.30 -58.73 -22.73
CA GLY A 102 -3.36 -58.50 -21.65
C GLY A 102 -3.72 -57.31 -20.79
N VAL A 103 -3.40 -57.37 -19.50
CA VAL A 103 -3.73 -56.30 -18.57
C VAL A 103 -3.01 -55.01 -18.97
N ASP A 104 -3.68 -53.88 -18.82
CA ASP A 104 -3.19 -52.53 -19.06
C ASP A 104 -2.86 -52.28 -20.54
N SER A 105 -3.33 -53.12 -21.46
CA SER A 105 -3.03 -52.91 -22.88
C SER A 105 -4.12 -53.58 -23.71
N ARG A 106 -4.82 -52.79 -24.51
CA ARG A 106 -5.86 -53.31 -25.39
C ARG A 106 -6.13 -52.35 -26.54
N SER A 107 -6.12 -52.87 -27.77
CA SER A 107 -6.36 -52.05 -28.95
C SER A 107 -6.75 -52.96 -30.11
N GLY A 108 -7.58 -52.43 -31.00
CA GLY A 108 -8.01 -53.16 -32.17
C GLY A 108 -7.03 -53.05 -33.31
N HIS A 109 -7.49 -53.45 -34.49
CA HIS A 109 -6.67 -53.42 -35.70
C HIS A 109 -7.55 -53.03 -36.88
N ARG A 110 -6.89 -52.67 -37.99
CA ARG A 110 -7.58 -52.22 -39.18
C ARG A 110 -8.10 -53.43 -39.96
N HIS A 111 -8.58 -53.19 -41.19
CA HIS A 111 -9.18 -54.23 -42.00
C HIS A 111 -8.08 -55.06 -42.67
N LEU A 112 -8.48 -56.00 -43.53
CA LEU A 112 -7.54 -56.86 -44.24
C LEU A 112 -7.19 -56.25 -45.60
N ASP A 113 -6.62 -55.05 -45.56
CA ASP A 113 -6.19 -54.34 -46.76
C ASP A 113 -4.74 -54.72 -47.05
N GLY A 114 -4.47 -55.08 -48.31
CA GLY A 114 -3.14 -55.50 -48.69
C GLY A 114 -2.49 -54.62 -49.73
N ASP A 115 -1.58 -55.19 -50.52
CA ASP A 115 -0.85 -54.42 -51.51
C ASP A 115 -1.57 -54.36 -52.85
N ARG A 116 -2.41 -55.35 -53.14
CA ARG A 116 -3.15 -55.41 -54.41
C ARG A 116 -4.64 -55.55 -54.13
N ALA A 117 -5.14 -54.79 -53.15
CA ALA A 117 -6.56 -54.77 -52.79
C ALA A 117 -7.06 -56.16 -52.42
N PHE A 118 -6.29 -56.86 -51.58
CA PHE A 118 -6.67 -58.17 -51.03
C PHE A 118 -6.84 -59.22 -52.12
N HIS A 119 -6.32 -58.97 -53.32
CA HIS A 119 -6.42 -59.90 -54.43
C HIS A 119 -5.38 -61.00 -54.28
N ARG A 120 -5.14 -61.75 -55.36
CA ARG A 120 -4.18 -62.84 -55.36
C ARG A 120 -2.82 -62.38 -54.84
N ASN A 121 -2.37 -63.05 -53.77
CA ASN A 121 -1.06 -62.77 -53.16
C ASN A 121 -0.94 -61.31 -52.73
N SER A 122 -2.05 -60.75 -52.25
CA SER A 122 -2.07 -59.36 -51.77
C SER A 122 -2.14 -59.38 -50.25
N LEU A 123 -0.97 -59.47 -49.63
CA LEU A 123 -0.86 -59.43 -48.17
C LEU A 123 0.43 -58.71 -47.82
N ASP A 124 0.34 -57.70 -46.98
CA ASP A 124 1.49 -56.89 -46.57
C ASP A 124 1.74 -57.07 -45.08
N ILE A 125 2.86 -56.50 -44.62
CA ILE A 125 3.17 -56.54 -43.20
C ILE A 125 2.17 -55.70 -42.41
N PHE A 126 1.83 -56.19 -41.22
CA PHE A 126 0.85 -55.52 -40.36
C PHE A 126 1.56 -54.40 -39.61
N ARG A 127 1.90 -53.34 -40.35
CA ARG A 127 2.55 -52.16 -39.78
C ARG A 127 1.50 -51.12 -39.40
N ILE A 128 0.60 -51.53 -38.52
CA ILE A 128 -0.47 -50.66 -38.03
C ILE A 128 -0.12 -50.18 -36.63
N ALA A 129 -0.51 -48.94 -36.33
CA ALA A 129 -0.19 -48.34 -35.04
C ALA A 129 -1.04 -48.96 -33.93
N THR A 130 -0.45 -49.90 -33.19
CA THR A 130 -1.10 -50.56 -32.07
C THR A 130 -0.19 -50.50 -30.84
N PRO A 131 -0.13 -49.34 -30.17
CA PRO A 131 0.82 -49.18 -29.07
C PRO A 131 0.47 -49.99 -27.82
N HIS A 132 -0.63 -50.73 -27.82
CA HIS A 132 -1.04 -51.51 -26.66
C HIS A 132 -0.47 -52.92 -26.78
N SER A 133 0.41 -53.29 -25.84
CA SER A 133 0.97 -54.64 -25.80
C SER A 133 1.54 -54.88 -24.41
N LEU A 134 1.04 -55.91 -23.72
CA LEU A 134 1.50 -56.25 -22.39
C LEU A 134 2.79 -57.06 -22.50
N GLY A 135 3.24 -57.63 -21.37
CA GLY A 135 4.43 -58.45 -21.34
C GLY A 135 4.21 -59.83 -21.91
N SER A 136 4.91 -60.82 -21.35
CA SER A 136 4.77 -62.19 -21.81
C SER A 136 3.45 -62.79 -21.33
N VAL A 137 2.34 -62.26 -21.83
CA VAL A 137 1.01 -62.69 -21.43
C VAL A 137 0.25 -63.14 -22.67
N TRP A 138 -1.02 -63.52 -22.49
CA TRP A 138 -1.83 -63.99 -23.60
C TRP A 138 -2.26 -62.84 -24.49
N LYS A 139 -1.30 -62.19 -25.15
CA LYS A 139 -1.60 -61.08 -26.04
C LYS A 139 -1.85 -61.56 -27.46
N ILE A 140 -2.93 -62.34 -27.64
CA ILE A 140 -3.27 -62.87 -28.96
C ILE A 140 -4.79 -62.98 -29.09
N ARG A 141 -5.35 -62.29 -30.08
CA ARG A 141 -6.78 -62.34 -30.38
C ARG A 141 -6.99 -61.72 -31.75
N VAL A 142 -7.78 -62.38 -32.59
CA VAL A 142 -8.00 -61.92 -33.96
C VAL A 142 -9.28 -62.55 -34.48
N TRP A 143 -9.89 -61.88 -35.46
CA TRP A 143 -11.10 -62.36 -36.11
C TRP A 143 -11.14 -61.79 -37.52
N HIS A 144 -11.91 -62.45 -38.38
CA HIS A 144 -12.05 -62.07 -39.78
C HIS A 144 -13.51 -61.95 -40.15
N ASP A 145 -13.83 -60.92 -40.95
CA ASP A 145 -15.19 -60.69 -41.42
C ASP A 145 -15.13 -60.24 -42.87
N ASN A 146 -15.75 -61.00 -43.76
CA ASN A 146 -15.74 -60.71 -45.19
C ASN A 146 -17.16 -60.73 -45.72
N LYS A 147 -17.28 -60.62 -47.04
CA LYS A 147 -18.57 -60.66 -47.72
C LYS A 147 -19.00 -62.11 -47.95
N GLY A 148 -19.25 -62.81 -46.85
CA GLY A 148 -19.61 -64.21 -46.89
C GLY A 148 -18.42 -65.12 -46.72
N LEU A 149 -17.93 -65.69 -47.82
CA LEU A 149 -16.76 -66.56 -47.78
C LEU A 149 -15.70 -66.07 -48.76
N SER A 150 -14.63 -66.83 -48.92
CA SER A 150 -13.55 -66.44 -49.83
C SER A 150 -12.75 -67.66 -50.26
N PRO A 151 -11.82 -67.49 -51.20
CA PRO A 151 -10.97 -68.62 -51.60
C PRO A 151 -9.96 -68.99 -50.52
N ALA A 152 -9.07 -69.94 -50.81
CA ALA A 152 -8.12 -70.41 -49.82
C ALA A 152 -6.99 -69.40 -49.61
N TRP A 153 -7.34 -68.16 -49.26
CA TRP A 153 -6.39 -67.09 -49.00
C TRP A 153 -6.36 -66.84 -47.50
N PHE A 154 -5.47 -67.54 -46.80
CA PHE A 154 -5.34 -67.46 -45.35
C PHE A 154 -3.91 -67.08 -45.01
N LEU A 155 -3.70 -65.81 -44.67
CA LEU A 155 -2.39 -65.38 -44.20
C LEU A 155 -2.00 -66.15 -42.95
N GLN A 156 -0.74 -66.55 -42.87
CA GLN A 156 -0.29 -67.43 -41.81
C GLN A 156 -0.46 -66.80 -40.43
N HIS A 157 0.28 -65.74 -40.16
CA HIS A 157 0.23 -65.03 -38.88
C HIS A 157 1.10 -63.79 -39.02
N VAL A 158 1.25 -63.06 -37.92
CA VAL A 158 2.15 -61.91 -37.84
C VAL A 158 3.51 -62.44 -37.43
N ILE A 159 4.47 -62.39 -38.35
CA ILE A 159 5.82 -62.95 -38.09
C ILE A 159 6.61 -61.82 -37.44
N VAL A 160 6.46 -61.71 -36.12
CA VAL A 160 7.16 -60.71 -35.32
C VAL A 160 7.60 -61.41 -34.04
N ARG A 161 8.88 -61.80 -33.96
CA ARG A 161 9.41 -62.49 -32.80
C ARG A 161 10.07 -61.54 -31.80
N ASP A 162 11.15 -60.88 -32.22
CA ASP A 162 11.84 -59.93 -31.34
C ASP A 162 12.60 -58.94 -32.23
N LEU A 163 11.98 -57.79 -32.49
CA LEU A 163 12.64 -56.72 -33.22
C LEU A 163 12.57 -55.39 -32.49
N GLN A 164 11.47 -55.09 -31.81
CA GLN A 164 11.33 -53.85 -31.05
C GLN A 164 11.07 -54.12 -29.58
N THR A 165 10.07 -54.91 -29.24
CA THR A 165 9.74 -55.19 -27.84
C THR A 165 9.50 -56.67 -27.53
N ALA A 166 9.21 -57.50 -28.52
CA ALA A 166 8.99 -58.93 -28.33
C ALA A 166 7.86 -59.20 -27.32
N ARG A 167 6.66 -58.74 -27.69
CA ARG A 167 5.49 -59.02 -26.88
C ARG A 167 5.04 -60.47 -26.99
N SER A 168 5.48 -61.17 -28.03
CA SER A 168 5.16 -62.57 -28.25
C SER A 168 6.20 -63.14 -29.21
N ALA A 169 6.05 -64.43 -29.52
CA ALA A 169 6.94 -65.09 -30.46
C ALA A 169 6.28 -65.21 -31.83
N PHE A 170 7.12 -65.41 -32.85
CA PHE A 170 6.65 -65.56 -34.23
C PHE A 170 6.34 -67.02 -34.54
N PHE A 171 5.33 -67.55 -33.84
CA PHE A 171 4.91 -68.93 -34.03
C PHE A 171 3.46 -69.13 -33.60
N LEU A 172 2.62 -69.61 -34.52
CA LEU A 172 1.22 -69.84 -34.25
C LEU A 172 0.76 -71.02 -35.10
N VAL A 173 -0.56 -71.18 -35.22
CA VAL A 173 -1.10 -72.26 -36.05
C VAL A 173 -0.72 -72.04 -37.50
N ASN A 174 -1.00 -70.84 -38.02
CA ASN A 174 -0.55 -70.40 -39.34
C ASN A 174 -0.98 -71.38 -40.44
N ASP A 175 -2.28 -71.51 -40.61
CA ASP A 175 -2.82 -72.43 -41.60
C ASP A 175 -4.18 -71.90 -42.06
N TRP A 176 -4.93 -72.74 -42.79
CA TRP A 176 -6.24 -72.36 -43.29
C TRP A 176 -7.19 -72.07 -42.13
N LEU A 177 -8.00 -71.03 -42.31
CA LEU A 177 -8.94 -70.60 -41.27
C LEU A 177 -10.22 -70.14 -41.96
N SER A 178 -11.08 -69.48 -41.20
CA SER A 178 -12.35 -68.97 -41.71
C SER A 178 -12.76 -67.78 -40.84
N VAL A 179 -14.01 -67.36 -41.00
CA VAL A 179 -14.52 -66.23 -40.23
C VAL A 179 -14.57 -66.59 -38.74
N GLU A 180 -14.44 -65.58 -37.89
CA GLU A 180 -14.43 -65.76 -36.44
C GLU A 180 -13.35 -66.75 -36.00
N THR A 181 -12.12 -66.49 -36.42
CA THR A 181 -10.99 -67.37 -36.10
C THR A 181 -10.75 -67.40 -34.59
N GLU A 182 -10.56 -68.60 -34.05
CA GLU A 182 -10.27 -68.77 -32.64
C GLU A 182 -8.80 -68.49 -32.37
N ALA A 183 -8.42 -67.21 -32.34
CA ALA A 183 -7.02 -66.82 -32.16
C ALA A 183 -6.68 -66.73 -30.68
N ASN A 184 -6.71 -67.89 -30.02
CA ASN A 184 -6.34 -67.99 -28.62
C ASN A 184 -4.81 -68.08 -28.51
N GLY A 185 -4.31 -68.30 -27.30
CA GLY A 185 -2.89 -68.42 -27.10
C GLY A 185 -2.39 -67.83 -25.81
N GLY A 186 -1.08 -67.90 -25.57
CA GLY A 186 -0.50 -67.34 -24.37
C GLY A 186 0.62 -66.37 -24.66
N LEU A 187 1.75 -66.52 -23.96
CA LEU A 187 2.90 -65.64 -24.15
C LEU A 187 3.51 -65.81 -25.53
N ALA A 198 -15.46 -75.19 -31.12
CA ALA A 198 -16.79 -74.93 -30.59
C ALA A 198 -16.70 -74.02 -29.36
N ALA A 199 -15.75 -74.33 -28.48
CA ALA A 199 -15.54 -73.58 -27.24
C ALA A 199 -16.82 -73.52 -26.41
N LEU A 200 -17.25 -74.70 -25.95
CA LEU A 200 -18.49 -74.81 -25.19
C LEU A 200 -18.45 -73.99 -23.91
N LEU A 201 -17.25 -73.78 -23.37
CA LEU A 201 -17.10 -72.96 -22.17
C LEU A 201 -17.06 -71.49 -22.52
N ARG A 202 -18.09 -70.99 -23.18
CA ARG A 202 -18.16 -69.58 -23.54
C ARG A 202 -18.31 -68.68 -22.31
N PHE A 203 -18.82 -69.20 -21.20
CA PHE A 203 -19.10 -68.40 -20.03
C PHE A 203 -17.84 -67.74 -19.47
N ARG A 204 -16.86 -68.55 -19.08
CA ARG A 204 -15.66 -68.02 -18.45
C ARG A 204 -14.93 -67.06 -19.39
N ARG A 205 -14.79 -67.44 -20.66
CA ARG A 205 -14.08 -66.60 -21.62
C ARG A 205 -14.80 -65.26 -21.80
N LEU A 206 -16.12 -65.30 -21.96
CA LEU A 206 -16.88 -64.07 -22.14
C LEU A 206 -16.75 -63.17 -20.93
N LEU A 207 -16.91 -63.73 -19.72
CA LEU A 207 -16.79 -62.91 -18.52
C LEU A 207 -15.39 -62.30 -18.39
N VAL A 208 -14.34 -63.10 -18.61
CA VAL A 208 -13.00 -62.57 -18.41
C VAL A 208 -12.69 -61.50 -19.45
N ALA A 209 -13.13 -61.70 -20.70
CA ALA A 209 -12.88 -60.71 -21.74
C ALA A 209 -13.63 -59.41 -21.43
N GLU A 210 -14.91 -59.52 -21.06
CA GLU A 210 -15.69 -58.32 -20.78
C GLU A 210 -15.14 -57.56 -19.59
N LEU A 211 -14.76 -58.27 -18.53
CA LEU A 211 -14.18 -57.62 -17.36
C LEU A 211 -12.86 -56.95 -17.71
N GLN A 212 -11.99 -57.64 -18.47
CA GLN A 212 -10.71 -57.05 -18.81
C GLN A 212 -10.86 -55.84 -19.72
N ARG A 213 -11.90 -55.79 -20.54
CA ARG A 213 -12.09 -54.63 -21.41
C ARG A 213 -12.75 -53.48 -20.68
N GLY A 214 -13.70 -53.77 -19.78
CA GLY A 214 -14.47 -52.71 -19.15
C GLY A 214 -14.08 -52.37 -17.73
N PHE A 215 -13.01 -52.96 -17.20
CA PHE A 215 -12.63 -52.67 -15.82
C PHE A 215 -12.07 -51.27 -15.63
N PHE A 216 -11.74 -50.56 -16.71
CA PHE A 216 -11.25 -49.19 -16.58
C PHE A 216 -11.88 -48.25 -17.60
N ASP A 217 -12.82 -48.71 -18.41
CA ASP A 217 -13.58 -47.86 -19.32
C ASP A 217 -14.93 -47.47 -18.72
N LYS A 218 -15.74 -48.46 -18.33
CA LYS A 218 -17.03 -48.17 -17.73
C LYS A 218 -16.85 -47.47 -16.38
N HIS A 219 -15.83 -47.88 -15.61
CA HIS A 219 -15.53 -47.23 -14.34
C HIS A 219 -15.25 -45.75 -14.57
N ILE A 220 -16.17 -44.90 -14.09
CA ILE A 220 -16.20 -43.50 -14.52
C ILE A 220 -15.00 -42.73 -13.95
N TRP A 221 -14.56 -43.07 -12.74
CA TRP A 221 -13.60 -42.24 -12.03
C TRP A 221 -12.27 -42.16 -12.77
N LEU A 222 -11.56 -43.27 -12.88
CA LEU A 222 -10.29 -43.31 -13.61
C LEU A 222 -10.49 -43.83 -15.03
N SER A 223 -11.39 -43.14 -15.75
CA SER A 223 -11.59 -43.37 -17.17
C SER A 223 -11.27 -42.15 -18.03
N ILE A 224 -11.02 -41.00 -17.42
CA ILE A 224 -10.69 -39.79 -18.15
C ILE A 224 -9.25 -39.89 -18.67
N TRP A 225 -8.59 -41.01 -18.37
CA TRP A 225 -7.26 -41.27 -18.88
C TRP A 225 -7.19 -42.44 -19.85
N ASP A 226 -8.10 -43.41 -19.74
CA ASP A 226 -8.02 -44.66 -20.49
C ASP A 226 -9.27 -44.85 -21.36
N ARG A 227 -9.68 -43.79 -22.05
CA ARG A 227 -10.79 -43.95 -22.99
C ARG A 227 -10.30 -44.65 -24.24
N PRO A 228 -10.89 -45.76 -24.65
CA PRO A 228 -10.50 -46.39 -25.91
C PRO A 228 -10.86 -45.50 -27.09
N PRO A 229 -9.99 -45.41 -28.08
CA PRO A 229 -10.29 -44.60 -29.26
C PRO A 229 -11.43 -45.21 -30.07
N ARG A 230 -11.98 -44.39 -30.97
CA ARG A 230 -13.08 -44.70 -31.88
C ARG A 230 -14.42 -44.73 -31.13
N SER A 231 -14.44 -44.62 -29.80
CA SER A 231 -15.68 -44.55 -29.06
C SER A 231 -16.35 -43.18 -29.27
N ARG A 232 -17.57 -43.05 -28.76
CA ARG A 232 -18.36 -41.84 -28.95
C ARG A 232 -18.75 -41.19 -27.62
N PHE A 233 -18.07 -41.52 -26.52
CA PHE A 233 -18.49 -41.01 -25.23
C PHE A 233 -17.79 -39.68 -24.90
N THR A 234 -16.97 -39.18 -25.84
CA THR A 234 -16.55 -37.79 -25.99
C THR A 234 -15.45 -37.32 -25.05
N ARG A 235 -15.03 -38.16 -24.09
CA ARG A 235 -13.79 -37.91 -23.35
C ARG A 235 -13.86 -36.67 -22.45
N ILE A 236 -14.94 -35.90 -22.53
CA ILE A 236 -15.06 -34.66 -21.78
C ILE A 236 -16.24 -34.70 -20.82
N GLN A 237 -17.37 -35.25 -21.24
CA GLN A 237 -18.51 -35.37 -20.34
C GLN A 237 -18.25 -36.38 -19.24
N ARG A 238 -17.18 -37.18 -19.38
CA ARG A 238 -16.71 -37.98 -18.26
C ARG A 238 -16.38 -37.11 -17.06
N ALA A 239 -15.77 -35.95 -17.29
CA ALA A 239 -15.52 -34.96 -16.24
C ALA A 239 -16.81 -34.36 -15.71
N THR A 240 -17.80 -34.16 -16.58
CA THR A 240 -19.10 -33.67 -16.14
C THR A 240 -19.76 -34.65 -15.18
N CYS A 241 -19.68 -35.95 -15.46
CA CYS A 241 -20.22 -36.93 -14.54
C CYS A 241 -19.51 -36.88 -13.19
N CYS A 242 -18.18 -36.75 -13.21
CA CYS A 242 -17.43 -36.70 -11.96
C CYS A 242 -17.79 -35.46 -11.13
N VAL A 243 -17.89 -34.30 -11.77
CA VAL A 243 -18.24 -33.10 -11.03
C VAL A 243 -19.68 -33.18 -10.54
N LEU A 244 -20.56 -33.85 -11.30
CA LEU A 244 -21.92 -34.08 -10.83
C LEU A 244 -21.92 -34.93 -9.57
N LEU A 245 -21.12 -36.00 -9.56
CA LEU A 245 -21.03 -36.83 -8.36
C LEU A 245 -20.50 -36.04 -7.17
N ILE A 246 -19.46 -35.24 -7.38
CA ILE A 246 -18.87 -34.49 -6.28
C ILE A 246 -19.88 -33.50 -5.71
N CYS A 247 -20.52 -32.73 -6.58
CA CYS A 247 -21.48 -31.74 -6.11
C CYS A 247 -22.68 -32.39 -5.44
N LEU A 248 -23.17 -33.50 -5.98
CA LEU A 248 -24.32 -34.18 -5.37
C LEU A 248 -23.95 -34.76 -4.01
N PHE A 249 -22.75 -35.34 -3.88
CA PHE A 249 -22.30 -35.80 -2.57
C PHE A 249 -22.28 -34.65 -1.58
N LEU A 250 -21.69 -33.52 -1.98
CA LEU A 250 -21.58 -32.37 -1.08
C LEU A 250 -22.97 -31.89 -0.65
N GLY A 251 -23.88 -31.77 -1.62
CA GLY A 251 -25.23 -31.31 -1.33
C GLY A 251 -26.00 -32.23 -0.42
N ALA A 252 -25.95 -33.53 -0.69
CA ALA A 252 -26.68 -34.49 0.14
C ALA A 252 -26.13 -34.51 1.55
N ASN A 253 -24.81 -34.49 1.70
CA ASN A 253 -24.22 -34.47 3.04
C ASN A 253 -24.56 -33.18 3.77
N ALA A 254 -24.54 -32.05 3.07
CA ALA A 254 -24.87 -30.78 3.70
C ALA A 254 -26.33 -30.73 4.13
N VAL A 255 -27.21 -31.35 3.35
CA VAL A 255 -28.62 -31.43 3.74
C VAL A 255 -28.76 -32.29 5.00
N TRP A 256 -28.17 -33.49 4.97
CA TRP A 256 -28.34 -34.41 6.10
C TRP A 256 -27.77 -33.84 7.38
N TYR A 257 -26.61 -33.20 7.31
CA TYR A 257 -26.04 -32.53 8.47
C TYR A 257 -26.68 -31.15 8.63
N GLY A 258 -27.47 -31.00 9.68
CA GLY A 258 -28.13 -29.73 9.92
C GLY A 258 -29.45 -29.55 9.21
N ALA A 259 -29.97 -30.61 8.59
CA ALA A 259 -31.34 -30.57 8.10
C ALA A 259 -32.19 -31.75 8.54
N VAL A 260 -31.59 -32.82 9.06
CA VAL A 260 -32.33 -33.96 9.56
C VAL A 260 -31.84 -34.31 10.96
N GLY A 261 -32.53 -33.82 11.97
CA GLY A 261 -32.20 -34.12 13.35
C GLY A 261 -33.43 -34.46 14.17
N ASP A 262 -34.40 -35.11 13.54
CA ASP A 262 -35.64 -35.48 14.21
C ASP A 262 -35.73 -36.98 14.46
N SER A 263 -35.37 -37.76 13.44
CA SER A 263 -35.54 -39.21 13.50
C SER A 263 -34.58 -39.87 14.48
N ALA A 264 -33.39 -39.30 14.59
CA ALA A 264 -32.36 -39.84 15.49
C ALA A 264 -31.76 -38.76 16.37
N TYR A 265 -32.32 -37.56 16.32
CA TYR A 265 -31.83 -36.43 17.12
C TYR A 265 -30.45 -36.71 17.70
N SER A 266 -29.70 -37.67 17.14
CA SER A 266 -28.36 -37.96 17.62
C SER A 266 -27.39 -36.82 17.41
N THR A 267 -27.67 -35.91 16.49
CA THR A 267 -26.81 -34.76 16.24
C THR A 267 -26.99 -33.72 17.34
N GLY A 268 -26.16 -32.69 17.30
CA GLY A 268 -26.21 -31.62 18.28
C GLY A 268 -25.13 -31.75 19.34
N HIS A 269 -25.47 -31.27 20.54
CA HIS A 269 -24.53 -31.30 21.65
C HIS A 269 -24.15 -32.72 22.05
N VAL A 270 -25.07 -33.68 21.91
CA VAL A 270 -24.77 -35.07 22.25
C VAL A 270 -23.92 -35.75 21.19
N SER A 271 -23.68 -35.11 20.05
CA SER A 271 -22.88 -35.67 18.97
C SER A 271 -21.50 -35.03 19.02
N ARG A 272 -20.49 -35.83 19.36
CA ARG A 272 -19.11 -35.36 19.37
C ARG A 272 -18.56 -35.44 17.95
N LEU A 273 -17.84 -34.39 17.53
CA LEU A 273 -17.33 -34.31 16.17
C LEU A 273 -16.33 -35.40 15.85
N SER A 274 -15.76 -36.05 16.87
CA SER A 274 -14.79 -37.12 16.67
C SER A 274 -15.43 -38.26 15.89
N PRO A 275 -14.72 -38.83 14.90
CA PRO A 275 -15.30 -39.91 14.09
C PRO A 275 -15.43 -41.20 14.89
N LEU A 276 -16.67 -41.58 15.20
CA LEU A 276 -16.92 -42.84 15.89
C LEU A 276 -16.59 -44.04 15.02
N SER A 277 -16.39 -43.83 13.72
CA SER A 277 -16.10 -44.88 12.76
C SER A 277 -17.27 -45.85 12.64
N VAL A 278 -18.43 -45.46 13.15
CA VAL A 278 -19.63 -46.27 13.09
C VAL A 278 -20.76 -45.43 12.49
N ASP A 279 -20.64 -44.11 12.61
CA ASP A 279 -21.71 -43.21 12.22
C ASP A 279 -21.42 -42.39 10.97
N THR A 280 -20.26 -41.73 10.90
CA THR A 280 -19.93 -40.91 9.73
C THR A 280 -19.85 -41.74 8.46
N VAL A 281 -19.21 -42.91 8.55
CA VAL A 281 -19.14 -43.80 7.39
C VAL A 281 -20.54 -44.25 6.98
N ALA A 282 -21.43 -44.48 7.95
CA ALA A 282 -22.78 -44.92 7.63
C ALA A 282 -23.54 -43.85 6.85
N VAL A 283 -23.48 -42.60 7.31
CA VAL A 283 -24.20 -41.54 6.61
C VAL A 283 -23.59 -41.29 5.24
N GLY A 284 -22.26 -41.41 5.14
CA GLY A 284 -21.64 -41.30 3.83
C GLY A 284 -22.13 -42.36 2.86
N LEU A 285 -22.17 -43.61 3.33
CA LEU A 285 -22.63 -44.70 2.48
C LEU A 285 -24.08 -44.51 2.04
N VAL A 286 -24.96 -44.14 2.99
CA VAL A 286 -26.36 -44.02 2.64
C VAL A 286 -26.58 -42.84 1.70
N SER A 287 -25.83 -41.75 1.89
CA SER A 287 -25.94 -40.62 0.97
C SER A 287 -25.49 -41.03 -0.44
N SER A 288 -24.36 -41.74 -0.54
CA SER A 288 -23.90 -42.18 -1.85
C SER A 288 -24.93 -43.09 -2.52
N VAL A 289 -25.49 -44.02 -1.76
CA VAL A 289 -26.46 -44.95 -2.32
C VAL A 289 -27.70 -44.22 -2.81
N VAL A 290 -28.21 -43.27 -2.01
CA VAL A 290 -29.46 -42.60 -2.38
C VAL A 290 -29.23 -41.68 -3.58
N VAL A 291 -28.02 -41.14 -3.73
CA VAL A 291 -27.81 -40.21 -4.83
C VAL A 291 -27.40 -40.94 -6.11
N TYR A 292 -26.94 -42.19 -5.98
CA TYR A 292 -26.46 -42.98 -7.12
C TYR A 292 -27.46 -43.13 -8.28
N PRO A 293 -28.76 -43.39 -8.05
CA PRO A 293 -29.66 -43.63 -9.20
C PRO A 293 -29.78 -42.46 -10.18
N VAL A 294 -29.77 -41.22 -9.72
CA VAL A 294 -29.87 -40.10 -10.66
C VAL A 294 -28.64 -40.03 -11.53
N TYR A 295 -27.48 -40.38 -10.97
CA TYR A 295 -26.26 -40.50 -11.77
C TYR A 295 -26.41 -41.59 -12.82
N LEU A 296 -26.98 -42.74 -12.44
CA LEU A 296 -27.16 -43.79 -13.43
C LEU A 296 -28.15 -43.38 -14.51
N ALA A 297 -29.12 -42.53 -14.18
CA ALA A 297 -30.05 -42.04 -15.19
C ALA A 297 -29.36 -41.09 -16.16
N ILE A 298 -28.58 -40.13 -15.62
CA ILE A 298 -27.91 -39.16 -16.49
C ILE A 298 -26.83 -39.82 -17.32
N LEU A 299 -26.17 -40.86 -16.80
CA LEU A 299 -25.19 -41.60 -17.60
C LEU A 299 -25.88 -42.36 -18.72
N PHE A 300 -27.01 -43.01 -18.42
CA PHE A 300 -27.74 -43.72 -19.45
C PHE A 300 -28.21 -42.77 -20.55
N LEU A 301 -28.57 -41.55 -20.17
CA LEU A 301 -28.92 -40.56 -21.18
C LEU A 301 -27.70 -40.14 -21.99
N PHE A 302 -26.52 -40.17 -21.39
CA PHE A 302 -25.28 -39.91 -22.13
C PHE A 302 -24.93 -41.06 -23.06
N ARG A 303 -24.72 -42.25 -22.48
CA ARG A 303 -24.34 -43.42 -23.26
C ARG A 303 -25.48 -43.80 -24.20
N MET A 304 -25.13 -44.26 -25.41
CA MET A 304 -26.10 -44.66 -26.42
C MET A 304 -27.04 -43.50 -26.77
N SER A 305 -26.42 -42.41 -27.24
CA SER A 305 -27.16 -41.21 -27.62
C SER A 305 -26.98 -40.84 -29.08
N ARG A 306 -26.17 -41.56 -29.84
CA ARG A 306 -25.97 -41.26 -31.26
C ARG A 306 -25.56 -42.51 -32.03
N PRO A 509 -32.68 -42.13 -29.51
CA PRO A 509 -31.64 -41.18 -29.13
C PRO A 509 -30.89 -40.62 -30.33
N ALA A 510 -31.05 -39.33 -30.60
CA ALA A 510 -30.40 -38.68 -31.73
C ALA A 510 -29.39 -37.63 -31.28
N TRP A 511 -29.81 -36.67 -30.46
CA TRP A 511 -28.92 -35.60 -30.03
C TRP A 511 -29.11 -35.20 -28.57
N CYS A 512 -29.70 -36.06 -27.74
CA CYS A 512 -30.04 -35.71 -26.38
C CYS A 512 -28.82 -35.41 -25.51
N ALA A 513 -27.62 -35.80 -25.96
CA ALA A 513 -26.42 -35.57 -25.16
C ALA A 513 -26.22 -34.08 -24.90
N SER A 514 -26.39 -33.25 -25.93
CA SER A 514 -26.28 -31.81 -25.76
C SER A 514 -27.31 -31.25 -24.78
N LEU A 515 -28.42 -31.95 -24.55
CA LEU A 515 -29.34 -31.56 -23.50
C LEU A 515 -28.78 -31.89 -22.12
N ALA A 516 -28.16 -33.06 -21.99
CA ALA A 516 -27.73 -33.57 -20.69
C ALA A 516 -26.78 -32.61 -20.00
N HIS A 517 -25.83 -32.05 -20.74
CA HIS A 517 -24.92 -31.06 -20.19
C HIS A 517 -25.69 -29.96 -19.47
N GLY A 518 -26.70 -29.41 -20.15
CA GLY A 518 -27.52 -28.38 -19.55
C GLY A 518 -28.04 -28.81 -18.20
N LEU A 519 -28.63 -30.02 -18.15
CA LEU A 519 -29.13 -30.55 -16.88
C LEU A 519 -28.05 -30.50 -15.81
N SER A 520 -26.86 -31.02 -16.13
CA SER A 520 -25.77 -31.00 -15.16
C SER A 520 -25.49 -29.57 -14.71
N LEU A 521 -25.35 -28.65 -15.67
CA LEU A 521 -25.00 -27.28 -15.36
C LEU A 521 -26.06 -26.62 -14.50
N LEU A 522 -27.23 -27.23 -14.43
CA LEU A 522 -28.24 -26.84 -13.45
C LEU A 522 -28.06 -27.55 -12.12
N LEU A 523 -28.08 -28.89 -12.14
CA LEU A 523 -28.15 -29.65 -10.89
C LEU A 523 -27.01 -29.29 -9.94
N VAL A 524 -25.77 -29.34 -10.44
CA VAL A 524 -24.63 -29.04 -9.57
C VAL A 524 -24.80 -27.66 -8.95
N ALA A 525 -25.20 -26.68 -9.77
CA ALA A 525 -25.44 -25.33 -9.27
C ALA A 525 -26.45 -25.37 -8.14
N VAL A 526 -27.57 -26.03 -8.38
CA VAL A 526 -28.60 -26.17 -7.36
C VAL A 526 -27.99 -26.78 -6.11
N ALA A 527 -27.23 -27.87 -6.30
CA ALA A 527 -26.56 -28.49 -5.16
C ALA A 527 -25.70 -27.48 -4.43
N VAL A 528 -24.83 -26.78 -5.16
CA VAL A 528 -24.00 -25.76 -4.54
C VAL A 528 -24.90 -24.76 -3.82
N ALA A 529 -25.96 -24.33 -4.50
CA ALA A 529 -26.88 -23.37 -3.92
C ALA A 529 -27.40 -23.87 -2.58
N VAL A 530 -27.90 -25.11 -2.53
CA VAL A 530 -28.51 -25.55 -1.28
C VAL A 530 -27.46 -25.64 -0.20
N SER A 531 -26.23 -26.01 -0.57
CA SER A 531 -25.15 -26.00 0.40
C SER A 531 -24.97 -24.61 0.97
N GLY A 532 -24.84 -23.62 0.08
CA GLY A 532 -24.70 -22.23 0.50
C GLY A 532 -25.87 -21.72 1.31
N TRP A 533 -26.95 -22.49 1.40
CA TRP A 533 -28.10 -22.14 2.21
C TRP A 533 -28.16 -22.95 3.50
N VAL A 534 -27.71 -24.21 3.48
CA VAL A 534 -27.82 -25.03 4.67
C VAL A 534 -26.56 -24.98 5.50
N GLY A 535 -25.41 -24.74 4.86
CA GLY A 535 -24.15 -24.76 5.56
C GLY A 535 -23.85 -23.48 6.31
N ALA A 536 -24.63 -22.43 6.03
CA ALA A 536 -24.40 -21.14 6.68
C ALA A 536 -24.64 -21.18 8.18
N SER A 537 -25.36 -22.19 8.67
CA SER A 537 -25.73 -22.28 10.08
C SER A 537 -25.17 -23.53 10.76
N PHE A 538 -24.04 -24.05 10.28
CA PHE A 538 -23.40 -25.16 10.97
C PHE A 538 -22.87 -24.70 12.33
N PRO A 539 -23.04 -25.50 13.37
CA PRO A 539 -22.27 -25.29 14.60
C PRO A 539 -20.80 -25.50 14.33
N PRO A 540 -19.91 -24.89 15.11
CA PRO A 540 -18.50 -24.83 14.73
C PRO A 540 -17.76 -26.16 14.89
N GLY A 541 -18.48 -27.25 15.13
CA GLY A 541 -17.84 -28.53 15.31
C GLY A 541 -18.22 -29.58 14.29
N VAL A 542 -19.37 -29.40 13.63
CA VAL A 542 -19.86 -30.38 12.67
C VAL A 542 -19.28 -30.16 11.27
N SER A 543 -18.56 -29.05 11.06
CA SER A 543 -17.99 -28.79 9.75
C SER A 543 -16.95 -29.85 9.37
N VAL A 544 -16.13 -30.26 10.33
CA VAL A 544 -15.15 -31.32 10.07
C VAL A 544 -15.87 -32.66 9.83
N ALA A 545 -16.98 -32.88 10.54
CA ALA A 545 -17.76 -34.10 10.35
C ALA A 545 -18.32 -34.16 8.94
N TRP A 546 -18.79 -33.03 8.43
CA TRP A 546 -19.31 -32.98 7.07
C TRP A 546 -18.23 -33.29 6.04
N LEU A 547 -17.03 -32.74 6.24
CA LEU A 547 -15.92 -33.02 5.35
C LEU A 547 -15.55 -34.50 5.38
N LEU A 548 -15.50 -35.09 6.57
CA LEU A 548 -15.19 -36.51 6.68
C LEU A 548 -16.26 -37.36 6.01
N SER A 549 -17.53 -36.98 6.17
CA SER A 549 -18.62 -37.71 5.52
C SER A 549 -18.51 -37.62 4.01
N SER A 550 -18.21 -36.43 3.48
CA SER A 550 -18.07 -36.27 2.04
C SER A 550 -16.89 -37.09 1.51
N SER A 551 -15.77 -37.09 2.23
CA SER A 551 -14.62 -37.88 1.82
C SER A 551 -14.95 -39.36 1.82
N ALA A 552 -15.65 -39.83 2.85
CA ALA A 552 -16.03 -41.24 2.92
C ALA A 552 -16.99 -41.60 1.80
N SER A 553 -17.92 -40.69 1.48
CA SER A 553 -18.87 -40.92 0.39
C SER A 553 -18.13 -41.03 -0.95
N PHE A 554 -17.17 -40.15 -1.18
CA PHE A 554 -16.38 -40.22 -2.41
C PHE A 554 -15.57 -41.51 -2.48
N LEU A 555 -14.95 -41.90 -1.36
CA LEU A 555 -14.15 -43.12 -1.32
C LEU A 555 -15.00 -44.39 -1.43
N ALA A 556 -16.28 -44.31 -1.07
CA ALA A 556 -17.17 -45.47 -1.19
C ALA A 556 -17.51 -45.75 -2.64
N SER A 557 -17.88 -44.72 -3.39
CA SER A 557 -18.24 -44.88 -4.80
C SER A 557 -17.04 -45.09 -5.69
N PHE A 558 -15.86 -45.25 -5.09
CA PHE A 558 -14.63 -45.50 -5.83
C PHE A 558 -14.01 -46.84 -5.47
N LEU A 559 -14.52 -47.51 -4.45
CA LEU A 559 -13.95 -48.76 -3.95
C LEU A 559 -15.00 -49.86 -3.90
N GLY A 560 -15.74 -50.02 -4.99
CA GLY A 560 -16.66 -51.14 -5.09
C GLY A 560 -17.98 -50.88 -5.78
N TRP A 561 -18.53 -49.67 -5.67
CA TRP A 561 -19.80 -49.36 -6.31
C TRP A 561 -19.65 -49.36 -7.83
N GLU A 562 -18.68 -48.62 -8.36
CA GLU A 562 -18.41 -48.66 -9.78
C GLU A 562 -17.92 -50.02 -10.24
N PRO A 563 -17.01 -50.71 -9.53
CA PRO A 563 -16.72 -52.10 -9.89
C PRO A 563 -17.95 -53.00 -9.87
N LEU A 564 -18.87 -52.80 -8.93
CA LEU A 564 -20.11 -53.58 -8.94
C LEU A 564 -20.91 -53.29 -10.20
N LYS A 565 -20.97 -52.01 -10.60
CA LYS A 565 -21.72 -51.66 -11.81
C LYS A 565 -21.10 -52.29 -13.04
N VAL A 566 -19.77 -52.25 -13.15
CA VAL A 566 -19.13 -52.83 -14.33
C VAL A 566 -19.29 -54.35 -14.32
N LEU A 567 -19.25 -54.97 -13.14
CA LEU A 567 -19.46 -56.42 -13.06
C LEU A 567 -20.87 -56.80 -13.50
N LEU A 568 -21.88 -56.07 -13.02
CA LEU A 568 -23.25 -56.40 -13.40
C LEU A 568 -23.47 -56.15 -14.89
N GLU A 569 -22.85 -55.11 -15.43
CA GLU A 569 -22.93 -54.87 -16.87
C GLU A 569 -22.30 -56.00 -17.66
N ALA A 570 -21.15 -56.51 -17.19
CA ALA A 570 -20.50 -57.62 -17.87
C ALA A 570 -21.38 -58.87 -17.83
N LEU A 571 -21.98 -59.16 -16.67
CA LEU A 571 -22.89 -60.30 -16.59
C LEU A 571 -24.10 -60.13 -17.50
N TYR A 572 -24.65 -58.91 -17.56
CA TYR A 572 -25.81 -58.67 -18.42
C TYR A 572 -25.45 -58.87 -19.89
N PHE A 573 -24.29 -58.37 -20.30
CA PHE A 573 -23.84 -58.59 -21.68
C PHE A 573 -23.61 -60.06 -21.95
N SER A 574 -23.01 -60.79 -21.00
CA SER A 574 -22.71 -62.20 -21.22
C SER A 574 -23.95 -63.08 -21.17
N LEU A 575 -25.04 -62.61 -20.56
CA LEU A 575 -26.25 -63.41 -20.44
C LEU A 575 -27.41 -62.84 -21.26
N VAL A 576 -27.19 -61.73 -21.96
CA VAL A 576 -28.21 -61.18 -22.84
C VAL A 576 -27.59 -60.88 -24.20
N ALA A 577 -28.00 -61.64 -25.22
CA ALA A 577 -27.58 -61.50 -26.61
C ALA A 577 -26.14 -61.96 -26.83
N LYS A 578 -25.42 -62.22 -25.73
CA LYS A 578 -24.11 -62.87 -25.74
C LYS A 578 -23.24 -62.43 -26.91
N ARG A 579 -23.01 -61.12 -27.00
CA ARG A 579 -22.19 -60.59 -28.09
C ARG A 579 -20.76 -61.08 -27.96
N LEU A 580 -20.15 -61.38 -29.10
CA LEU A 580 -18.82 -61.99 -29.16
C LEU A 580 -17.70 -61.00 -29.42
N HIS A 581 -17.99 -59.70 -29.51
CA HIS A 581 -16.97 -58.70 -29.79
C HIS A 581 -17.34 -57.40 -29.08
N PRO A 582 -16.85 -57.20 -27.85
CA PRO A 582 -17.09 -55.97 -27.08
C PRO A 582 -16.52 -54.73 -27.75
N PHE A 613 8.74 -39.36 -37.94
CA PHE A 613 8.74 -38.25 -36.98
C PHE A 613 7.56 -37.34 -37.30
N LEU A 614 6.98 -37.54 -38.48
CA LEU A 614 5.87 -36.71 -38.95
C LEU A 614 4.66 -36.79 -38.02
N ALA A 615 4.09 -37.98 -37.87
CA ALA A 615 2.85 -38.18 -37.12
C ALA A 615 3.05 -39.10 -35.93
N LYS A 616 4.26 -39.13 -35.35
CA LYS A 616 4.52 -39.90 -34.15
C LYS A 616 5.10 -39.05 -33.02
N GLU A 617 5.11 -37.73 -33.16
CA GLU A 617 5.48 -36.84 -32.07
C GLU A 617 4.38 -36.71 -31.03
N GLU A 618 3.13 -37.02 -31.41
CA GLU A 618 1.99 -36.78 -30.54
C GLU A 618 2.03 -37.64 -29.29
N ALA A 619 2.82 -38.72 -29.29
CA ALA A 619 2.88 -39.60 -28.12
C ALA A 619 3.44 -38.86 -26.91
N ARG A 620 4.52 -38.11 -27.11
CA ARG A 620 5.07 -37.32 -26.01
C ARG A 620 4.12 -36.22 -25.58
N LYS A 621 3.36 -35.67 -26.53
CA LYS A 621 2.35 -34.66 -26.18
C LYS A 621 1.28 -35.26 -25.28
N VAL A 622 0.81 -36.46 -25.61
CA VAL A 622 -0.19 -37.12 -24.77
C VAL A 622 0.38 -37.45 -23.40
N LYS A 623 1.64 -37.90 -23.36
CA LYS A 623 2.27 -38.18 -22.08
C LYS A 623 2.36 -36.92 -21.22
N ARG A 624 2.76 -35.80 -21.83
CA ARG A 624 2.85 -34.54 -21.10
C ARG A 624 1.49 -34.10 -20.60
N LEU A 625 0.45 -34.24 -21.43
CA LEU A 625 -0.89 -33.86 -21.02
C LEU A 625 -1.37 -34.71 -19.86
N HIS A 626 -1.11 -36.03 -19.91
CA HIS A 626 -1.50 -36.89 -18.80
C HIS A 626 -0.75 -36.52 -17.52
N GLY A 627 0.53 -36.19 -17.63
CA GLY A 627 1.27 -35.77 -16.45
C GLY A 627 0.73 -34.49 -15.86
N MET A 628 0.41 -33.51 -16.72
CA MET A 628 -0.18 -32.27 -16.24
C MET A 628 -1.52 -32.52 -15.57
N LEU A 629 -2.36 -33.38 -16.16
CA LEU A 629 -3.64 -33.70 -15.57
C LEU A 629 -3.48 -34.37 -14.21
N ARG A 630 -2.52 -35.28 -14.07
CA ARG A 630 -2.30 -35.91 -12.78
C ARG A 630 -1.77 -34.94 -11.74
N SER A 631 -0.88 -34.03 -12.13
CA SER A 631 -0.33 -33.08 -11.16
C SER A 631 -1.36 -32.03 -10.74
N LEU A 632 -2.32 -31.75 -11.63
CA LEU A 632 -3.32 -30.73 -11.33
C LEU A 632 -4.18 -31.12 -10.13
N LEU A 633 -4.54 -32.40 -10.03
CA LEU A 633 -5.37 -32.85 -8.90
C LEU A 633 -4.63 -32.69 -7.58
N VAL A 634 -3.34 -33.04 -7.55
CA VAL A 634 -2.55 -32.86 -6.34
C VAL A 634 -2.44 -31.39 -6.00
N TYR A 635 -2.21 -30.55 -7.00
CA TYR A 635 -2.13 -29.11 -6.75
C TYR A 635 -3.43 -28.58 -6.15
N MET A 636 -4.57 -29.01 -6.71
CA MET A 636 -5.85 -28.53 -6.22
C MET A 636 -6.13 -29.01 -4.80
N LEU A 637 -5.78 -30.26 -4.50
CA LEU A 637 -5.98 -30.77 -3.15
C LEU A 637 -5.11 -30.02 -2.15
N PHE A 638 -3.85 -29.74 -2.51
CA PHE A 638 -2.97 -28.99 -1.63
C PHE A 638 -3.49 -27.56 -1.43
N LEU A 639 -3.99 -26.96 -2.50
CA LEU A 639 -4.59 -25.63 -2.40
C LEU A 639 -5.79 -25.64 -1.46
N LEU A 640 -6.64 -26.67 -1.58
CA LEU A 640 -7.81 -26.77 -0.71
C LEU A 640 -7.39 -26.90 0.75
N VAL A 641 -6.41 -27.75 1.03
CA VAL A 641 -6.04 -28.00 2.42
C VAL A 641 -5.37 -26.75 3.02
N THR A 642 -4.57 -26.03 2.22
CA THR A 642 -3.94 -24.83 2.77
C THR A 642 -4.95 -23.71 2.92
N LEU A 643 -5.94 -23.62 2.03
CA LEU A 643 -7.00 -22.64 2.18
C LEU A 643 -7.80 -22.90 3.45
N LEU A 644 -8.10 -24.17 3.73
CA LEU A 644 -8.75 -24.50 4.99
C LEU A 644 -7.87 -24.12 6.18
N ALA A 645 -6.60 -24.50 6.16
CA ALA A 645 -5.70 -24.20 7.27
C ALA A 645 -5.62 -22.70 7.52
N SER A 646 -5.72 -21.90 6.46
CA SER A 646 -5.65 -20.45 6.61
C SER A 646 -6.97 -19.86 7.09
N TYR A 647 -8.05 -20.09 6.36
CA TYR A 647 -9.31 -19.40 6.59
C TYR A 647 -10.41 -20.30 7.16
N GLY A 648 -10.06 -21.29 7.97
CA GLY A 648 -11.10 -22.08 8.62
C GLY A 648 -11.92 -21.27 9.60
N ASP A 649 -11.29 -20.37 10.34
CA ASP A 649 -11.96 -19.51 11.30
C ASP A 649 -11.85 -18.06 10.88
N ALA A 650 -12.02 -17.78 9.58
CA ALA A 650 -11.95 -16.40 9.10
C ALA A 650 -13.28 -15.70 9.33
N SER A 651 -13.82 -15.82 10.52
CA SER A 651 -14.98 -15.08 10.98
C SER A 651 -14.73 -14.37 12.30
N CYS A 652 -13.94 -14.99 13.19
CA CYS A 652 -13.46 -14.32 14.39
C CYS A 652 -12.14 -13.63 14.09
N HIS A 653 -12.11 -12.83 13.03
CA HIS A 653 -10.92 -12.07 12.65
C HIS A 653 -11.15 -10.57 12.76
N GLY A 654 -12.25 -10.07 12.22
CA GLY A 654 -12.62 -8.68 12.48
C GLY A 654 -12.95 -8.46 13.94
N HIS A 655 -13.56 -9.47 14.57
CA HIS A 655 -13.86 -9.39 16.00
C HIS A 655 -12.58 -9.22 16.82
N ALA A 656 -11.50 -9.88 16.39
CA ALA A 656 -10.22 -9.73 17.09
C ALA A 656 -9.72 -8.30 17.01
N TYR A 657 -9.80 -7.70 15.83
CA TYR A 657 -9.38 -6.31 15.68
C TYR A 657 -10.23 -5.38 16.53
N ARG A 658 -11.55 -5.58 16.52
CA ARG A 658 -12.42 -4.73 17.32
C ARG A 658 -12.12 -4.88 18.81
N LEU A 659 -11.89 -6.12 19.26
CA LEU A 659 -11.59 -6.36 20.67
C LEU A 659 -10.28 -5.71 21.07
N GLN A 660 -9.24 -5.85 20.25
CA GLN A 660 -7.96 -5.25 20.59
C GLN A 660 -8.04 -3.73 20.58
N SER A 661 -8.78 -3.16 19.63
CA SER A 661 -8.95 -1.71 19.59
C SER A 661 -9.69 -1.23 20.84
N ALA A 662 -10.74 -1.94 21.24
CA ALA A 662 -11.49 -1.56 22.42
C ALA A 662 -10.62 -1.63 23.67
N ILE A 663 -9.84 -2.70 23.82
CA ILE A 663 -8.97 -2.84 24.98
C ILE A 663 -7.93 -1.72 25.00
N LYS A 664 -7.35 -1.41 23.85
CA LYS A 664 -6.37 -0.33 23.78
C LYS A 664 -7.01 1.01 24.13
N GLN A 665 -8.26 1.20 23.72
CA GLN A 665 -8.93 2.48 23.97
C GLN A 665 -9.26 2.66 25.44
N GLU A 666 -9.84 1.62 26.08
CA GLU A 666 -10.27 1.81 27.46
C GLU A 666 -9.13 1.73 28.46
N LEU A 667 -7.93 1.37 28.04
CA LEU A 667 -6.74 1.42 28.89
C LEU A 667 -6.05 2.77 28.81
N HIS A 668 -6.55 3.69 27.99
CA HIS A 668 -5.92 4.98 27.73
C HIS A 668 -4.47 4.78 27.28
N SER A 669 -4.32 4.13 26.13
CA SER A 669 -3.00 3.82 25.59
C SER A 669 -2.22 5.09 25.29
N ARG A 670 -2.90 6.13 24.82
CA ARG A 670 -2.24 7.40 24.53
C ARG A 670 -1.67 8.00 25.80
N ALA A 671 -2.42 7.94 26.90
CA ALA A 671 -1.93 8.47 28.17
C ALA A 671 -0.75 7.66 28.71
N PHE A 672 -0.65 6.38 28.36
CA PHE A 672 0.45 5.53 28.79
C PHE A 672 1.70 5.71 27.94
N LEU A 673 1.54 5.90 26.64
CA LEU A 673 2.66 6.06 25.73
C LEU A 673 3.29 7.44 25.78
N ALA A 674 2.95 8.28 26.75
CA ALA A 674 3.48 9.64 26.83
C ALA A 674 3.94 9.94 28.26
N ILE A 675 4.58 8.97 28.90
CA ILE A 675 5.14 9.13 30.23
C ILE A 675 6.63 8.83 30.16
N THR A 676 7.44 9.66 30.82
CA THR A 676 8.90 9.53 30.79
C THR A 676 9.47 9.29 32.19
N ARG A 677 9.04 10.05 33.18
CA ARG A 677 9.55 9.86 34.53
C ARG A 677 8.96 8.59 35.15
N SER A 678 9.69 8.03 36.12
CA SER A 678 9.31 6.80 36.79
C SER A 678 8.48 7.05 38.04
N GLU A 679 7.76 8.17 38.09
CA GLU A 679 6.97 8.52 39.26
C GLU A 679 5.48 8.59 38.96
N GLU A 680 5.09 9.05 37.77
CA GLU A 680 3.67 9.13 37.42
C GLU A 680 3.08 7.77 37.12
N LEU A 681 3.90 6.71 37.06
CA LEU A 681 3.39 5.37 36.83
C LEU A 681 2.45 4.95 37.94
N TRP A 682 2.79 5.26 39.18
CA TRP A 682 1.91 4.92 40.30
C TRP A 682 0.56 5.64 40.22
N PRO A 683 0.49 6.97 40.01
CA PRO A 683 -0.82 7.59 39.79
C PRO A 683 -1.56 7.02 38.58
N TRP A 684 -0.84 6.71 37.50
CA TRP A 684 -1.49 6.12 36.33
C TRP A 684 -2.18 4.81 36.69
N MET A 685 -1.45 3.91 37.35
CA MET A 685 -2.02 2.62 37.72
C MET A 685 -3.18 2.81 38.70
N ALA A 686 -3.00 3.70 39.68
CA ALA A 686 -4.02 3.89 40.70
C ALA A 686 -5.28 4.57 40.14
N HIS A 687 -5.17 5.29 39.02
CA HIS A 687 -6.30 6.04 38.49
C HIS A 687 -7.01 5.34 37.35
N VAL A 688 -6.29 4.73 36.41
CA VAL A 688 -6.97 4.18 35.24
C VAL A 688 -7.01 2.65 35.24
N LEU A 689 -5.97 1.99 35.76
CA LEU A 689 -5.87 0.54 35.60
C LEU A 689 -6.70 -0.20 36.65
N LEU A 690 -6.48 0.12 37.93
CA LEU A 690 -7.26 -0.53 39.01
C LEU A 690 -8.76 -0.37 38.86
N PRO A 691 -9.31 0.81 38.52
CA PRO A 691 -10.75 0.86 38.22
C PRO A 691 -11.14 0.02 37.01
N TYR A 692 -10.21 -0.21 36.09
CA TYR A 692 -10.52 -1.05 34.93
C TYR A 692 -10.58 -2.53 35.31
N VAL A 693 -9.67 -2.98 36.18
CA VAL A 693 -9.66 -4.38 36.59
C VAL A 693 -10.87 -4.74 37.43
N HIS A 694 -11.27 -3.89 38.37
CA HIS A 694 -12.37 -4.17 39.28
C HIS A 694 -13.60 -3.34 38.88
N GLY A 695 -14.65 -3.44 39.68
CA GLY A 695 -15.87 -2.70 39.42
C GLY A 695 -17.12 -3.54 39.59
N ASN A 696 -18.26 -3.02 39.15
CA ASN A 696 -19.50 -3.78 39.21
C ASN A 696 -19.42 -5.05 38.38
N GLN A 697 -19.30 -4.89 37.06
CA GLN A 697 -19.03 -6.01 36.15
C GLN A 697 -17.69 -5.81 35.44
N SER A 698 -17.54 -4.71 34.72
CA SER A 698 -16.26 -4.16 34.27
C SER A 698 -15.34 -5.22 33.65
N SER A 699 -15.76 -5.74 32.49
CA SER A 699 -14.86 -6.47 31.60
C SER A 699 -14.21 -7.67 32.26
N PRO A 700 -14.95 -8.78 32.45
CA PRO A 700 -14.41 -9.95 33.17
C PRO A 700 -13.00 -10.32 32.73
N GLU A 701 -12.12 -10.58 33.70
CA GLU A 701 -10.69 -10.60 33.47
C GLU A 701 -10.13 -12.00 33.25
N LEU A 702 -10.49 -12.97 34.10
CA LEU A 702 -9.93 -14.32 34.07
C LEU A 702 -8.43 -14.27 34.36
N GLY A 703 -8.07 -13.83 35.56
CA GLY A 703 -6.69 -13.86 35.98
C GLY A 703 -6.21 -12.57 36.64
N PRO A 704 -5.55 -12.70 37.79
CA PRO A 704 -4.98 -11.52 38.46
C PRO A 704 -3.73 -11.04 37.75
N PRO A 705 -3.28 -9.81 38.02
CA PRO A 705 -2.10 -9.28 37.36
C PRO A 705 -0.80 -9.66 38.06
N ARG A 706 0.31 -9.24 37.45
CA ARG A 706 1.65 -9.54 37.95
C ARG A 706 2.59 -8.39 37.64
N LEU A 707 3.67 -8.31 38.41
CA LEU A 707 4.64 -7.22 38.30
C LEU A 707 6.07 -7.75 38.34
N ARG A 708 6.38 -8.76 37.52
CA ARG A 708 7.74 -9.29 37.47
C ARG A 708 8.71 -8.20 37.04
N GLN A 709 9.88 -8.18 37.69
CA GLN A 709 10.74 -7.01 37.62
C GLN A 709 12.21 -7.42 37.73
N VAL A 710 13.07 -6.74 36.96
CA VAL A 710 14.50 -7.02 36.92
C VAL A 710 15.27 -5.82 37.46
N ARG A 711 16.48 -6.08 37.97
CA ARG A 711 17.25 -5.07 38.69
C ARG A 711 18.62 -4.80 38.06
N LEU A 712 19.30 -5.84 37.63
CA LEU A 712 20.62 -5.71 37.00
C LEU A 712 21.78 -5.77 37.99
N GLN A 713 21.68 -4.99 39.07
CA GLN A 713 22.72 -4.91 40.10
C GLN A 713 23.93 -4.08 39.69
N GLU A 714 23.84 -3.29 38.61
CA GLU A 714 25.00 -2.63 38.01
C GLU A 714 24.75 -1.12 37.92
N ALA A 715 24.47 -0.51 39.07
CA ALA A 715 23.83 0.80 39.20
C ALA A 715 24.17 1.81 38.12
N LEU A 716 23.11 2.37 37.52
CA LEU A 716 23.24 3.33 36.43
C LEU A 716 23.48 4.74 36.96
N TYR A 717 24.00 5.61 36.10
CA TYR A 717 24.21 7.02 36.44
C TYR A 717 23.53 7.87 35.38
N PRO A 718 22.97 9.01 35.76
CA PRO A 718 22.29 9.85 34.76
C PRO A 718 23.24 10.36 33.70
N ASP A 719 22.73 10.44 32.47
CA ASP A 719 23.48 10.96 31.34
C ASP A 719 23.61 12.48 31.48
N PRO A 720 24.54 13.13 30.78
CA PRO A 720 24.61 14.59 30.82
C PRO A 720 23.32 15.20 30.30
N PRO A 721 23.08 16.49 30.53
CA PRO A 721 21.78 17.08 30.19
C PRO A 721 21.41 16.84 28.74
N GLY A 722 20.13 16.53 28.53
CA GLY A 722 19.66 16.04 27.25
C GLY A 722 19.01 14.68 27.42
N PRO A 723 17.92 14.44 26.69
CA PRO A 723 17.17 13.18 26.86
C PRO A 723 18.02 11.94 26.61
N ARG A 724 18.60 11.85 25.41
CA ARG A 724 19.42 10.70 25.04
C ARG A 724 20.33 11.12 23.90
N VAL A 725 21.60 10.70 23.98
CA VAL A 725 22.56 11.05 22.95
C VAL A 725 22.47 10.17 21.72
N HIS A 726 22.74 8.86 21.84
CA HIS A 726 22.49 7.96 20.73
C HIS A 726 21.47 6.89 21.09
N THR A 727 21.79 6.07 22.11
CA THR A 727 20.95 4.96 22.56
C THR A 727 21.24 4.65 24.03
N CYS A 728 20.59 3.61 24.55
CA CYS A 728 20.93 3.13 25.88
C CYS A 728 22.16 2.24 25.81
N SER A 729 22.87 2.14 26.93
CA SER A 729 24.12 1.39 27.00
C SER A 729 24.41 1.07 28.46
N ALA A 730 25.65 0.64 28.73
CA ALA A 730 26.13 0.30 30.07
C ALA A 730 25.35 -0.86 30.68
N ALA A 731 25.03 -1.87 29.87
CA ALA A 731 24.37 -3.06 30.38
C ALA A 731 25.37 -3.92 31.16
N GLY A 732 24.83 -4.86 31.93
CA GLY A 732 25.65 -5.75 32.72
C GLY A 732 25.00 -7.09 32.98
N GLY A 733 25.32 -7.69 34.13
CA GLY A 733 24.76 -8.97 34.51
C GLY A 733 23.55 -8.78 35.39
N PHE A 734 22.42 -9.36 34.96
CA PHE A 734 21.15 -9.20 35.66
C PHE A 734 21.25 -9.84 37.04
N SER A 735 20.72 -9.15 38.05
CA SER A 735 20.77 -9.65 39.42
C SER A 735 19.93 -10.90 39.55
N THR A 736 20.36 -11.79 40.45
CA THR A 736 19.66 -13.06 40.65
C THR A 736 19.57 -13.43 42.13
N SER A 737 20.07 -12.58 43.02
CA SER A 737 20.09 -12.90 44.44
C SER A 737 18.73 -12.57 45.08
N ASP A 738 18.61 -12.81 46.37
CA ASP A 738 17.39 -12.54 47.12
C ASP A 738 17.55 -11.25 47.93
N TYR A 739 16.42 -10.64 48.26
CA TYR A 739 16.41 -9.35 48.94
C TYR A 739 15.31 -9.38 49.99
N ASP A 740 15.05 -8.21 50.60
CA ASP A 740 14.08 -8.09 51.66
C ASP A 740 13.25 -6.83 51.43
N VAL A 741 12.38 -6.51 52.40
CA VAL A 741 11.61 -5.28 52.38
C VAL A 741 12.61 -4.11 52.29
N GLY A 742 12.26 -3.09 51.51
CA GLY A 742 13.27 -2.14 51.12
C GLY A 742 14.14 -2.78 50.06
N TRP A 743 15.37 -3.16 50.43
CA TRP A 743 16.22 -3.95 49.56
C TRP A 743 17.08 -4.86 50.43
N GLU A 744 18.20 -5.32 49.86
CA GLU A 744 18.98 -6.44 50.38
C GLU A 744 19.19 -6.38 51.88
N SER A 745 18.64 -7.37 52.59
CA SER A 745 18.92 -7.62 54.00
C SER A 745 18.47 -9.02 54.41
N PRO A 746 19.04 -10.08 53.84
CA PRO A 746 18.66 -11.44 54.29
C PRO A 746 19.24 -11.76 55.65
N HIS A 747 18.40 -11.81 56.68
CA HIS A 747 18.86 -11.97 58.06
C HIS A 747 18.58 -13.37 58.60
N ASN A 748 17.32 -13.82 58.54
CA ASN A 748 16.94 -15.07 59.19
C ASN A 748 16.91 -16.25 58.22
N GLY A 749 16.10 -16.15 57.17
CA GLY A 749 15.93 -17.25 56.22
C GLY A 749 15.75 -16.75 54.82
N SER A 750 14.76 -17.28 54.12
CA SER A 750 14.50 -16.90 52.74
C SER A 750 14.06 -15.44 52.67
N GLY A 751 14.56 -14.73 51.65
CA GLY A 751 14.21 -13.35 51.45
C GLY A 751 12.73 -13.15 51.14
N THR A 752 12.17 -12.03 51.59
CA THR A 752 10.76 -11.74 51.34
C THR A 752 10.47 -11.51 49.87
N TRP A 753 11.49 -11.14 49.08
CA TRP A 753 11.34 -10.91 47.64
C TRP A 753 12.25 -11.91 46.92
N ALA A 754 11.72 -13.09 46.64
CA ALA A 754 12.49 -14.14 45.99
C ALA A 754 12.62 -13.84 44.50
N TYR A 755 13.56 -14.52 43.85
CA TYR A 755 13.87 -14.27 42.45
C TYR A 755 12.82 -14.81 41.49
N SER A 756 12.13 -15.89 41.84
CA SER A 756 11.09 -16.49 41.00
C SER A 756 11.64 -16.84 39.62
N ALA A 757 12.53 -17.85 39.62
CA ALA A 757 13.28 -18.32 38.47
C ALA A 757 12.42 -18.40 37.21
N PRO A 758 12.96 -18.02 36.05
CA PRO A 758 12.14 -17.98 34.84
C PRO A 758 11.76 -19.36 34.34
N ASP A 759 10.56 -19.44 33.75
CA ASP A 759 10.15 -20.64 33.05
C ASP A 759 10.77 -20.67 31.66
N LEU A 760 10.95 -21.88 31.12
CA LEU A 760 11.54 -22.02 29.79
C LEU A 760 10.52 -21.83 28.68
N LEU A 761 9.23 -21.66 29.01
CA LEU A 761 8.19 -21.45 28.03
C LEU A 761 7.53 -20.11 28.29
N GLY A 762 7.69 -19.17 27.35
CA GLY A 762 7.13 -17.84 27.48
C GLY A 762 8.19 -16.84 27.89
N ALA A 763 8.75 -16.12 26.93
CA ALA A 763 9.85 -15.20 27.17
C ALA A 763 10.04 -14.34 25.93
N TRP A 764 11.14 -13.59 25.90
CA TRP A 764 11.62 -12.90 24.71
C TRP A 764 10.65 -11.80 24.27
N SER A 765 10.41 -10.82 25.15
CA SER A 765 9.57 -9.68 24.79
C SER A 765 10.23 -8.83 23.70
N TRP A 766 11.56 -8.86 23.63
CA TRP A 766 12.34 -8.12 22.63
C TRP A 766 12.05 -6.61 22.73
N GLY A 767 12.47 -6.05 23.86
CA GLY A 767 12.40 -4.61 24.08
C GLY A 767 13.38 -3.85 23.22
N SER A 768 13.76 -2.67 23.70
CA SER A 768 14.66 -1.79 22.95
C SER A 768 16.13 -2.06 23.29
N CYS A 769 16.47 -2.03 24.58
CA CYS A 769 17.87 -2.17 24.99
C CYS A 769 18.41 -3.57 24.82
N ALA A 770 17.60 -4.61 25.03
CA ALA A 770 18.07 -5.99 24.95
C ALA A 770 16.86 -6.88 24.71
N VAL A 771 17.09 -8.19 24.75
CA VAL A 771 16.04 -9.19 24.62
C VAL A 771 15.80 -9.74 26.03
N TYR A 772 14.57 -9.59 26.52
CA TYR A 772 14.26 -9.86 27.92
C TYR A 772 13.72 -11.28 28.06
N ASP A 773 13.42 -11.69 29.29
CA ASP A 773 12.89 -13.02 29.55
C ASP A 773 11.85 -12.93 30.66
N SER A 774 11.31 -14.09 31.05
CA SER A 774 10.25 -14.17 32.04
C SER A 774 10.77 -14.31 33.46
N GLY A 775 12.00 -13.87 33.73
CA GLY A 775 12.53 -13.94 35.07
C GLY A 775 12.58 -12.59 35.74
N GLY A 776 12.36 -12.56 37.04
CA GLY A 776 12.39 -11.33 37.80
C GLY A 776 11.52 -11.42 39.03
N TYR A 777 11.52 -10.33 39.79
CA TYR A 777 10.82 -10.27 41.07
C TYR A 777 9.38 -9.82 40.85
N VAL A 778 8.43 -10.60 41.35
CA VAL A 778 7.03 -10.48 40.98
C VAL A 778 6.24 -9.88 42.13
N GLN A 779 5.07 -9.34 41.79
CA GLN A 779 4.09 -8.86 42.75
C GLN A 779 2.70 -9.25 42.29
N GLU A 780 1.89 -9.78 43.22
CA GLU A 780 0.59 -10.33 42.83
C GLU A 780 -0.46 -9.23 42.65
N LEU A 781 -0.24 -8.06 43.26
CA LEU A 781 -1.13 -6.91 43.12
C LEU A 781 -2.55 -7.20 43.63
N GLY A 782 -2.65 -8.04 44.65
CA GLY A 782 -3.90 -8.23 45.38
C GLY A 782 -5.06 -8.78 44.58
N LEU A 783 -6.25 -8.82 45.20
CA LEU A 783 -7.45 -9.32 44.56
C LEU A 783 -8.50 -8.24 44.40
N SER A 784 -8.90 -7.56 45.47
CA SER A 784 -9.91 -6.51 45.40
C SER A 784 -9.25 -5.14 45.38
N LEU A 785 -10.05 -4.12 45.08
CA LEU A 785 -9.51 -2.79 44.82
C LEU A 785 -8.80 -2.20 46.03
N GLU A 786 -9.41 -2.29 47.22
CA GLU A 786 -8.87 -1.63 48.40
C GLU A 786 -7.53 -2.23 48.82
N GLU A 787 -7.47 -3.56 48.97
CA GLU A 787 -6.24 -4.21 49.40
C GLU A 787 -5.14 -4.04 48.36
N SER A 788 -5.50 -4.15 47.07
CA SER A 788 -4.52 -3.98 46.01
C SER A 788 -3.94 -2.57 46.01
N ARG A 789 -4.81 -1.57 46.17
CA ARG A 789 -4.34 -0.18 46.22
C ARG A 789 -3.44 0.05 47.44
N ASP A 790 -3.83 -0.49 48.59
CA ASP A 790 -3.03 -0.33 49.80
C ASP A 790 -1.65 -0.98 49.64
N ARG A 791 -1.61 -2.18 49.06
CA ARG A 791 -0.34 -2.87 48.86
C ARG A 791 0.51 -2.13 47.83
N LEU A 792 -0.14 -1.57 46.80
CA LEU A 792 0.57 -0.79 45.80
C LEU A 792 1.27 0.40 46.45
N ARG A 793 0.54 1.15 47.28
CA ARG A 793 1.14 2.28 47.97
C ARG A 793 2.23 1.81 48.94
N PHE A 794 2.00 0.69 49.63
CA PHE A 794 2.97 0.15 50.57
C PHE A 794 4.29 -0.14 49.88
N LEU A 795 4.24 -0.83 48.74
CA LEU A 795 5.47 -1.12 48.01
C LEU A 795 6.03 0.11 47.31
N GLN A 796 5.19 1.11 47.01
CA GLN A 796 5.69 2.34 46.43
C GLN A 796 6.54 3.14 47.41
N LEU A 797 6.10 3.26 48.67
CA LEU A 797 6.84 4.10 49.61
C LEU A 797 8.09 3.40 50.11
N HIS A 798 8.10 2.07 50.13
CA HIS A 798 9.28 1.33 50.56
C HIS A 798 10.32 1.13 49.46
N ASN A 799 10.31 1.97 48.41
CA ASN A 799 11.38 2.01 47.43
C ASN A 799 11.49 0.70 46.63
N TRP A 800 10.35 0.15 46.22
CA TRP A 800 10.40 -1.04 45.38
C TRP A 800 10.83 -0.71 43.96
N LEU A 801 10.38 0.43 43.42
CA LEU A 801 10.74 0.85 42.06
C LEU A 801 11.24 2.29 42.14
N ASP A 802 12.50 2.45 42.55
CA ASP A 802 13.28 3.67 42.30
C ASP A 802 14.72 3.38 41.91
N ASN A 803 15.23 2.18 42.18
CA ASN A 803 16.61 1.82 41.89
C ASN A 803 16.77 1.47 40.41
N ARG A 804 17.86 0.78 40.08
CA ARG A 804 18.21 0.45 38.70
C ARG A 804 17.00 0.01 37.89
N SER A 805 16.43 -1.14 38.26
CA SER A 805 15.07 -1.53 37.88
C SER A 805 14.81 -1.33 36.38
N ARG A 806 15.52 -2.13 35.57
CA ARG A 806 15.51 -1.96 34.12
C ARG A 806 14.09 -1.92 33.52
N ALA A 807 13.24 -2.86 33.91
CA ALA A 807 11.90 -2.95 33.35
C ALA A 807 10.88 -3.11 34.48
N VAL A 808 9.59 -3.04 34.12
CA VAL A 808 8.50 -3.13 35.08
C VAL A 808 7.58 -4.31 34.78
N PHE A 809 7.23 -4.50 33.51
CA PHE A 809 6.52 -5.69 33.03
C PHE A 809 5.18 -5.89 33.76
N LEU A 810 4.25 -4.99 33.48
CA LEU A 810 2.87 -5.15 33.89
C LEU A 810 2.10 -5.82 32.76
N GLU A 811 1.47 -6.96 33.07
CA GLU A 811 0.76 -7.74 32.05
C GLU A 811 -0.18 -8.71 32.76
N LEU A 812 -1.46 -8.65 32.45
CA LEU A 812 -2.40 -9.51 33.17
C LEU A 812 -3.22 -10.53 32.37
N THR A 813 -4.17 -10.05 31.59
CA THR A 813 -5.07 -10.96 30.87
C THR A 813 -6.20 -10.23 30.15
N ARG A 814 -7.01 -10.97 29.39
CA ARG A 814 -8.35 -10.55 28.98
C ARG A 814 -9.07 -11.70 28.30
N TYR A 815 -10.40 -11.77 28.43
CA TYR A 815 -11.17 -12.83 27.77
C TYR A 815 -12.59 -12.34 27.53
N SER A 816 -13.07 -12.46 26.29
CA SER A 816 -14.41 -12.00 25.93
C SER A 816 -15.31 -13.20 25.65
N PRO A 817 -16.27 -13.50 26.53
CA PRO A 817 -17.11 -14.70 26.30
C PRO A 817 -18.03 -14.56 25.10
N ALA A 818 -18.42 -13.33 24.74
CA ALA A 818 -19.39 -13.13 23.65
C ALA A 818 -18.86 -13.66 22.32
N VAL A 819 -17.59 -13.36 22.02
CA VAL A 819 -16.99 -13.85 20.79
C VAL A 819 -16.21 -15.15 20.99
N GLY A 820 -15.67 -15.38 22.18
CA GLY A 820 -14.86 -16.54 22.44
C GLY A 820 -13.42 -16.33 22.04
N LEU A 821 -12.84 -15.20 22.48
CA LEU A 821 -11.47 -14.86 22.18
C LEU A 821 -10.78 -14.38 23.45
N HIS A 822 -9.55 -14.85 23.65
CA HIS A 822 -8.71 -14.34 24.73
C HIS A 822 -7.77 -13.29 24.17
N ALA A 823 -7.17 -12.52 25.07
CA ALA A 823 -6.25 -11.45 24.70
C ALA A 823 -5.16 -11.34 25.74
N ALA A 824 -3.91 -11.40 25.29
CA ALA A 824 -2.76 -11.20 26.15
C ALA A 824 -2.37 -9.73 26.08
N VAL A 825 -2.41 -9.06 27.22
CA VAL A 825 -2.09 -7.64 27.33
C VAL A 825 -0.78 -7.49 28.09
N THR A 826 0.15 -6.74 27.52
CA THR A 826 1.45 -6.55 28.13
C THR A 826 1.83 -5.08 28.06
N LEU A 827 2.19 -4.51 29.22
CA LEU A 827 2.63 -3.13 29.33
C LEU A 827 4.09 -3.13 29.74
N ARG A 828 4.89 -2.23 29.15
CA ARG A 828 6.32 -2.23 29.38
C ARG A 828 6.85 -0.81 29.47
N LEU A 829 7.47 -0.48 30.59
CA LEU A 829 8.25 0.74 30.74
C LEU A 829 9.71 0.35 30.86
N GLU A 830 10.55 0.97 30.05
CA GLU A 830 11.96 0.66 29.98
C GLU A 830 12.80 1.88 30.33
N PHE A 831 13.97 1.66 30.92
CA PHE A 831 14.79 2.73 31.45
C PHE A 831 16.13 2.76 30.73
N PRO A 832 16.24 3.51 29.62
CA PRO A 832 17.55 3.72 29.01
C PRO A 832 18.53 4.43 29.94
N ALA A 833 18.05 5.29 30.84
CA ALA A 833 18.88 5.97 31.81
C ALA A 833 18.07 6.29 33.06
N ALA A 834 18.75 6.54 34.18
CA ALA A 834 18.07 6.83 35.42
C ALA A 834 17.30 8.14 35.33
N GLY A 835 15.98 8.07 35.26
CA GLY A 835 15.15 9.26 35.18
C GLY A 835 14.21 9.27 33.99
N ARG A 836 14.61 8.63 32.90
CA ARG A 836 13.80 8.61 31.69
C ARG A 836 13.33 7.19 31.37
N ALA A 837 12.18 7.10 30.72
CA ALA A 837 11.58 5.81 30.39
C ALA A 837 11.10 5.83 28.94
N LEU A 838 10.66 4.66 28.49
CA LEU A 838 10.08 4.46 27.18
C LEU A 838 8.94 3.45 27.33
N ALA A 839 7.79 3.77 26.77
CA ALA A 839 6.58 2.99 26.96
C ALA A 839 6.25 2.18 25.71
N ALA A 840 5.75 0.97 25.94
CA ALA A 840 5.33 0.11 24.84
C ALA A 840 4.30 -0.88 25.35
N LEU A 841 3.19 -1.01 24.62
CA LEU A 841 2.13 -1.93 24.99
C LEU A 841 1.83 -2.86 23.82
N SER A 842 1.36 -4.05 24.16
CA SER A 842 1.03 -5.03 23.14
C SER A 842 -0.21 -5.80 23.59
N VAL A 843 -1.24 -5.79 22.74
CA VAL A 843 -2.47 -6.53 22.97
C VAL A 843 -2.62 -7.53 21.84
N ARG A 844 -2.44 -8.81 22.15
CA ARG A 844 -2.50 -9.87 21.15
C ARG A 844 -3.75 -10.71 21.36
N PRO A 845 -4.72 -10.68 20.45
CA PRO A 845 -5.89 -11.54 20.58
C PRO A 845 -5.68 -12.88 19.90
N PHE A 846 -6.31 -13.91 20.47
CA PHE A 846 -6.18 -15.27 19.96
C PHE A 846 -7.39 -16.08 20.41
N ALA A 847 -7.47 -17.31 19.91
CA ALA A 847 -8.52 -18.24 20.26
C ALA A 847 -7.87 -19.44 20.94
N LEU A 848 -8.23 -19.67 22.21
CA LEU A 848 -7.65 -20.78 22.98
C LEU A 848 -8.37 -22.05 22.58
N ARG A 849 -7.75 -22.82 21.69
CA ARG A 849 -8.27 -24.10 21.24
C ARG A 849 -7.31 -25.20 21.69
N ARG A 850 -7.77 -26.03 22.62
CA ARG A 850 -6.91 -27.05 23.21
C ARG A 850 -6.76 -28.23 22.27
N LEU A 851 -5.70 -29.00 22.50
CA LEU A 851 -5.46 -30.21 21.72
C LEU A 851 -6.42 -31.34 22.12
N SER A 852 -6.79 -31.40 23.39
CA SER A 852 -7.68 -32.44 23.89
C SER A 852 -9.15 -32.14 23.60
N ALA A 853 -9.44 -31.12 22.79
CA ALA A 853 -10.82 -30.78 22.45
C ALA A 853 -11.42 -31.69 21.39
N GLY A 854 -10.67 -32.70 20.92
CA GLY A 854 -11.18 -33.62 19.93
C GLY A 854 -10.42 -33.56 18.61
N LEU A 855 -11.15 -33.42 17.52
CA LEU A 855 -10.56 -33.40 16.19
C LEU A 855 -10.86 -32.08 15.49
N SER A 856 -10.61 -30.97 16.17
CA SER A 856 -10.86 -29.65 15.61
C SER A 856 -10.16 -29.49 14.27
N LEU A 857 -10.70 -28.59 13.45
CA LEU A 857 -10.19 -28.38 12.09
C LEU A 857 -8.70 -28.09 12.02
N PRO A 858 -8.11 -27.24 12.87
CA PRO A 858 -6.66 -27.02 12.77
C PRO A 858 -5.84 -28.30 12.92
N LEU A 859 -6.26 -29.21 13.80
CA LEU A 859 -5.54 -30.47 13.96
C LEU A 859 -5.62 -31.30 12.68
N LEU A 860 -6.81 -31.36 12.06
CA LEU A 860 -6.96 -32.12 10.83
C LEU A 860 -6.11 -31.53 9.71
N THR A 861 -6.11 -30.19 9.59
CA THR A 861 -5.26 -29.57 8.57
C THR A 861 -3.78 -29.81 8.84
N SER A 862 -3.37 -29.77 10.11
CA SER A 862 -1.98 -30.03 10.44
C SER A 862 -1.56 -31.46 10.11
N VAL A 863 -2.41 -32.44 10.41
CA VAL A 863 -2.07 -33.82 10.09
C VAL A 863 -2.19 -34.11 8.60
N CYS A 864 -2.98 -33.33 7.85
CA CYS A 864 -3.00 -33.47 6.40
C CYS A 864 -1.80 -32.83 5.73
N LEU A 865 -1.31 -31.70 6.24
CA LEU A 865 -0.15 -31.05 5.64
C LEU A 865 1.12 -31.88 5.82
N LEU A 866 1.22 -32.60 6.92
CA LEU A 866 2.38 -33.46 7.14
C LEU A 866 2.43 -34.57 6.09
N LEU A 867 1.26 -35.11 5.72
CA LEU A 867 1.22 -36.13 4.68
C LEU A 867 1.73 -35.58 3.36
N PHE A 868 1.33 -34.35 3.01
CA PHE A 868 1.81 -33.74 1.78
C PHE A 868 3.32 -33.50 1.83
N ALA A 869 3.83 -33.06 2.99
CA ALA A 869 5.27 -32.86 3.12
C ALA A 869 6.02 -34.18 2.94
N VAL A 870 5.51 -35.26 3.53
CA VAL A 870 6.12 -36.57 3.39
C VAL A 870 6.07 -37.02 1.93
N HIS A 871 4.94 -36.76 1.26
CA HIS A 871 4.83 -37.13 -0.15
C HIS A 871 5.85 -36.39 -1.00
N PHE A 872 6.02 -35.09 -0.75
CA PHE A 872 7.01 -34.33 -1.52
C PHE A 872 8.43 -34.81 -1.23
N ALA A 873 8.73 -35.14 0.02
CA ALA A 873 10.05 -35.67 0.35
C ALA A 873 10.30 -37.00 -0.36
N VAL A 874 9.30 -37.88 -0.36
CA VAL A 874 9.45 -39.17 -1.03
C VAL A 874 9.64 -38.97 -2.53
N ALA A 875 8.82 -38.11 -3.13
CA ALA A 875 8.95 -37.83 -4.56
C ALA A 875 10.30 -37.20 -4.89
N GLU A 876 10.88 -36.44 -3.97
CA GLU A 876 12.20 -35.87 -4.20
C GLU A 876 13.31 -36.91 -4.07
N ALA A 877 13.22 -37.78 -3.07
CA ALA A 877 14.24 -38.81 -2.88
C ALA A 877 14.19 -39.85 -4.00
N ARG A 878 13.01 -40.15 -4.53
CA ARG A 878 12.87 -41.12 -5.61
C ARG A 878 13.57 -40.66 -6.89
N THR A 879 13.71 -39.36 -7.10
CA THR A 879 14.51 -38.83 -8.18
C THR A 879 15.97 -38.63 -7.79
N TRP A 880 16.21 -38.25 -6.53
CA TRP A 880 17.58 -38.12 -6.03
C TRP A 880 18.36 -39.41 -6.22
N HIS A 881 17.80 -40.53 -5.77
CA HIS A 881 18.47 -41.82 -5.88
C HIS A 881 18.39 -42.41 -7.28
N ARG A 882 17.42 -41.97 -8.09
CA ARG A 882 17.34 -42.45 -9.46
C ARG A 882 18.45 -41.83 -10.31
N GLU A 883 18.63 -40.51 -10.21
CA GLU A 883 19.72 -39.86 -10.91
C GLU A 883 21.06 -40.05 -10.20
N GLY A 884 21.03 -40.42 -8.92
CA GLY A 884 22.24 -40.52 -8.13
C GLY A 884 22.61 -39.19 -7.51
N ARG A 885 23.75 -39.18 -6.84
CA ARG A 885 24.24 -37.96 -6.21
C ARG A 885 24.65 -36.95 -7.28
N TRP A 886 25.12 -35.79 -6.82
CA TRP A 886 25.49 -34.63 -7.63
C TRP A 886 24.29 -34.08 -8.39
N ARG A 887 23.07 -34.31 -7.91
CA ARG A 887 21.90 -33.60 -8.43
C ARG A 887 21.82 -32.18 -7.87
N VAL A 888 22.72 -31.82 -6.95
CA VAL A 888 22.83 -30.45 -6.51
C VAL A 888 23.25 -29.56 -7.68
N LEU A 889 23.20 -28.25 -7.45
CA LEU A 889 23.42 -27.19 -8.44
C LEU A 889 22.20 -27.02 -9.33
N ARG A 890 21.05 -27.56 -8.93
CA ARG A 890 19.80 -27.41 -9.66
C ARG A 890 18.81 -26.67 -8.78
N LEU A 891 18.19 -25.63 -9.33
CA LEU A 891 17.29 -24.79 -8.55
C LEU A 891 16.07 -25.58 -8.06
N GLY A 892 15.64 -26.56 -8.84
CA GLY A 892 14.47 -27.35 -8.49
C GLY A 892 14.59 -28.10 -7.19
N ALA A 893 15.76 -28.71 -6.95
CA ALA A 893 15.97 -29.43 -5.71
C ALA A 893 15.92 -28.49 -4.51
N TRP A 894 16.55 -27.32 -4.61
CA TRP A 894 16.51 -26.37 -3.51
C TRP A 894 15.09 -25.88 -3.27
N ALA A 895 14.34 -25.60 -4.34
CA ALA A 895 12.96 -25.15 -4.19
C ALA A 895 12.10 -26.22 -3.51
N ARG A 896 12.28 -27.47 -3.91
CA ARG A 896 11.50 -28.55 -3.29
C ARG A 896 11.86 -28.71 -1.81
N TRP A 897 13.15 -28.67 -1.49
CA TRP A 897 13.58 -28.84 -0.11
C TRP A 897 13.25 -27.63 0.76
N LEU A 898 13.01 -26.46 0.16
CA LEU A 898 12.51 -25.34 0.94
C LEU A 898 11.00 -25.39 1.13
N LEU A 899 10.26 -25.84 0.11
CA LEU A 899 8.82 -26.01 0.25
C LEU A 899 8.48 -27.05 1.30
N VAL A 900 9.21 -28.18 1.28
CA VAL A 900 8.98 -29.22 2.28
C VAL A 900 9.24 -28.68 3.68
N ALA A 901 10.34 -27.94 3.84
CA ALA A 901 10.67 -27.36 5.14
C ALA A 901 9.59 -26.39 5.60
N LEU A 902 9.08 -25.56 4.69
CA LEU A 902 8.05 -24.59 5.06
C LEU A 902 6.77 -25.30 5.51
N THR A 903 6.35 -26.32 4.76
CA THR A 903 5.14 -27.06 5.13
C THR A 903 5.30 -27.75 6.48
N ALA A 904 6.44 -28.41 6.68
CA ALA A 904 6.68 -29.09 7.95
C ALA A 904 6.72 -28.10 9.10
N ALA A 905 7.35 -26.94 8.90
CA ALA A 905 7.39 -25.92 9.94
C ALA A 905 6.00 -25.42 10.28
N THR A 906 5.17 -25.18 9.26
CA THR A 906 3.80 -24.74 9.52
C THR A 906 3.05 -25.76 10.37
N ALA A 907 3.10 -27.03 9.96
CA ALA A 907 2.38 -28.06 10.69
C ALA A 907 2.89 -28.19 12.13
N LEU A 908 4.21 -28.19 12.30
CA LEU A 908 4.78 -28.36 13.63
C LEU A 908 4.46 -27.17 14.53
N VAL A 909 4.50 -25.95 13.99
CA VAL A 909 4.18 -24.78 14.81
C VAL A 909 2.71 -24.80 15.23
N ARG A 910 1.81 -25.17 14.31
CA ARG A 910 0.41 -25.25 14.70
C ARG A 910 0.18 -26.30 15.78
N LEU A 911 0.82 -27.47 15.63
CA LEU A 911 0.67 -28.52 16.63
C LEU A 911 1.25 -28.09 17.97
N ALA A 912 2.39 -27.40 17.95
CA ALA A 912 2.99 -26.91 19.19
C ALA A 912 2.09 -25.89 19.87
N GLN A 913 1.45 -25.02 19.10
CA GLN A 913 0.49 -24.08 19.67
C GLN A 913 -0.67 -24.81 20.31
N LEU A 914 -1.19 -25.84 19.63
CA LEU A 914 -2.29 -26.61 20.18
C LEU A 914 -1.90 -27.28 21.49
N GLY A 915 -0.69 -27.85 21.56
CA GLY A 915 -0.23 -28.46 22.80
C GLY A 915 -0.01 -27.47 23.92
N ALA A 916 0.60 -26.32 23.59
CA ALA A 916 0.89 -25.31 24.60
C ALA A 916 -0.39 -24.73 25.19
N ALA A 917 -1.41 -24.55 24.36
CA ALA A 917 -2.68 -24.04 24.87
C ALA A 917 -3.25 -24.98 25.92
N ASP A 918 -3.25 -26.29 25.65
CA ASP A 918 -3.76 -27.25 26.61
C ASP A 918 -2.91 -27.26 27.88
N ARG A 919 -1.59 -27.21 27.73
CA ARG A 919 -0.71 -27.20 28.89
C ARG A 919 -1.01 -26.01 29.80
N GLN A 920 -1.05 -24.82 29.21
CA GLN A 920 -1.31 -23.61 29.99
C GLN A 920 -2.69 -23.65 30.63
N TRP A 921 -3.70 -24.13 29.89
CA TRP A 921 -5.04 -24.17 30.45
C TRP A 921 -5.13 -25.12 31.64
N THR A 922 -4.50 -26.29 31.54
CA THR A 922 -4.48 -27.21 32.66
C THR A 922 -3.76 -26.60 33.85
N ARG A 923 -2.61 -25.96 33.61
CA ARG A 923 -1.88 -25.32 34.69
C ARG A 923 -2.74 -24.25 35.37
N PHE A 924 -3.49 -23.50 34.58
CA PHE A 924 -4.37 -22.48 35.15
C PHE A 924 -5.46 -23.12 36.00
N VAL A 925 -6.29 -23.98 35.39
CA VAL A 925 -7.41 -24.58 36.11
C VAL A 925 -6.95 -25.32 37.35
N ARG A 926 -5.67 -25.71 37.39
CA ARG A 926 -5.13 -26.33 38.61
C ARG A 926 -5.19 -25.37 39.79
N GLY A 927 -4.71 -24.13 39.61
CA GLY A 927 -4.59 -23.21 40.72
C GLY A 927 -5.13 -21.81 40.50
N ARG A 928 -6.21 -21.68 39.73
CA ARG A 928 -6.88 -20.43 39.38
C ARG A 928 -6.87 -19.34 40.46
N PRO A 929 -7.25 -19.65 41.74
CA PRO A 929 -7.39 -18.56 42.73
C PRO A 929 -6.24 -17.56 42.81
N ARG A 930 -5.00 -18.02 42.99
CA ARG A 930 -3.87 -17.11 43.14
C ARG A 930 -2.69 -17.51 42.27
N ARG A 931 -2.95 -17.81 40.99
CA ARG A 931 -1.89 -18.00 40.00
C ARG A 931 -2.07 -17.02 38.85
N PHE A 932 -1.04 -16.94 38.00
CA PHE A 932 -1.05 -16.05 36.84
C PHE A 932 -1.06 -16.82 35.53
N THR A 933 -0.10 -17.73 35.33
CA THR A 933 0.01 -18.72 34.27
C THR A 933 0.41 -18.14 32.90
N SER A 934 0.47 -16.81 32.74
CA SER A 934 1.12 -16.18 31.59
C SER A 934 0.79 -16.79 30.24
N PHE A 935 -0.46 -16.65 29.79
CA PHE A 935 -0.87 -17.24 28.51
C PHE A 935 -0.14 -16.67 27.31
N ASP A 936 0.71 -15.66 27.50
CA ASP A 936 1.30 -14.89 26.41
C ASP A 936 1.96 -15.74 25.34
N GLN A 937 2.71 -16.77 25.75
CA GLN A 937 3.39 -17.62 24.78
C GLN A 937 2.43 -18.20 23.75
N VAL A 938 1.26 -18.64 24.20
CA VAL A 938 0.26 -19.17 23.26
C VAL A 938 -0.06 -18.12 22.21
N ALA A 939 -0.32 -16.88 22.66
CA ALA A 939 -0.62 -15.80 21.73
C ALA A 939 0.50 -15.60 20.72
N GLN A 940 1.75 -15.87 21.13
CA GLN A 940 2.86 -15.82 20.18
C GLN A 940 2.71 -16.90 19.11
N LEU A 941 2.54 -18.15 19.55
CA LEU A 941 2.55 -19.27 18.61
C LEU A 941 1.38 -19.17 17.65
N SER A 942 0.20 -18.85 18.18
CA SER A 942 -0.98 -18.67 17.32
C SER A 942 -0.72 -17.62 16.26
N SER A 943 0.09 -16.61 16.59
CA SER A 943 0.48 -15.65 15.56
C SER A 943 1.39 -16.31 14.52
N ALA A 944 2.44 -16.99 14.98
CA ALA A 944 3.42 -17.57 14.05
C ALA A 944 2.76 -18.60 13.16
N ALA A 945 1.98 -19.52 13.75
CA ALA A 945 1.27 -20.52 12.98
C ALA A 945 0.30 -19.90 11.99
N ARG A 946 -0.13 -18.66 12.21
CA ARG A 946 -0.96 -17.97 11.24
C ARG A 946 -0.16 -17.21 10.19
N GLY A 947 1.06 -16.79 10.52
CA GLY A 947 1.92 -16.13 9.54
C GLY A 947 2.44 -17.11 8.51
N LEU A 948 3.02 -18.21 8.98
CA LEU A 948 3.65 -19.19 8.09
C LEU A 948 2.70 -19.66 7.01
N ALA A 949 1.51 -20.12 7.41
CA ALA A 949 0.51 -20.55 6.44
C ALA A 949 0.19 -19.43 5.47
N ALA A 950 0.06 -18.20 5.99
CA ALA A 950 -0.22 -17.06 5.13
C ALA A 950 0.85 -16.89 4.06
N SER A 951 2.10 -17.24 4.39
CA SER A 951 3.15 -17.21 3.37
C SER A 951 3.02 -18.40 2.43
N LEU A 952 2.72 -19.58 2.97
CA LEU A 952 2.68 -20.79 2.15
C LEU A 952 1.66 -20.64 1.03
N LEU A 953 0.43 -20.28 1.38
CA LEU A 953 -0.60 -20.03 0.38
C LEU A 953 -0.09 -19.06 -0.68
N PHE A 954 0.60 -18.01 -0.23
CA PHE A 954 1.16 -17.02 -1.15
C PHE A 954 1.97 -17.70 -2.24
N LEU A 955 2.89 -18.59 -1.86
CA LEU A 955 3.70 -19.29 -2.84
C LEU A 955 2.81 -19.99 -3.86
N LEU A 956 1.81 -20.73 -3.37
CA LEU A 956 0.90 -21.43 -4.27
C LEU A 956 0.29 -20.47 -5.27
N LEU A 957 -0.18 -19.32 -4.79
CA LEU A 957 -0.80 -18.35 -5.67
C LEU A 957 0.20 -17.89 -6.73
N VAL A 958 1.45 -17.64 -6.32
CA VAL A 958 2.47 -17.24 -7.28
C VAL A 958 2.63 -18.32 -8.34
N LYS A 959 2.62 -19.58 -7.91
CA LYS A 959 2.71 -20.69 -8.86
C LYS A 959 1.56 -20.65 -9.84
N ALA A 960 0.36 -20.33 -9.34
CA ALA A 960 -0.81 -20.25 -10.22
C ALA A 960 -0.62 -19.19 -11.30
N ALA A 961 0.22 -18.19 -11.06
CA ALA A 961 0.53 -17.23 -12.11
C ALA A 961 1.44 -17.84 -13.16
N GLN A 962 2.49 -18.55 -12.71
CA GLN A 962 3.48 -19.06 -13.65
C GLN A 962 2.87 -20.07 -14.61
N GLN A 963 2.05 -20.98 -14.09
CA GLN A 963 1.40 -21.97 -14.93
C GLN A 963 0.39 -21.36 -15.88
N LEU A 964 0.25 -20.03 -15.87
CA LEU A 964 -0.49 -19.34 -16.91
C LEU A 964 0.24 -19.37 -18.25
N ARG A 965 1.50 -19.81 -18.28
CA ARG A 965 2.26 -19.82 -19.51
C ARG A 965 1.75 -20.85 -20.52
N PHE A 966 0.82 -21.72 -20.12
CA PHE A 966 0.29 -22.73 -21.03
C PHE A 966 -0.76 -22.12 -21.96
N VAL A 967 -0.41 -21.00 -22.56
CA VAL A 967 -1.16 -20.35 -23.63
C VAL A 967 -0.15 -19.85 -24.63
N ARG A 968 -0.38 -20.12 -25.92
CA ARG A 968 0.61 -19.78 -26.93
C ARG A 968 0.86 -18.27 -27.00
N GLN A 969 -0.18 -17.46 -26.80
CA GLN A 969 -0.02 -16.02 -26.87
C GLN A 969 0.67 -15.47 -25.62
N TRP A 970 0.37 -16.02 -24.45
CA TRP A 970 0.86 -15.48 -23.19
C TRP A 970 2.15 -16.12 -22.71
N SER A 971 2.75 -17.02 -23.49
CA SER A 971 3.97 -17.66 -23.05
C SER A 971 5.17 -16.72 -23.07
N VAL A 972 5.01 -15.53 -23.66
CA VAL A 972 6.15 -14.63 -23.82
C VAL A 972 6.36 -13.78 -22.57
N PHE A 973 5.32 -13.61 -21.75
CA PHE A 973 5.43 -12.75 -20.58
C PHE A 973 6.35 -13.31 -19.52
N GLY A 974 6.60 -14.62 -19.55
CA GLY A 974 7.54 -15.22 -18.64
C GLY A 974 8.94 -15.26 -19.24
N LYS A 975 9.01 -15.50 -20.54
CA LYS A 975 10.31 -15.56 -21.22
C LYS A 975 10.99 -14.20 -21.20
N THR A 976 10.25 -13.12 -21.44
CA THR A 976 10.84 -11.79 -21.44
C THR A 976 11.24 -11.32 -20.06
N LEU A 977 10.82 -12.00 -19.01
CA LEU A 977 11.21 -11.65 -17.65
C LEU A 977 12.32 -12.54 -17.13
N CYS A 978 12.35 -13.79 -17.55
CA CYS A 978 13.47 -14.68 -17.22
C CYS A 978 14.71 -14.39 -18.05
N ARG A 979 14.57 -13.73 -19.19
CA ARG A 979 15.71 -13.45 -20.05
C ARG A 979 16.45 -12.19 -19.62
N ALA A 980 15.75 -11.24 -19.01
CA ALA A 980 16.32 -9.94 -18.66
C ALA A 980 16.75 -9.87 -17.21
N LEU A 981 16.79 -11.00 -16.50
CA LEU A 981 17.14 -11.03 -15.09
C LEU A 981 18.56 -10.51 -14.83
N PRO A 982 19.60 -10.94 -15.60
CA PRO A 982 20.95 -10.41 -15.35
C PRO A 982 21.03 -8.89 -15.44
N GLU A 983 20.34 -8.30 -16.41
CA GLU A 983 20.35 -6.85 -16.55
C GLU A 983 19.71 -6.16 -15.35
N LEU A 984 18.58 -6.69 -14.88
CA LEU A 984 17.92 -6.11 -13.73
C LEU A 984 18.79 -6.21 -12.49
N LEU A 985 19.46 -7.36 -12.31
CA LEU A 985 20.36 -7.50 -11.17
C LEU A 985 21.54 -6.56 -11.28
N GLY A 986 22.06 -6.34 -12.49
CA GLY A 986 23.13 -5.38 -12.67
C GLY A 986 22.72 -3.96 -12.34
N VAL A 987 21.51 -3.59 -12.76
CA VAL A 987 20.99 -2.26 -12.45
C VAL A 987 20.79 -2.11 -10.94
N THR A 988 20.28 -3.14 -10.28
CA THR A 988 20.13 -3.09 -8.82
C THR A 988 21.49 -3.00 -8.14
N LEU A 989 22.49 -3.69 -8.69
CA LEU A 989 23.86 -3.60 -8.17
C LEU A 989 24.38 -2.18 -8.28
N GLY A 990 24.14 -1.53 -9.41
CA GLY A 990 24.52 -0.15 -9.57
C GLY A 990 23.84 0.72 -8.53
N LEU A 991 22.55 0.49 -8.33
CA LEU A 991 21.80 1.22 -7.31
C LEU A 991 22.44 1.08 -5.94
N VAL A 992 22.74 -0.15 -5.54
CA VAL A 992 23.22 -0.38 -4.18
C VAL A 992 24.63 0.15 -4.00
N VAL A 993 25.47 0.06 -5.04
CA VAL A 993 26.84 0.57 -4.91
C VAL A 993 26.83 2.10 -4.83
N LEU A 994 25.96 2.75 -5.63
CA LEU A 994 25.84 4.20 -5.49
C LEU A 994 25.26 4.58 -4.13
N GLY A 995 24.35 3.77 -3.61
CA GLY A 995 23.80 4.03 -2.29
C GLY A 995 24.81 3.92 -1.17
N VAL A 996 25.68 2.91 -1.22
CA VAL A 996 26.71 2.79 -0.20
C VAL A 996 27.78 3.87 -0.38
N ALA A 997 28.04 4.27 -1.63
CA ALA A 997 28.94 5.39 -1.86
C ALA A 997 28.37 6.68 -1.27
N TYR A 998 27.06 6.87 -1.39
CA TYR A 998 26.41 8.05 -0.84
C TYR A 998 26.65 8.21 0.65
N ALA A 999 26.83 7.11 1.37
CA ALA A 999 27.11 7.17 2.80
C ALA A 999 28.60 7.05 3.12
N GLN A 1000 29.42 6.59 2.18
CA GLN A 1000 30.85 6.44 2.48
C GLN A 1000 31.58 7.77 2.53
N LEU A 1001 31.04 8.82 1.91
CA LEU A 1001 31.64 10.15 2.02
C LEU A 1001 31.37 10.82 3.36
N ALA A 1002 30.46 10.29 4.16
CA ALA A 1002 30.13 10.89 5.45
C ALA A 1002 31.20 10.58 6.48
N TRP A 1049 15.14 10.55 -0.45
CA TRP A 1049 15.80 11.02 -1.66
C TRP A 1049 16.75 9.92 -2.16
N ALA A 1050 17.60 10.24 -3.13
CA ALA A 1050 18.54 9.30 -3.72
C ALA A 1050 17.81 8.14 -4.38
N LEU A 1051 17.25 7.24 -3.57
CA LEU A 1051 16.49 6.11 -4.11
C LEU A 1051 15.31 6.60 -4.95
N ARG A 1052 14.67 7.69 -4.53
CA ARG A 1052 13.52 8.21 -5.25
C ARG A 1052 13.91 8.66 -6.66
N LEU A 1053 14.95 9.50 -6.77
CA LEU A 1053 15.35 10.01 -8.07
C LEU A 1053 15.84 8.87 -8.97
N TRP A 1054 16.63 7.95 -8.41
CA TRP A 1054 17.14 6.84 -9.19
C TRP A 1054 16.02 5.95 -9.70
N GLY A 1055 15.03 5.68 -8.85
CA GLY A 1055 13.87 4.91 -9.27
C GLY A 1055 12.95 5.62 -10.23
N ALA A 1056 12.98 6.96 -10.24
CA ALA A 1056 12.20 7.74 -11.19
C ALA A 1056 12.72 7.61 -12.62
N LEU A 1057 13.88 7.00 -12.82
CA LEU A 1057 14.43 6.79 -14.15
C LEU A 1057 13.66 5.76 -14.96
N ARG A 1058 12.86 4.91 -14.31
CA ARG A 1058 12.15 3.82 -14.97
C ARG A 1058 13.12 2.99 -15.82
N LEU A 1059 14.26 2.65 -15.19
CA LEU A 1059 15.35 2.02 -15.93
C LEU A 1059 14.96 0.64 -16.44
N GLY A 1060 14.28 -0.15 -15.62
CA GLY A 1060 13.91 -1.51 -16.01
C GLY A 1060 12.99 -1.56 -17.22
N ALA A 1061 12.30 -0.45 -17.47
CA ALA A 1061 11.33 -0.40 -18.56
C ALA A 1061 12.01 -0.61 -19.91
N VAL A 1062 13.17 0.00 -20.11
CA VAL A 1062 13.82 -0.07 -21.41
C VAL A 1062 14.35 -1.48 -21.66
N ILE A 1063 14.91 -2.11 -20.63
CA ILE A 1063 15.39 -3.48 -20.75
C ILE A 1063 14.23 -4.41 -21.08
N LEU A 1064 13.11 -4.24 -20.35
CA LEU A 1064 11.95 -5.09 -20.58
C LEU A 1064 11.41 -4.89 -21.99
N ARG A 1065 11.38 -3.64 -22.46
CA ARG A 1065 10.89 -3.34 -23.80
C ARG A 1065 11.76 -3.99 -24.87
N TRP A 1066 13.08 -3.87 -24.72
CA TRP A 1066 14.00 -4.46 -25.68
C TRP A 1066 13.87 -5.98 -25.71
N ARG A 1067 13.80 -6.60 -24.54
CA ARG A 1067 13.68 -8.04 -24.47
C ARG A 1067 12.36 -8.51 -25.08
N TYR A 1068 11.28 -7.77 -24.81
CA TYR A 1068 9.98 -8.11 -25.38
C TYR A 1068 10.01 -8.02 -26.90
N HIS A 1069 10.62 -6.96 -27.43
CA HIS A 1069 10.71 -6.80 -28.87
C HIS A 1069 11.51 -7.94 -29.49
N ALA A 1070 12.64 -8.29 -28.88
CA ALA A 1070 13.46 -9.37 -29.40
C ALA A 1070 12.73 -10.70 -29.37
N LEU A 1071 12.04 -10.99 -28.25
CA LEU A 1071 11.32 -12.26 -28.14
C LEU A 1071 10.18 -12.34 -29.15
N ARG A 1072 9.44 -11.24 -29.33
CA ARG A 1072 8.36 -11.24 -30.32
C ARG A 1072 8.92 -11.43 -31.73
N GLY A 1073 10.04 -10.80 -32.03
CA GLY A 1073 10.66 -10.99 -33.33
C GLY A 1073 11.14 -12.42 -33.54
N GLU A 1074 11.62 -13.06 -32.47
CA GLU A 1074 12.12 -14.43 -32.55
C GLU A 1074 10.97 -15.45 -32.42
N LEU A 1075 9.73 -14.98 -32.28
CA LEU A 1075 8.58 -15.87 -32.18
C LEU A 1075 8.00 -16.19 -33.55
N TYR A 1076 8.50 -15.55 -34.60
CA TYR A 1076 8.03 -15.81 -35.96
C TYR A 1076 9.19 -15.88 -36.93
N LYS B 254 -21.15 3.64 -49.40
CA LYS B 254 -21.93 4.42 -48.45
C LYS B 254 -21.03 4.85 -47.30
N TYR B 255 -21.35 4.37 -46.09
CA TYR B 255 -20.54 4.53 -44.89
C TYR B 255 -20.53 5.98 -44.41
N LEU B 256 -21.16 6.89 -45.15
CA LEU B 256 -21.27 8.28 -44.75
C LEU B 256 -22.72 8.73 -44.61
N LYS B 257 -23.56 8.47 -45.61
CA LYS B 257 -24.96 8.88 -45.53
C LYS B 257 -25.74 8.03 -44.56
N SER B 258 -25.19 6.89 -44.13
CA SER B 258 -25.84 6.03 -43.15
C SER B 258 -25.42 6.39 -41.72
N VAL B 259 -24.19 6.89 -41.55
CA VAL B 259 -23.65 7.18 -40.24
C VAL B 259 -24.12 8.54 -39.75
N LEU B 260 -24.44 9.45 -40.68
CA LEU B 260 -24.79 10.82 -40.29
C LEU B 260 -26.05 10.83 -39.43
N ARG B 261 -27.07 10.06 -39.82
CA ARG B 261 -28.24 9.92 -38.97
C ARG B 261 -27.88 9.20 -37.68
N GLU B 262 -27.09 8.13 -37.79
CA GLU B 262 -26.70 7.36 -36.62
C GLU B 262 -25.86 8.17 -35.65
N LEU B 263 -25.24 9.26 -36.13
CA LEU B 263 -24.47 10.15 -35.26
C LEU B 263 -25.33 11.24 -34.64
N VAL B 264 -26.24 11.85 -35.42
CA VAL B 264 -27.08 12.91 -34.86
C VAL B 264 -28.05 12.33 -33.83
N THR B 265 -28.55 11.11 -34.07
CA THR B 265 -29.42 10.49 -33.07
C THR B 265 -28.69 10.28 -31.75
N TYR B 266 -27.38 10.01 -31.81
CA TYR B 266 -26.60 9.87 -30.59
C TYR B 266 -26.32 11.22 -29.95
N LEU B 267 -26.07 12.25 -30.76
CA LEU B 267 -25.81 13.57 -30.22
C LEU B 267 -27.02 14.13 -29.50
N LEU B 268 -28.22 13.96 -30.07
CA LEU B 268 -29.43 14.40 -29.38
C LEU B 268 -29.62 13.65 -28.06
N PHE B 269 -29.34 12.35 -28.06
CA PHE B 269 -29.41 11.55 -26.84
C PHE B 269 -28.47 12.11 -25.78
N LEU B 270 -27.24 12.42 -26.19
CA LEU B 270 -26.26 12.97 -25.26
C LEU B 270 -26.71 14.31 -24.71
N ILE B 271 -27.28 15.16 -25.58
CA ILE B 271 -27.77 16.47 -25.14
C ILE B 271 -28.87 16.31 -24.10
N VAL B 272 -29.82 15.40 -24.36
CA VAL B 272 -30.91 15.18 -23.41
C VAL B 272 -30.38 14.66 -22.08
N LEU B 273 -29.45 13.71 -22.14
CA LEU B 273 -28.89 13.16 -20.91
C LEU B 273 -28.15 14.24 -20.12
N CYS B 274 -27.41 15.09 -20.82
CA CYS B 274 -26.70 16.18 -20.15
C CYS B 274 -27.68 17.16 -19.50
N ILE B 275 -28.80 17.43 -20.18
CA ILE B 275 -29.82 18.30 -19.60
C ILE B 275 -30.36 17.68 -18.30
N LEU B 276 -30.63 16.37 -18.33
CA LEU B 276 -31.11 15.70 -17.12
C LEU B 276 -30.09 15.80 -15.99
N THR B 277 -28.82 15.52 -16.30
CA THR B 277 -27.78 15.52 -15.27
C THR B 277 -27.62 16.90 -14.67
N TYR B 278 -27.63 17.95 -15.50
CA TYR B 278 -27.58 19.30 -14.99
C TYR B 278 -28.84 19.63 -14.19
N GLY B 279 -29.96 19.00 -14.54
CA GLY B 279 -31.20 19.28 -13.85
C GLY B 279 -31.23 18.74 -12.43
N MET B 280 -30.91 17.46 -12.25
CA MET B 280 -31.07 16.87 -10.92
C MET B 280 -30.05 17.44 -9.93
N MET B 281 -28.82 17.68 -10.38
CA MET B 281 -27.76 18.17 -9.49
C MET B 281 -27.67 19.68 -9.62
N SER B 282 -28.14 20.39 -8.61
CA SER B 282 -28.01 21.83 -8.55
C SER B 282 -26.81 22.20 -7.68
N SER B 283 -26.65 23.49 -7.40
CA SER B 283 -25.56 23.98 -6.55
C SER B 283 -26.07 24.43 -5.19
N ASN B 284 -27.35 24.25 -4.91
CA ASN B 284 -27.92 24.62 -3.63
C ASN B 284 -27.99 23.47 -2.63
N VAL B 285 -27.94 22.23 -3.11
CA VAL B 285 -27.96 21.08 -2.22
C VAL B 285 -26.69 21.04 -1.37
N TYR B 286 -25.56 21.47 -1.93
CA TYR B 286 -24.29 21.35 -1.24
C TYR B 286 -24.28 22.14 0.07
N TYR B 287 -24.63 23.43 0.00
CA TYR B 287 -24.58 24.25 1.20
C TYR B 287 -25.68 23.84 2.18
N TYR B 288 -26.85 23.47 1.66
CA TYR B 288 -27.91 22.92 2.50
C TYR B 288 -27.38 21.79 3.36
N THR B 289 -26.86 20.74 2.73
CA THR B 289 -26.36 19.59 3.47
C THR B 289 -25.16 19.96 4.33
N ARG B 290 -24.36 20.92 3.88
CA ARG B 290 -23.16 21.29 4.63
C ARG B 290 -23.51 21.93 5.97
N MET B 291 -24.41 22.91 5.96
CA MET B 291 -24.84 23.51 7.22
C MET B 291 -25.61 22.49 8.06
N MET B 292 -26.43 21.67 7.42
CA MET B 292 -27.19 20.68 8.18
C MET B 292 -26.26 19.70 8.90
N SER B 293 -25.17 19.31 8.25
CA SER B 293 -24.22 18.39 8.85
C SER B 293 -23.41 19.09 9.94
N GLN B 294 -22.92 20.30 9.66
CA GLN B 294 -22.09 21.01 10.63
C GLN B 294 -22.88 21.36 11.89
N LEU B 295 -24.21 21.47 11.77
CA LEU B 295 -25.02 21.80 12.94
C LEU B 295 -24.99 20.68 13.98
N PHE B 296 -24.94 19.42 13.54
CA PHE B 296 -25.04 18.29 14.45
C PHE B 296 -23.72 17.57 14.68
N LEU B 297 -22.83 17.53 13.69
CA LEU B 297 -21.63 16.71 13.77
C LEU B 297 -20.41 17.48 14.28
N ASP B 298 -20.27 18.75 13.91
CA ASP B 298 -19.07 19.52 14.22
C ASP B 298 -19.23 20.38 15.47
N THR B 299 -20.22 20.14 16.30
CA THR B 299 -20.40 20.90 17.53
C THR B 299 -20.20 20.00 18.74
N PRO B 300 -19.47 20.46 19.76
CA PRO B 300 -19.27 19.62 20.94
C PRO B 300 -20.57 19.38 21.69
N VAL B 301 -20.62 18.24 22.40
CA VAL B 301 -21.82 17.88 23.14
C VAL B 301 -22.13 18.93 24.20
N SER B 302 -21.09 19.46 24.85
CA SER B 302 -21.24 20.52 25.83
C SER B 302 -20.01 21.43 25.75
N LYS B 303 -20.17 22.66 26.23
CA LYS B 303 -19.11 23.65 26.14
C LYS B 303 -17.90 23.30 26.99
N THR B 304 -18.03 22.38 27.94
CA THR B 304 -16.93 22.02 28.83
C THR B 304 -16.06 20.88 28.30
N GLU B 305 -16.41 20.31 27.15
CA GLU B 305 -15.60 19.27 26.52
C GLU B 305 -15.48 19.57 25.04
N LYS B 306 -14.78 18.70 24.32
CA LYS B 306 -14.58 18.85 22.88
C LYS B 306 -14.87 17.55 22.14
N THR B 307 -15.74 16.71 22.69
CA THR B 307 -16.12 15.45 22.06
C THR B 307 -17.46 15.64 21.36
N ASN B 308 -17.42 15.66 20.03
CA ASN B 308 -18.63 15.79 19.22
C ASN B 308 -19.19 14.41 18.91
N PHE B 309 -20.35 14.39 18.24
CA PHE B 309 -20.98 13.14 17.85
C PHE B 309 -20.08 12.35 16.93
N LYS B 310 -19.26 13.07 16.14
CA LYS B 310 -18.37 12.40 15.19
C LYS B 310 -17.31 11.56 15.88
N THR B 311 -17.01 11.83 17.14
CA THR B 311 -15.94 11.13 17.86
C THR B 311 -16.42 10.65 19.21
N LEU B 312 -17.58 10.02 19.26
CA LEU B 312 -18.05 9.41 20.49
C LEU B 312 -17.15 8.23 20.87
N SER B 313 -17.04 7.98 22.17
CA SER B 313 -16.16 6.92 22.66
C SER B 313 -16.72 6.12 23.83
N SER B 314 -17.95 6.35 24.26
CA SER B 314 -18.47 5.64 25.42
C SER B 314 -19.99 5.66 25.39
N MET B 315 -20.59 4.80 26.21
CA MET B 315 -22.04 4.78 26.35
C MET B 315 -22.53 6.04 27.05
N GLU B 316 -21.69 6.59 27.93
CA GLU B 316 -22.03 7.79 28.69
C GLU B 316 -22.03 9.04 27.82
N ASP B 317 -21.12 9.12 26.86
CA ASP B 317 -21.06 10.28 25.98
C ASP B 317 -22.32 10.41 25.15
N PHE B 318 -22.95 9.28 24.82
CA PHE B 318 -24.18 9.30 24.03
C PHE B 318 -25.30 10.00 24.78
N TRP B 319 -25.41 9.75 26.08
CA TRP B 319 -26.42 10.44 26.88
C TRP B 319 -26.14 11.94 26.94
N LYS B 320 -24.87 12.31 27.04
CA LYS B 320 -24.52 13.73 26.99
C LYS B 320 -24.89 14.34 25.64
N PHE B 321 -24.82 13.55 24.57
CA PHE B 321 -25.17 14.05 23.25
C PHE B 321 -26.67 14.21 23.08
N THR B 322 -27.45 13.23 23.54
CA THR B 322 -28.88 13.25 23.26
C THR B 322 -29.59 14.38 23.99
N GLU B 323 -29.08 14.79 25.15
CA GLU B 323 -29.55 15.99 25.84
C GLU B 323 -28.38 16.96 25.84
N GLY B 324 -28.37 17.87 24.87
CA GLY B 324 -27.19 18.66 24.59
C GLY B 324 -27.22 19.22 23.19
N SER B 325 -26.17 18.95 22.42
CA SER B 325 -26.04 19.49 21.07
C SER B 325 -27.15 19.02 20.15
N LEU B 326 -27.86 17.96 20.53
CA LEU B 326 -28.97 17.47 19.71
C LEU B 326 -30.23 18.31 19.94
N LEU B 327 -30.65 18.47 21.19
CA LEU B 327 -31.82 19.28 21.48
C LEU B 327 -31.58 20.74 21.12
N ASP B 328 -30.36 21.22 21.35
CA ASP B 328 -30.00 22.59 21.00
C ASP B 328 -30.04 22.84 19.50
N GLY B 329 -30.01 21.80 18.67
CA GLY B 329 -30.03 21.97 17.24
C GLY B 329 -31.31 21.48 16.59
N LEU B 330 -32.35 21.27 17.39
CA LEU B 330 -33.64 20.84 16.85
C LEU B 330 -34.70 21.89 17.10
N TYR B 331 -34.61 22.60 18.22
CA TYR B 331 -35.66 23.51 18.67
C TYR B 331 -35.07 24.91 18.80
N TRP B 332 -35.50 25.81 17.93
CA TRP B 332 -35.06 27.20 17.94
C TRP B 332 -36.25 28.09 18.26
N LYS B 333 -36.08 28.98 19.25
CA LYS B 333 -37.14 29.89 19.64
C LYS B 333 -37.36 30.95 18.57
N MET B 334 -38.57 31.00 18.01
CA MET B 334 -38.89 32.00 17.02
C MET B 334 -38.93 33.39 17.65
N GLN B 335 -38.42 34.38 16.92
CA GLN B 335 -38.38 35.75 17.42
C GLN B 335 -39.79 36.32 17.54
N ASN B 344 -45.91 24.34 19.02
CA ASN B 344 -45.56 25.45 18.14
C ASN B 344 -44.52 25.01 17.11
N ARG B 345 -44.39 25.79 16.04
CA ARG B 345 -43.42 25.47 15.00
C ARG B 345 -41.99 25.65 15.52
N SER B 346 -41.05 25.04 14.80
CA SER B 346 -39.64 25.12 15.19
C SER B 346 -38.80 25.17 13.91
N PHE B 347 -38.42 26.38 13.51
CA PHE B 347 -37.56 26.54 12.35
C PHE B 347 -36.10 26.45 12.75
N ILE B 348 -35.35 25.57 12.09
CA ILE B 348 -33.98 25.28 12.49
C ILE B 348 -33.08 26.48 12.21
N PHE B 349 -32.96 26.88 10.95
CA PHE B 349 -32.16 28.04 10.58
C PHE B 349 -33.03 29.26 10.28
N TYR B 350 -34.22 29.30 10.87
CA TYR B 350 -35.29 30.25 10.56
C TYR B 350 -35.79 30.09 9.13
N GLU B 351 -35.27 29.12 8.38
CA GLU B 351 -35.77 28.76 7.06
C GLU B 351 -36.20 27.30 7.00
N ASN B 352 -35.38 26.40 7.53
CA ASN B 352 -35.72 24.98 7.58
C ASN B 352 -36.85 24.75 8.56
N LEU B 353 -37.85 23.97 8.15
CA LEU B 353 -38.97 23.63 9.01
C LEU B 353 -38.86 22.18 9.46
N LEU B 354 -38.89 21.98 10.79
CA LEU B 354 -38.82 20.65 11.37
C LEU B 354 -40.22 20.06 11.32
N LEU B 355 -40.52 19.35 10.24
CA LEU B 355 -41.84 18.78 10.06
C LEU B 355 -41.96 17.47 10.82
N GLY B 356 -43.07 17.28 11.51
CA GLY B 356 -43.28 16.08 12.31
C GLY B 356 -42.53 16.14 13.61
N VAL B 357 -42.09 14.97 14.09
CA VAL B 357 -41.32 14.87 15.32
C VAL B 357 -40.19 13.88 15.11
N PRO B 358 -39.06 14.01 15.82
CA PRO B 358 -38.00 13.01 15.70
C PRO B 358 -38.34 11.75 16.50
N ARG B 359 -37.82 10.63 16.02
CA ARG B 359 -38.07 9.34 16.66
C ARG B 359 -36.75 8.66 16.98
N ILE B 360 -36.67 8.07 18.18
CA ILE B 360 -35.50 7.34 18.62
C ILE B 360 -35.86 5.86 18.69
N ARG B 361 -34.87 4.99 18.50
CA ARG B 361 -35.14 3.57 18.46
C ARG B 361 -33.92 2.81 18.94
N GLN B 362 -34.16 1.65 19.54
CA GLN B 362 -33.11 0.82 20.13
C GLN B 362 -33.27 -0.62 19.68
N LEU B 363 -32.13 -1.26 19.39
CA LEU B 363 -32.07 -2.68 19.06
C LEU B 363 -31.10 -3.35 20.02
N ARG B 364 -31.58 -4.39 20.69
CA ARG B 364 -30.82 -5.04 21.76
C ARG B 364 -31.02 -6.54 21.72
N VAL B 365 -30.10 -7.26 22.38
CA VAL B 365 -30.14 -8.72 22.46
C VAL B 365 -30.49 -9.13 23.88
N ARG B 366 -30.78 -10.41 24.05
CA ARG B 366 -31.29 -10.92 25.32
C ARG B 366 -30.18 -11.55 26.15
N ASN B 367 -30.46 -11.70 27.45
CA ASN B 367 -29.53 -12.30 28.39
C ASN B 367 -29.31 -13.77 28.06
N GLY B 368 -28.11 -14.27 28.34
CA GLY B 368 -27.83 -15.68 28.11
C GLY B 368 -27.95 -16.09 26.65
N SER B 369 -27.50 -15.23 25.74
CA SER B 369 -27.63 -15.53 24.32
C SER B 369 -26.53 -16.45 23.82
N CYS B 370 -25.45 -16.63 24.58
CA CYS B 370 -24.40 -17.57 24.21
C CYS B 370 -24.10 -18.49 25.38
N SER B 371 -23.08 -19.34 25.21
CA SER B 371 -22.74 -20.36 26.18
C SER B 371 -21.31 -20.16 26.66
N ILE B 372 -21.08 -20.49 27.93
CA ILE B 372 -19.76 -20.35 28.55
C ILE B 372 -19.39 -21.68 29.20
N PRO B 373 -18.10 -22.04 29.23
CA PRO B 373 -17.72 -23.31 29.84
C PRO B 373 -17.96 -23.35 31.34
N GLN B 374 -18.20 -24.55 31.86
CA GLN B 374 -18.61 -24.69 33.25
C GLN B 374 -17.44 -24.49 34.20
N ASP B 375 -16.23 -24.81 33.76
CA ASP B 375 -15.05 -24.73 34.61
C ASP B 375 -14.77 -23.29 35.04
N LEU B 376 -15.20 -22.31 34.25
CA LEU B 376 -15.11 -20.91 34.65
C LEU B 376 -16.49 -20.24 34.66
N ARG B 377 -17.54 -21.00 34.94
CA ARG B 377 -18.89 -20.46 35.08
C ARG B 377 -19.18 -20.00 36.51
N ASP B 378 -18.14 -19.64 37.25
CA ASP B 378 -18.32 -19.07 38.58
C ASP B 378 -18.15 -17.56 38.60
N GLU B 379 -17.37 -17.00 37.67
CA GLU B 379 -17.19 -15.56 37.54
C GLU B 379 -18.00 -14.95 36.42
N ILE B 380 -18.17 -15.67 35.30
CA ILE B 380 -18.96 -15.18 34.18
C ILE B 380 -20.42 -15.48 34.49
N LYS B 381 -21.19 -14.45 34.83
CA LYS B 381 -22.59 -14.64 35.21
C LYS B 381 -23.55 -14.52 34.03
N GLU B 382 -23.17 -13.82 32.97
CA GLU B 382 -24.03 -13.68 31.81
C GLU B 382 -23.19 -13.29 30.61
N CYS B 383 -23.69 -13.58 29.41
CA CYS B 383 -23.06 -13.13 28.19
C CYS B 383 -24.11 -12.54 27.26
N TYR B 384 -23.70 -11.54 26.48
CA TYR B 384 -24.57 -10.91 25.48
C TYR B 384 -23.93 -11.11 24.13
N ASP B 385 -24.46 -12.06 23.36
CA ASP B 385 -23.88 -12.42 22.08
C ASP B 385 -24.01 -11.25 21.09
N VAL B 386 -23.24 -11.33 20.01
CA VAL B 386 -23.31 -10.33 18.96
C VAL B 386 -24.70 -10.31 18.36
N TYR B 387 -25.06 -9.20 17.73
CA TYR B 387 -26.42 -9.02 17.23
C TYR B 387 -26.73 -10.06 16.15
N SER B 388 -27.90 -10.68 16.27
CA SER B 388 -28.39 -11.64 15.29
C SER B 388 -29.91 -11.68 15.38
N VAL B 389 -30.56 -11.90 14.24
CA VAL B 389 -32.02 -11.88 14.17
C VAL B 389 -32.59 -13.01 15.04
N SER B 390 -31.83 -14.08 15.21
CA SER B 390 -32.26 -15.20 16.04
C SER B 390 -31.90 -15.02 17.51
N SER B 391 -31.17 -13.97 17.87
CA SER B 391 -30.79 -13.72 19.25
C SER B 391 -31.25 -12.34 19.72
N GLU B 392 -32.24 -11.76 19.06
CA GLU B 392 -32.73 -10.42 19.39
C GLU B 392 -33.83 -10.54 20.44
N ASP B 393 -33.71 -9.78 21.51
CA ASP B 393 -34.66 -9.83 22.62
C ASP B 393 -36.03 -9.35 22.16
N ARG B 394 -37.09 -9.93 22.72
CA ARG B 394 -38.46 -9.51 22.41
C ARG B 394 -39.31 -9.37 23.66
N ALA B 395 -38.77 -9.56 24.85
CA ALA B 395 -39.53 -9.48 26.09
C ALA B 395 -39.57 -8.05 26.60
N PRO B 396 -40.62 -7.69 27.35
CA PRO B 396 -40.68 -6.35 27.93
C PRO B 396 -39.80 -6.26 29.17
N PHE B 397 -38.91 -5.27 29.19
CA PHE B 397 -37.97 -5.06 30.28
C PHE B 397 -38.27 -3.75 30.98
N GLY B 398 -37.73 -3.60 32.19
CA GLY B 398 -37.90 -2.40 32.97
C GLY B 398 -39.36 -2.14 33.30
N PRO B 399 -39.71 -0.87 33.50
CA PRO B 399 -41.13 -0.53 33.74
C PRO B 399 -41.95 -0.65 32.47
N ARG B 400 -42.98 -1.49 32.51
CA ARG B 400 -43.79 -1.75 31.31
C ARG B 400 -44.88 -0.71 31.14
N ASN B 401 -44.49 0.54 30.89
CA ASN B 401 -45.49 1.60 30.69
C ASN B 401 -45.87 1.76 29.23
N GLY B 402 -44.89 2.12 28.39
CA GLY B 402 -45.21 2.52 27.04
C GLY B 402 -44.47 1.76 25.95
N THR B 403 -44.38 2.37 24.77
CA THR B 403 -43.79 1.73 23.61
C THR B 403 -42.27 1.66 23.71
N ALA B 404 -41.69 2.33 24.70
CA ALA B 404 -40.24 2.33 24.89
C ALA B 404 -39.73 1.12 25.63
N TRP B 405 -40.62 0.26 26.16
CA TRP B 405 -40.23 -0.92 26.91
C TRP B 405 -40.98 -2.15 26.41
N ILE B 406 -41.48 -2.09 25.17
CA ILE B 406 -42.23 -3.19 24.59
C ILE B 406 -41.75 -3.40 23.16
N TYR B 407 -41.48 -4.65 22.81
CA TYR B 407 -41.02 -4.99 21.47
C TYR B 407 -42.08 -4.66 20.43
N THR B 408 -41.66 -4.35 19.21
CA THR B 408 -42.58 -4.03 18.13
C THR B 408 -42.04 -4.64 16.84
N SER B 409 -42.89 -5.36 16.12
CA SER B 409 -42.45 -6.06 14.93
C SER B 409 -42.05 -5.08 13.83
N GLU B 410 -41.28 -5.57 12.87
CA GLU B 410 -40.79 -4.78 11.75
C GLU B 410 -41.91 -4.26 10.86
N LYS B 411 -43.01 -4.99 10.71
CA LYS B 411 -44.12 -4.55 9.88
C LYS B 411 -45.04 -3.56 10.59
N ASP B 412 -44.96 -3.45 11.91
CA ASP B 412 -45.72 -2.47 12.66
C ASP B 412 -45.04 -1.11 12.76
N LEU B 413 -43.81 -1.00 12.25
CA LEU B 413 -43.10 0.27 12.17
C LEU B 413 -42.86 0.72 10.74
N ASN B 414 -43.29 -0.06 9.76
CA ASN B 414 -43.07 0.21 8.34
C ASN B 414 -41.59 0.35 8.00
N GLY B 415 -40.72 -0.26 8.80
CA GLY B 415 -39.28 -0.12 8.61
C GLY B 415 -38.68 -1.14 7.67
N SER B 416 -37.34 -1.20 7.63
CA SER B 416 -36.62 -2.12 6.76
C SER B 416 -35.19 -2.22 7.29
N SER B 417 -34.33 -2.92 6.55
CA SER B 417 -32.95 -3.11 6.94
C SER B 417 -32.14 -1.84 6.70
N HIS B 418 -30.93 -1.79 7.26
CA HIS B 418 -30.12 -0.59 7.15
C HIS B 418 -28.72 -0.85 6.60
N TRP B 419 -28.16 -2.04 6.88
CA TRP B 419 -26.80 -2.39 6.47
C TRP B 419 -25.78 -1.40 7.06
N GLY B 420 -25.66 -1.47 8.39
CA GLY B 420 -24.69 -0.64 9.09
C GLY B 420 -23.26 -1.05 8.81
N ILE B 421 -22.36 -0.72 9.74
CA ILE B 421 -20.94 -0.98 9.55
C ILE B 421 -20.57 -2.38 10.02
N ILE B 422 -21.15 -2.79 11.16
CA ILE B 422 -20.80 -4.07 11.76
C ILE B 422 -21.69 -5.17 11.20
N ALA B 423 -22.99 -4.91 11.13
CA ALA B 423 -23.94 -5.92 10.66
C ALA B 423 -25.10 -5.21 9.96
N THR B 424 -26.12 -5.98 9.59
CA THR B 424 -27.32 -5.46 8.94
C THR B 424 -28.45 -5.53 9.95
N TYR B 425 -28.88 -4.36 10.44
CA TYR B 425 -29.86 -4.29 11.50
C TYR B 425 -31.28 -4.32 10.92
N SER B 426 -32.20 -4.91 11.69
CA SER B 426 -33.59 -5.02 11.25
C SER B 426 -34.31 -3.70 11.49
N GLY B 427 -35.61 -3.67 11.19
CA GLY B 427 -36.39 -2.46 11.35
C GLY B 427 -37.21 -2.47 12.63
N ALA B 428 -37.10 -3.53 13.41
CA ALA B 428 -37.85 -3.66 14.66
C ALA B 428 -37.08 -2.98 15.78
N GLY B 429 -37.51 -3.20 17.02
CA GLY B 429 -36.86 -2.67 18.19
C GLY B 429 -37.82 -1.91 19.08
N TYR B 430 -37.26 -1.30 20.11
CA TYR B 430 -38.02 -0.48 21.05
C TYR B 430 -37.88 0.98 20.64
N TYR B 431 -38.99 1.60 20.23
CA TYR B 431 -38.92 2.96 19.71
C TYR B 431 -39.66 3.91 20.64
N LEU B 432 -39.46 5.20 20.40
CA LEU B 432 -40.13 6.25 21.15
C LEU B 432 -40.21 7.50 20.29
N ASP B 433 -41.39 8.11 20.28
CA ASP B 433 -41.62 9.37 19.57
C ASP B 433 -41.42 10.53 20.54
N LEU B 434 -40.79 11.59 20.05
CA LEU B 434 -40.48 12.76 20.85
C LEU B 434 -41.52 13.85 20.63
N SER B 435 -41.52 14.83 21.53
CA SER B 435 -42.51 15.90 21.49
C SER B 435 -42.08 16.95 20.47
N ARG B 436 -42.83 18.06 20.42
CA ARG B 436 -42.53 19.16 19.51
C ARG B 436 -41.79 20.30 20.18
N THR B 437 -41.92 20.44 21.51
CA THR B 437 -41.23 21.48 22.26
C THR B 437 -40.13 20.84 23.10
N ARG B 438 -39.01 21.55 23.24
CA ARG B 438 -37.87 21.04 23.99
C ARG B 438 -38.24 20.75 25.43
N GLU B 439 -39.18 21.50 25.98
CA GLU B 439 -39.55 21.36 27.38
C GLU B 439 -40.02 19.95 27.72
N GLU B 440 -40.69 19.28 26.78
CA GLU B 440 -41.17 17.93 27.02
C GLU B 440 -40.19 16.87 26.52
N THR B 441 -39.46 17.17 25.44
CA THR B 441 -38.47 16.22 24.94
C THR B 441 -37.36 16.01 25.95
N ALA B 442 -36.92 17.07 26.61
CA ALA B 442 -35.90 16.93 27.66
C ALA B 442 -36.41 16.07 28.80
N ALA B 443 -37.67 16.26 29.19
CA ALA B 443 -38.26 15.44 30.25
C ALA B 443 -38.32 13.97 29.84
N GLN B 444 -38.70 13.70 28.60
CA GLN B 444 -38.75 12.32 28.12
C GLN B 444 -37.36 11.68 28.12
N VAL B 445 -36.36 12.43 27.66
CA VAL B 445 -34.99 11.91 27.63
C VAL B 445 -34.49 11.65 29.05
N ALA B 446 -34.79 12.55 29.99
CA ALA B 446 -34.40 12.34 31.38
C ALA B 446 -35.09 11.11 31.95
N SER B 447 -36.36 10.91 31.63
CA SER B 447 -37.07 9.72 32.10
C SER B 447 -36.44 8.45 31.55
N LEU B 448 -36.05 8.47 30.28
CA LEU B 448 -35.36 7.33 29.69
C LEU B 448 -34.02 7.07 30.38
N LYS B 449 -33.29 8.14 30.68
CA LYS B 449 -31.98 7.98 31.29
C LYS B 449 -32.04 7.52 32.73
N LYS B 450 -33.05 7.94 33.50
CA LYS B 450 -33.14 7.56 34.91
C LYS B 450 -33.39 6.06 35.07
N ASN B 451 -34.53 5.58 34.57
CA ASN B 451 -34.77 4.14 34.48
C ASN B 451 -33.94 3.62 33.32
N VAL B 452 -32.80 3.02 33.66
CA VAL B 452 -31.74 2.73 32.68
C VAL B 452 -32.31 2.07 31.42
N TRP B 453 -32.05 2.69 30.28
CA TRP B 453 -32.59 2.25 29.00
C TRP B 453 -31.52 1.74 28.06
N LEU B 454 -30.30 2.26 28.16
CA LEU B 454 -29.16 1.74 27.39
C LEU B 454 -28.37 0.82 28.31
N ASP B 455 -28.88 -0.41 28.46
CA ASP B 455 -28.25 -1.39 29.34
C ASP B 455 -27.02 -1.98 28.65
N ARG B 456 -26.49 -3.04 29.25
CA ARG B 456 -25.36 -3.74 28.64
C ARG B 456 -25.78 -4.54 27.42
N GLY B 457 -27.08 -4.81 27.27
CA GLY B 457 -27.56 -5.64 26.18
C GLY B 457 -27.82 -4.90 24.88
N THR B 458 -27.83 -3.57 24.91
CA THR B 458 -28.13 -2.80 23.72
C THR B 458 -27.05 -2.99 22.67
N ARG B 459 -27.45 -2.91 21.40
CA ARG B 459 -26.53 -3.12 20.30
C ARG B 459 -26.62 -2.05 19.21
N ALA B 460 -27.72 -1.31 19.13
CA ALA B 460 -27.82 -0.27 18.11
C ALA B 460 -28.83 0.77 18.54
N THR B 461 -28.62 2.00 18.10
CA THR B 461 -29.54 3.10 18.39
C THR B 461 -29.68 3.97 17.15
N PHE B 462 -30.93 4.30 16.81
CA PHE B 462 -31.25 5.11 15.65
C PHE B 462 -31.97 6.38 16.09
N ILE B 463 -31.67 7.49 15.42
CA ILE B 463 -32.38 8.74 15.60
C ILE B 463 -32.76 9.27 14.22
N ASP B 464 -34.03 9.58 14.03
CA ASP B 464 -34.51 9.94 12.70
C ASP B 464 -35.38 11.19 12.77
N PHE B 465 -35.23 12.06 11.76
CA PHE B 465 -36.15 13.19 11.58
C PHE B 465 -35.98 13.73 10.16
N SER B 466 -36.65 14.84 9.86
CA SER B 466 -36.60 15.43 8.52
C SER B 466 -37.00 16.90 8.61
N VAL B 467 -36.58 17.65 7.59
CA VAL B 467 -36.85 19.09 7.52
C VAL B 467 -37.24 19.43 6.08
N TYR B 468 -37.79 20.65 5.90
CA TYR B 468 -38.35 21.06 4.62
C TYR B 468 -37.55 22.16 3.94
N ASN B 469 -37.25 23.26 4.63
CA ASN B 469 -36.53 24.40 4.05
C ASN B 469 -37.30 24.96 2.84
N ALA B 470 -38.44 25.58 3.17
CA ALA B 470 -39.47 25.94 2.19
C ALA B 470 -39.00 26.86 1.07
N ASN B 471 -37.90 27.60 1.26
CA ASN B 471 -37.44 28.53 0.23
C ASN B 471 -37.24 27.83 -1.10
N ILE B 472 -36.28 26.92 -1.16
CA ILE B 472 -36.17 25.98 -2.27
C ILE B 472 -37.12 24.82 -1.96
N ASN B 473 -37.35 23.95 -2.94
CA ASN B 473 -38.24 22.81 -2.75
C ASN B 473 -37.37 21.56 -2.61
N LEU B 474 -36.89 21.31 -1.39
CA LEU B 474 -36.02 20.16 -1.14
C LEU B 474 -36.18 19.71 0.29
N PHE B 475 -36.83 18.57 0.50
CA PHE B 475 -36.85 17.92 1.80
C PHE B 475 -35.45 17.40 2.12
N CYS B 476 -35.14 17.33 3.41
CA CYS B 476 -33.87 16.78 3.87
C CYS B 476 -34.14 15.82 5.01
N VAL B 477 -33.84 14.54 4.79
CA VAL B 477 -34.07 13.51 5.81
C VAL B 477 -32.76 13.19 6.50
N VAL B 478 -32.80 13.10 7.82
CA VAL B 478 -31.61 12.93 8.65
C VAL B 478 -31.76 11.67 9.46
N ARG B 479 -30.74 10.80 9.38
CA ARG B 479 -30.67 9.57 10.18
C ARG B 479 -29.31 9.50 10.84
N LEU B 480 -29.30 9.14 12.13
CA LEU B 480 -28.07 8.99 12.89
C LEU B 480 -28.07 7.62 13.54
N LEU B 481 -27.02 6.83 13.27
CA LEU B 481 -26.87 5.49 13.81
C LEU B 481 -25.69 5.45 14.77
N VAL B 482 -25.88 4.72 15.87
CA VAL B 482 -24.80 4.46 16.82
C VAL B 482 -24.79 2.96 17.10
N GLU B 483 -23.63 2.34 16.92
CA GLU B 483 -23.51 0.90 17.06
C GLU B 483 -22.61 0.56 18.24
N PHE B 484 -23.04 -0.43 19.02
CA PHE B 484 -22.34 -0.92 20.20
C PHE B 484 -21.88 -2.35 19.96
N PRO B 485 -20.63 -2.57 19.57
CA PRO B 485 -20.14 -3.93 19.38
C PRO B 485 -20.10 -4.69 20.69
N ALA B 486 -20.23 -6.01 20.61
CA ALA B 486 -20.22 -6.86 21.79
C ALA B 486 -18.87 -6.86 22.51
N THR B 487 -17.81 -6.37 21.87
CA THR B 487 -16.49 -6.32 22.48
C THR B 487 -16.22 -4.96 23.13
N GLY B 488 -17.22 -4.08 23.17
CA GLY B 488 -17.05 -2.76 23.74
C GLY B 488 -16.69 -1.72 22.70
N GLY B 489 -17.10 -0.48 22.94
CA GLY B 489 -16.82 0.62 22.05
C GLY B 489 -18.09 1.21 21.46
N VAL B 490 -17.91 2.30 20.71
CA VAL B 490 -19.02 3.00 20.08
C VAL B 490 -18.60 3.33 18.65
N ILE B 491 -19.53 3.14 17.71
CA ILE B 491 -19.27 3.44 16.31
C ILE B 491 -20.39 4.33 15.77
N PRO B 492 -20.13 5.59 15.47
CA PRO B 492 -21.19 6.47 14.94
C PRO B 492 -21.24 6.49 13.42
N SER B 493 -22.41 6.86 12.91
CA SER B 493 -22.63 7.02 11.48
C SER B 493 -23.79 7.97 11.27
N TRP B 494 -23.81 8.63 10.12
CA TRP B 494 -24.80 9.65 9.82
C TRP B 494 -25.21 9.57 8.36
N GLN B 495 -26.38 10.13 8.05
CA GLN B 495 -26.86 10.17 6.67
C GLN B 495 -27.84 11.33 6.53
N PHE B 496 -27.49 12.30 5.70
CA PHE B 496 -28.37 13.40 5.33
C PHE B 496 -28.68 13.31 3.85
N GLN B 497 -29.96 13.27 3.50
CA GLN B 497 -30.37 13.06 2.11
C GLN B 497 -31.30 14.17 1.65
N PRO B 498 -30.94 14.92 0.61
CA PRO B 498 -31.83 15.95 0.05
C PRO B 498 -32.82 15.42 -0.98
N LEU B 499 -33.97 14.92 -0.51
CA LEU B 499 -35.02 14.45 -1.40
C LEU B 499 -35.81 15.63 -1.98
N LYS B 500 -36.60 15.34 -3.02
CA LYS B 500 -37.50 16.30 -3.63
C LYS B 500 -38.75 15.56 -4.06
N LEU B 501 -39.92 16.01 -3.59
CA LEU B 501 -41.15 15.27 -3.75
C LEU B 501 -42.32 16.08 -4.32
N ILE B 502 -42.16 17.39 -4.48
CA ILE B 502 -43.25 18.26 -4.91
C ILE B 502 -42.83 18.94 -6.21
N ARG B 503 -42.15 18.19 -7.08
CA ARG B 503 -41.47 18.72 -8.25
C ARG B 503 -42.25 19.80 -9.00
N TYR B 504 -43.46 19.49 -9.45
CA TYR B 504 -44.14 20.38 -10.38
C TYR B 504 -44.60 21.66 -9.71
N VAL B 505 -43.75 22.69 -9.74
CA VAL B 505 -44.12 24.02 -9.27
C VAL B 505 -43.79 25.06 -10.35
N THR B 506 -42.57 25.03 -10.86
CA THR B 506 -42.09 26.02 -11.81
C THR B 506 -41.99 25.43 -13.22
N THR B 507 -41.77 26.31 -14.20
CA THR B 507 -41.72 25.90 -15.60
C THR B 507 -40.55 24.97 -15.88
N PHE B 508 -39.43 25.18 -15.19
CA PHE B 508 -38.27 24.30 -15.37
C PHE B 508 -38.62 22.86 -15.02
N ASP B 509 -39.56 22.67 -14.10
CA ASP B 509 -39.98 21.33 -13.73
C ASP B 509 -40.72 20.64 -14.89
N PHE B 510 -41.60 21.39 -15.56
CA PHE B 510 -42.25 20.85 -16.75
C PHE B 510 -41.23 20.59 -17.85
N PHE B 511 -40.22 21.45 -17.97
CA PHE B 511 -39.13 21.21 -18.92
C PHE B 511 -38.44 19.89 -18.62
N LEU B 512 -38.13 19.64 -17.35
CA LEU B 512 -37.47 18.40 -16.98
C LEU B 512 -38.35 17.19 -17.25
N ALA B 513 -39.66 17.32 -16.99
CA ALA B 513 -40.57 16.23 -17.29
C ALA B 513 -40.61 15.93 -18.79
N ALA B 514 -40.62 16.99 -19.61
CA ALA B 514 -40.60 16.79 -21.06
C ALA B 514 -39.32 16.12 -21.51
N CYS B 515 -38.18 16.52 -20.95
CA CYS B 515 -36.92 15.87 -21.29
C CYS B 515 -36.93 14.41 -20.85
N GLU B 516 -37.55 14.10 -19.71
CA GLU B 516 -37.68 12.71 -19.29
C GLU B 516 -38.50 11.90 -20.28
N ILE B 517 -39.60 12.48 -20.77
CA ILE B 517 -40.44 11.78 -21.76
C ILE B 517 -39.63 11.53 -23.03
N ILE B 518 -38.88 12.54 -23.48
CA ILE B 518 -38.06 12.39 -24.67
C ILE B 518 -36.99 11.31 -24.45
N PHE B 519 -36.43 11.25 -23.24
CA PHE B 519 -35.44 10.22 -22.93
C PHE B 519 -36.05 8.83 -23.01
N CYS B 520 -37.27 8.67 -22.48
CA CYS B 520 -37.95 7.38 -22.59
C CYS B 520 -38.19 7.02 -24.05
N PHE B 521 -38.60 8.01 -24.87
CA PHE B 521 -38.79 7.74 -26.28
C PHE B 521 -37.49 7.30 -26.95
N PHE B 522 -36.38 7.96 -26.60
CA PHE B 522 -35.09 7.63 -27.18
C PHE B 522 -34.67 6.20 -26.81
N ILE B 523 -34.85 5.83 -25.54
CA ILE B 523 -34.43 4.49 -25.13
C ILE B 523 -35.33 3.44 -25.78
N PHE B 524 -36.61 3.75 -25.95
CA PHE B 524 -37.50 2.85 -26.67
C PHE B 524 -37.04 2.67 -28.11
N TYR B 525 -36.66 3.78 -28.76
CA TYR B 525 -36.15 3.71 -30.12
C TYR B 525 -34.92 2.83 -30.20
N TYR B 526 -33.98 3.01 -29.27
CA TYR B 526 -32.76 2.22 -29.29
C TYR B 526 -33.04 0.74 -29.05
N VAL B 527 -33.93 0.42 -28.11
CA VAL B 527 -34.20 -1.00 -27.85
C VAL B 527 -34.90 -1.64 -29.05
N VAL B 528 -35.77 -0.88 -29.73
CA VAL B 528 -36.43 -1.42 -30.93
C VAL B 528 -35.41 -1.68 -32.03
N GLU B 529 -34.53 -0.71 -32.29
CA GLU B 529 -33.55 -0.89 -33.35
C GLU B 529 -32.47 -1.90 -32.97
N GLU B 530 -32.34 -2.25 -31.70
CA GLU B 530 -31.45 -3.33 -31.30
C GLU B 530 -32.11 -4.70 -31.44
N ILE B 531 -33.39 -4.82 -31.08
CA ILE B 531 -34.11 -6.07 -31.30
C ILE B 531 -34.20 -6.38 -32.79
N LEU B 532 -34.48 -5.35 -33.59
CA LEU B 532 -34.55 -5.53 -35.04
C LEU B 532 -33.22 -6.02 -35.59
N GLU B 533 -32.11 -5.50 -35.06
CA GLU B 533 -30.80 -5.89 -35.58
C GLU B 533 -30.42 -7.28 -35.11
N ILE B 534 -30.75 -7.65 -33.86
CA ILE B 534 -30.37 -8.96 -33.35
C ILE B 534 -31.18 -10.05 -34.05
N ARG B 535 -32.47 -9.79 -34.31
CA ARG B 535 -33.31 -10.85 -34.84
C ARG B 535 -33.31 -10.88 -36.37
N ILE B 536 -33.37 -9.72 -37.02
CA ILE B 536 -33.56 -9.67 -38.46
C ILE B 536 -32.22 -9.53 -39.16
N HIS B 537 -31.13 -9.68 -38.40
CA HIS B 537 -29.79 -9.58 -38.95
C HIS B 537 -28.90 -10.59 -38.22
N LYS B 538 -27.58 -10.42 -38.38
CA LYS B 538 -26.57 -11.32 -37.83
C LYS B 538 -26.86 -11.73 -36.39
N LEU B 539 -26.90 -13.04 -36.16
CA LEU B 539 -27.09 -13.60 -34.83
C LEU B 539 -25.73 -13.82 -34.17
N HIS B 540 -25.72 -13.74 -32.84
CA HIS B 540 -24.50 -13.92 -32.04
C HIS B 540 -23.41 -12.92 -32.47
N TYR B 541 -23.79 -11.66 -32.57
CA TYR B 541 -22.88 -10.59 -32.95
C TYR B 541 -22.19 -9.95 -31.74
N PHE B 542 -21.69 -10.78 -30.85
CA PHE B 542 -21.13 -10.30 -29.59
C PHE B 542 -19.62 -10.17 -29.62
N ARG B 543 -18.98 -10.45 -30.75
CA ARG B 543 -17.54 -10.27 -30.90
C ARG B 543 -17.21 -8.90 -31.48
N SER B 544 -17.76 -7.85 -30.90
CA SER B 544 -17.53 -6.50 -31.38
C SER B 544 -17.14 -5.52 -30.28
N PHE B 545 -17.70 -5.68 -29.08
CA PHE B 545 -17.51 -4.80 -27.92
C PHE B 545 -18.22 -3.46 -28.15
N TRP B 546 -18.67 -3.21 -29.37
CA TRP B 546 -19.48 -2.03 -29.65
C TRP B 546 -20.97 -2.32 -29.55
N ASN B 547 -21.36 -3.60 -29.59
CA ASN B 547 -22.73 -4.01 -29.35
C ASN B 547 -22.95 -4.53 -27.94
N CYS B 548 -21.92 -5.08 -27.31
CA CYS B 548 -21.99 -5.43 -25.90
C CYS B 548 -22.03 -4.20 -25.01
N LEU B 549 -21.73 -3.02 -25.54
CA LEU B 549 -21.88 -1.77 -24.82
C LEU B 549 -23.29 -1.22 -24.92
N ASP B 550 -23.96 -1.41 -26.06
CA ASP B 550 -25.34 -0.94 -26.21
C ASP B 550 -26.28 -1.67 -25.26
N VAL B 551 -26.09 -2.98 -25.11
CA VAL B 551 -26.98 -3.76 -24.24
C VAL B 551 -26.82 -3.31 -22.79
N VAL B 552 -25.60 -3.01 -22.38
CA VAL B 552 -25.37 -2.52 -21.02
C VAL B 552 -26.09 -1.20 -20.81
N ILE B 553 -25.96 -0.29 -21.78
CA ILE B 553 -26.58 1.03 -21.65
C ILE B 553 -28.09 0.91 -21.57
N VAL B 554 -28.69 0.08 -22.45
CA VAL B 554 -30.14 -0.02 -22.46
C VAL B 554 -30.66 -0.72 -21.20
N VAL B 555 -29.92 -1.72 -20.70
CA VAL B 555 -30.33 -2.39 -19.47
C VAL B 555 -30.28 -1.43 -18.30
N LEU B 556 -29.19 -0.65 -18.19
CA LEU B 556 -29.09 0.30 -17.11
C LEU B 556 -30.18 1.37 -17.21
N SER B 557 -30.47 1.82 -18.43
CA SER B 557 -31.51 2.84 -18.60
C SER B 557 -32.89 2.30 -18.22
N VAL B 558 -33.21 1.07 -18.63
CA VAL B 558 -34.53 0.52 -18.31
C VAL B 558 -34.64 0.25 -16.82
N VAL B 559 -33.54 -0.15 -16.18
CA VAL B 559 -33.56 -0.32 -14.72
C VAL B 559 -33.82 1.03 -14.04
N ALA B 560 -33.16 2.09 -14.54
CA ALA B 560 -33.37 3.42 -13.96
C ALA B 560 -34.83 3.86 -14.13
N ILE B 561 -35.41 3.63 -15.30
CA ILE B 561 -36.80 4.02 -15.53
C ILE B 561 -37.74 3.21 -14.64
N GLY B 562 -37.47 1.92 -14.49
CA GLY B 562 -38.29 1.11 -13.61
C GLY B 562 -38.23 1.57 -12.17
N ILE B 563 -37.02 1.91 -11.69
CA ILE B 563 -36.87 2.41 -10.33
C ILE B 563 -37.62 3.72 -10.18
N ASN B 564 -37.52 4.61 -11.17
CA ASN B 564 -38.21 5.89 -11.10
C ASN B 564 -39.72 5.71 -11.06
N ILE B 565 -40.25 4.80 -11.87
CA ILE B 565 -41.69 4.54 -11.84
C ILE B 565 -42.10 3.94 -10.50
N TYR B 566 -41.28 3.04 -9.95
CA TYR B 566 -41.59 2.44 -8.66
C TYR B 566 -41.62 3.48 -7.54
N ARG B 567 -40.67 4.41 -7.56
CA ARG B 567 -40.49 5.31 -6.43
C ARG B 567 -41.37 6.55 -6.55
N THR B 568 -41.32 7.24 -7.71
CA THR B 568 -42.06 8.48 -7.88
C THR B 568 -43.56 8.30 -7.70
N SER B 569 -44.10 7.18 -8.18
CA SER B 569 -45.52 6.90 -8.06
C SER B 569 -45.89 6.53 -6.63
N ASN B 570 -44.89 6.32 -5.78
CA ASN B 570 -45.10 5.92 -4.39
C ASN B 570 -44.80 7.11 -3.50
N VAL B 571 -45.81 7.96 -3.28
CA VAL B 571 -45.67 9.12 -2.43
C VAL B 571 -46.83 9.30 -1.46
N GLU B 572 -47.63 8.27 -1.23
CA GLU B 572 -48.80 8.39 -0.36
C GLU B 572 -48.42 8.68 1.09
N VAL B 573 -47.20 8.32 1.48
CA VAL B 573 -46.74 8.61 2.84
C VAL B 573 -46.74 10.10 3.10
N LEU B 574 -46.39 10.89 2.09
CA LEU B 574 -46.46 12.34 2.22
C LEU B 574 -47.89 12.80 2.47
N LEU B 575 -48.85 12.20 1.76
CA LEU B 575 -50.24 12.55 1.96
C LEU B 575 -50.70 12.20 3.37
N GLN B 576 -50.30 11.02 3.86
CA GLN B 576 -50.65 10.61 5.21
C GLN B 576 -50.08 11.58 6.24
N PHE B 577 -48.84 12.02 6.03
CA PHE B 577 -48.26 13.01 6.92
C PHE B 577 -49.02 14.32 6.86
N LEU B 578 -49.44 14.72 5.66
CA LEU B 578 -50.20 15.96 5.50
C LEU B 578 -51.59 15.87 6.11
N GLU B 579 -52.13 14.67 6.31
CA GLU B 579 -53.40 14.55 7.03
C GLU B 579 -53.24 15.01 8.48
N ASP B 580 -52.33 14.39 9.22
CA ASP B 580 -52.01 14.78 10.59
C ASP B 580 -50.50 14.99 10.70
N GLN B 581 -50.10 16.17 11.13
CA GLN B 581 -48.70 16.57 11.18
C GLN B 581 -48.16 16.61 12.61
N ASN B 582 -48.57 15.64 13.43
CA ASN B 582 -48.06 15.48 14.78
C ASN B 582 -47.51 14.07 14.98
N THR B 583 -47.13 13.43 13.87
CA THR B 583 -46.63 12.06 13.90
C THR B 583 -45.35 11.99 13.07
N PHE B 584 -44.52 11.00 13.38
CA PHE B 584 -43.23 10.83 12.71
C PHE B 584 -43.45 10.48 11.24
N PRO B 585 -42.90 11.27 10.31
CA PRO B 585 -42.97 10.90 8.90
C PRO B 585 -41.99 9.79 8.55
N ASN B 586 -42.44 8.88 7.67
CA ASN B 586 -41.63 7.73 7.27
C ASN B 586 -41.11 7.97 5.85
N PHE B 587 -39.98 8.65 5.76
CA PHE B 587 -39.35 8.93 4.47
C PHE B 587 -38.10 8.10 4.21
N GLU B 588 -37.85 7.07 5.03
CA GLU B 588 -36.59 6.32 4.91
C GLU B 588 -36.48 5.58 3.59
N HIS B 589 -37.57 4.97 3.12
CA HIS B 589 -37.51 4.21 1.88
C HIS B 589 -37.22 5.11 0.68
N LEU B 590 -37.80 6.31 0.68
CA LEU B 590 -37.63 7.23 -0.44
C LEU B 590 -36.18 7.65 -0.58
N ALA B 591 -35.50 7.93 0.53
CA ALA B 591 -34.09 8.28 0.48
C ALA B 591 -33.24 7.13 -0.07
N TYR B 592 -33.54 5.91 0.36
CA TYR B 592 -32.81 4.74 -0.13
C TYR B 592 -32.98 4.59 -1.63
N TRP B 593 -34.22 4.75 -2.12
CA TRP B 593 -34.45 4.58 -3.55
C TRP B 593 -33.86 5.74 -4.35
N GLN B 594 -33.83 6.94 -3.78
CA GLN B 594 -33.16 8.06 -4.44
C GLN B 594 -31.67 7.78 -4.57
N ILE B 595 -31.05 7.25 -3.51
CA ILE B 595 -29.64 6.90 -3.57
C ILE B 595 -29.38 5.84 -4.64
N GLN B 596 -30.24 4.82 -4.69
CA GLN B 596 -30.08 3.78 -5.69
C GLN B 596 -30.25 4.34 -7.11
N PHE B 597 -31.19 5.26 -7.30
CA PHE B 597 -31.39 5.87 -8.61
C PHE B 597 -30.19 6.71 -9.03
N ASN B 598 -29.61 7.47 -8.09
CA ASN B 598 -28.42 8.25 -8.41
C ASN B 598 -27.25 7.33 -8.76
N ASN B 599 -27.07 6.24 -8.01
CA ASN B 599 -25.98 5.32 -8.28
C ASN B 599 -26.11 4.66 -9.65
N ILE B 600 -27.31 4.61 -10.22
CA ILE B 600 -27.52 4.03 -11.53
C ILE B 600 -27.35 5.08 -12.63
N ALA B 601 -27.89 6.28 -12.41
CA ALA B 601 -27.74 7.34 -13.40
C ALA B 601 -26.28 7.74 -13.58
N ALA B 602 -25.52 7.79 -12.48
CA ALA B 602 -24.12 8.19 -12.55
C ALA B 602 -23.28 7.20 -13.35
N VAL B 603 -23.69 5.94 -13.43
CA VAL B 603 -22.95 4.95 -14.20
C VAL B 603 -23.47 4.93 -15.63
N THR B 604 -24.76 5.20 -15.80
CA THR B 604 -25.33 5.27 -17.15
C THR B 604 -24.69 6.40 -17.96
N VAL B 605 -24.54 7.57 -17.34
CA VAL B 605 -23.97 8.71 -18.06
C VAL B 605 -22.51 8.43 -18.41
N PHE B 606 -21.80 7.72 -17.53
CA PHE B 606 -20.41 7.34 -17.80
C PHE B 606 -20.32 6.52 -19.08
N PHE B 607 -21.15 5.48 -19.20
CA PHE B 607 -21.08 4.64 -20.39
C PHE B 607 -21.56 5.36 -21.63
N VAL B 608 -22.55 6.25 -21.49
CA VAL B 608 -22.99 7.05 -22.63
C VAL B 608 -21.84 7.90 -23.14
N TRP B 609 -21.09 8.52 -22.23
CA TRP B 609 -19.93 9.32 -22.63
C TRP B 609 -18.85 8.44 -23.27
N ILE B 610 -18.64 7.25 -22.71
CA ILE B 610 -17.61 6.33 -23.20
C ILE B 610 -17.92 5.91 -24.64
N LYS B 611 -19.20 5.74 -24.95
CA LYS B 611 -19.60 5.26 -26.27
C LYS B 611 -19.16 6.22 -27.38
N LEU B 612 -18.85 7.47 -27.05
CA LEU B 612 -18.50 8.46 -28.06
C LEU B 612 -17.25 8.08 -28.85
N PHE B 613 -16.40 7.19 -28.31
CA PHE B 613 -15.15 6.86 -28.97
C PHE B 613 -15.34 6.23 -30.33
N LYS B 614 -16.54 5.70 -30.61
CA LYS B 614 -16.82 5.08 -31.90
C LYS B 614 -16.82 6.11 -33.02
N PHE B 615 -17.05 7.37 -32.67
CA PHE B 615 -17.34 8.42 -33.65
C PHE B 615 -16.13 9.26 -34.01
N ILE B 616 -14.95 8.91 -33.52
CA ILE B 616 -13.74 9.71 -33.74
C ILE B 616 -12.77 8.87 -34.55
N ASN B 617 -12.91 8.94 -35.88
CA ASN B 617 -11.95 8.36 -36.81
C ASN B 617 -11.78 9.24 -38.05
N PHE B 618 -11.91 10.56 -37.88
CA PHE B 618 -12.08 11.47 -39.01
C PHE B 618 -10.77 11.81 -39.71
N ASN B 619 -9.65 11.24 -39.29
CA ASN B 619 -8.39 11.48 -39.98
C ASN B 619 -7.41 10.37 -39.61
N ARG B 620 -6.21 10.45 -40.17
CA ARG B 620 -5.23 9.37 -40.04
C ARG B 620 -4.78 9.19 -38.59
N THR B 621 -4.56 10.30 -37.89
CA THR B 621 -3.96 10.23 -36.56
C THR B 621 -4.88 9.55 -35.56
N MET B 622 -6.14 9.99 -35.50
CA MET B 622 -7.09 9.37 -34.58
C MET B 622 -7.33 7.92 -34.94
N SER B 623 -7.42 7.60 -36.23
CA SER B 623 -7.63 6.22 -36.65
C SER B 623 -6.48 5.34 -36.22
N GLN B 624 -5.24 5.81 -36.39
CA GLN B 624 -4.10 5.00 -36.00
C GLN B 624 -3.98 4.88 -34.49
N LEU B 625 -4.34 5.92 -33.74
CA LEU B 625 -4.35 5.81 -32.29
C LEU B 625 -5.38 4.79 -31.83
N SER B 626 -6.57 4.80 -32.45
CA SER B 626 -7.59 3.83 -32.11
C SER B 626 -7.14 2.41 -32.46
N THR B 627 -6.48 2.25 -33.61
CA THR B 627 -5.97 0.93 -33.98
C THR B 627 -4.93 0.44 -32.98
N THR B 628 -4.01 1.32 -32.56
CA THR B 628 -3.02 0.94 -31.57
C THR B 628 -3.67 0.56 -30.25
N MET B 629 -4.64 1.35 -29.81
CA MET B 629 -5.32 1.09 -28.54
C MET B 629 -6.11 -0.21 -28.58
N SER B 630 -6.73 -0.54 -29.71
CA SER B 630 -7.50 -1.78 -29.81
C SER B 630 -6.59 -3.00 -29.91
N ARG B 631 -5.56 -2.92 -30.76
CA ARG B 631 -4.66 -4.06 -30.95
C ARG B 631 -3.86 -4.36 -29.69
N CYS B 632 -3.67 -3.37 -28.81
CA CYS B 632 -2.88 -3.54 -27.60
C CYS B 632 -3.71 -4.10 -26.45
N ALA B 633 -5.00 -4.33 -26.66
CA ALA B 633 -5.89 -4.86 -25.63
C ALA B 633 -5.92 -6.39 -25.61
N LYS B 634 -5.67 -7.04 -26.75
CA LYS B 634 -5.72 -8.49 -26.78
C LYS B 634 -4.62 -9.13 -25.95
N ASP B 635 -3.43 -8.53 -25.93
CA ASP B 635 -2.29 -9.09 -25.22
C ASP B 635 -2.08 -8.50 -23.84
N LEU B 636 -2.60 -7.30 -23.58
CA LEU B 636 -2.50 -6.73 -22.24
C LEU B 636 -3.39 -7.49 -21.27
N PHE B 637 -4.38 -8.21 -21.79
CA PHE B 637 -5.34 -8.93 -20.95
C PHE B 637 -4.66 -10.02 -20.15
N GLY B 638 -3.73 -10.75 -20.75
CA GLY B 638 -3.03 -11.81 -20.05
C GLY B 638 -2.16 -11.29 -18.93
N PHE B 639 -1.39 -10.24 -19.21
CA PHE B 639 -0.55 -9.66 -18.17
C PHE B 639 -1.39 -9.02 -17.07
N ALA B 640 -2.54 -8.46 -17.42
CA ALA B 640 -3.42 -7.92 -16.38
C ALA B 640 -3.87 -9.00 -15.42
N ILE B 641 -4.23 -10.17 -15.95
CA ILE B 641 -4.63 -11.29 -15.09
C ILE B 641 -3.46 -11.74 -14.23
N MET B 642 -2.28 -11.92 -14.85
CA MET B 642 -1.13 -12.40 -14.09
C MET B 642 -0.68 -11.41 -13.03
N PHE B 643 -0.86 -10.11 -13.27
CA PHE B 643 -0.54 -9.07 -12.31
C PHE B 643 -1.57 -8.99 -11.19
N PHE B 644 -2.85 -9.12 -11.52
CA PHE B 644 -3.88 -9.10 -10.48
C PHE B 644 -3.80 -10.33 -9.58
N ILE B 645 -3.32 -11.45 -10.10
CA ILE B 645 -3.15 -12.63 -9.24
C ILE B 645 -2.13 -12.35 -8.14
N ILE B 646 -0.99 -11.76 -8.51
CA ILE B 646 0.02 -11.41 -7.51
C ILE B 646 -0.48 -10.31 -6.60
N PHE B 647 -1.27 -9.37 -7.16
CA PHE B 647 -1.86 -8.31 -6.36
C PHE B 647 -2.74 -8.89 -5.26
N LEU B 648 -3.60 -9.85 -5.62
CA LEU B 648 -4.47 -10.47 -4.62
C LEU B 648 -3.68 -11.36 -3.66
N ALA B 649 -2.57 -11.95 -4.12
CA ALA B 649 -1.72 -12.70 -3.21
C ALA B 649 -1.15 -11.80 -2.12
N TYR B 650 -0.61 -10.65 -2.52
CA TYR B 650 -0.15 -9.66 -1.53
C TYR B 650 -1.29 -9.20 -0.64
N ALA B 651 -2.48 -8.99 -1.23
CA ALA B 651 -3.62 -8.51 -0.45
C ALA B 651 -3.99 -9.49 0.64
N GLN B 652 -4.08 -10.78 0.30
CA GLN B 652 -4.46 -11.77 1.29
C GLN B 652 -3.36 -11.98 2.32
N LEU B 653 -2.09 -11.89 1.90
CA LEU B 653 -1.00 -12.00 2.86
C LEU B 653 -1.05 -10.86 3.87
N ALA B 654 -1.23 -9.63 3.40
CA ALA B 654 -1.32 -8.48 4.29
C ALA B 654 -2.54 -8.59 5.20
N TYR B 655 -3.67 -9.04 4.66
CA TYR B 655 -4.88 -9.18 5.47
C TYR B 655 -4.69 -10.21 6.58
N LEU B 656 -3.98 -11.31 6.27
CA LEU B 656 -3.78 -12.34 7.27
C LEU B 656 -2.77 -11.90 8.33
N VAL B 657 -1.72 -11.18 7.93
CA VAL B 657 -0.66 -10.84 8.87
C VAL B 657 -1.01 -9.58 9.66
N PHE B 658 -1.15 -8.46 8.96
CA PHE B 658 -1.38 -7.16 9.60
C PHE B 658 -2.86 -6.87 9.84
N GLY B 659 -3.77 -7.72 9.39
CA GLY B 659 -5.18 -7.42 9.47
C GLY B 659 -5.81 -7.55 10.83
N THR B 660 -4.99 -7.45 11.88
CA THR B 660 -5.49 -7.55 13.25
C THR B 660 -5.06 -6.37 14.13
N GLN B 661 -4.07 -5.58 13.72
CA GLN B 661 -3.59 -4.48 14.54
C GLN B 661 -3.38 -3.16 13.81
N VAL B 662 -3.40 -3.14 12.48
CA VAL B 662 -3.09 -1.92 11.74
C VAL B 662 -4.31 -1.03 11.60
N ASP B 663 -5.44 -1.62 11.20
CA ASP B 663 -6.74 -1.05 10.85
C ASP B 663 -6.76 -0.44 9.44
N ASP B 664 -5.61 -0.33 8.76
CA ASP B 664 -5.62 -0.06 7.33
C ASP B 664 -5.75 -1.35 6.54
N PHE B 665 -5.32 -2.47 7.11
CA PHE B 665 -5.46 -3.79 6.51
C PHE B 665 -6.55 -4.61 7.17
N SER B 666 -7.47 -3.98 7.88
CA SER B 666 -8.48 -4.68 8.68
C SER B 666 -9.53 -5.39 7.84
N THR B 667 -9.53 -5.18 6.53
CA THR B 667 -10.50 -5.83 5.66
C THR B 667 -9.89 -6.03 4.27
N PHE B 668 -10.33 -7.07 3.55
CA PHE B 668 -9.71 -7.42 2.27
C PHE B 668 -9.76 -6.28 1.27
N GLN B 669 -10.94 -5.69 1.07
CA GLN B 669 -11.04 -4.55 0.15
C GLN B 669 -10.24 -3.37 0.68
N GLU B 670 -10.19 -3.20 2.00
CA GLU B 670 -9.33 -2.17 2.57
C GLU B 670 -7.87 -2.44 2.26
N CYS B 671 -7.48 -3.72 2.26
CA CYS B 671 -6.12 -4.07 1.87
C CYS B 671 -5.86 -3.69 0.43
N ILE B 672 -6.83 -3.95 -0.46
CA ILE B 672 -6.65 -3.59 -1.87
C ILE B 672 -6.50 -2.08 -2.02
N PHE B 673 -7.34 -1.32 -1.33
CA PHE B 673 -7.25 0.14 -1.41
C PHE B 673 -5.93 0.64 -0.86
N THR B 674 -5.45 0.04 0.23
CA THR B 674 -4.16 0.42 0.79
C THR B 674 -3.03 0.15 -0.20
N GLN B 675 -3.06 -1.00 -0.87
CA GLN B 675 -2.04 -1.27 -1.89
C GLN B 675 -2.10 -0.26 -3.04
N PHE B 676 -3.30 0.09 -3.49
CA PHE B 676 -3.40 1.09 -4.55
C PHE B 676 -2.88 2.44 -4.09
N ARG B 677 -3.16 2.81 -2.84
CA ARG B 677 -2.65 4.07 -2.31
C ARG B 677 -1.13 4.06 -2.23
N ILE B 678 -0.55 2.92 -1.85
CA ILE B 678 0.91 2.80 -1.83
C ILE B 678 1.47 2.96 -3.24
N ILE B 679 0.79 2.36 -4.21
CA ILE B 679 1.17 2.55 -5.61
C ILE B 679 1.16 4.02 -6.00
N LEU B 680 0.11 4.76 -5.62
CA LEU B 680 0.11 6.20 -5.85
C LEU B 680 1.22 6.90 -5.08
N GLY B 681 1.70 6.30 -4.00
CA GLY B 681 2.69 6.91 -3.14
C GLY B 681 2.15 7.74 -2.01
N ASP B 682 1.12 7.26 -1.31
CA ASP B 682 0.47 8.02 -0.26
C ASP B 682 0.71 7.48 1.14
N ILE B 683 0.78 6.16 1.30
CA ILE B 683 0.90 5.53 2.61
C ILE B 683 2.36 5.24 2.89
N ASN B 684 2.78 5.56 4.11
CA ASN B 684 4.12 5.24 4.59
C ASN B 684 4.00 4.19 5.70
N PHE B 685 5.05 3.38 5.83
CA PHE B 685 5.04 2.23 6.74
C PHE B 685 5.40 2.61 8.17
N ALA B 686 5.21 3.87 8.56
CA ALA B 686 5.63 4.32 9.87
C ALA B 686 4.88 3.63 11.01
N GLU B 687 3.77 2.96 10.70
CA GLU B 687 3.03 2.22 11.72
C GLU B 687 3.22 0.71 11.59
N ILE B 688 3.71 0.25 10.45
CA ILE B 688 3.81 -1.19 10.21
C ILE B 688 4.86 -1.81 11.13
N GLU B 689 5.95 -1.09 11.40
CA GLU B 689 6.96 -1.60 12.31
C GLU B 689 6.38 -1.86 13.68
N GLU B 690 5.56 -0.93 14.18
CA GLU B 690 4.84 -1.16 15.43
C GLU B 690 3.91 -2.36 15.30
N ALA B 691 3.24 -2.47 14.15
CA ALA B 691 2.41 -3.64 13.90
C ALA B 691 3.23 -4.92 13.87
N ASN B 692 4.38 -4.90 13.20
CA ASN B 692 5.25 -6.07 13.10
C ASN B 692 6.62 -5.60 12.63
N ARG B 693 7.65 -6.17 13.23
CA ARG B 693 9.03 -5.80 12.92
C ARG B 693 9.75 -6.81 12.05
N VAL B 694 9.28 -8.05 11.99
CA VAL B 694 9.92 -9.08 11.16
C VAL B 694 9.36 -9.04 9.76
N LEU B 695 8.05 -9.25 9.63
CA LEU B 695 7.40 -9.36 8.32
C LEU B 695 6.89 -8.03 7.79
N GLY B 696 7.07 -6.94 8.52
CA GLY B 696 6.62 -5.64 8.07
C GLY B 696 7.48 -5.04 6.98
N PRO B 697 8.73 -4.70 7.33
CA PRO B 697 9.63 -4.11 6.33
C PRO B 697 9.91 -5.05 5.17
N ILE B 698 9.96 -6.36 5.44
CA ILE B 698 10.17 -7.34 4.38
C ILE B 698 9.04 -7.24 3.34
N TYR B 699 7.79 -7.27 3.83
CA TYR B 699 6.65 -7.18 2.93
C TYR B 699 6.65 -5.86 2.17
N PHE B 700 6.92 -4.76 2.89
CA PHE B 700 6.88 -3.45 2.25
C PHE B 700 7.93 -3.36 1.15
N THR B 701 9.16 -3.76 1.45
CA THR B 701 10.23 -3.69 0.47
C THR B 701 9.95 -4.59 -0.73
N THR B 702 9.52 -5.82 -0.48
CA THR B 702 9.24 -6.74 -1.58
C THR B 702 8.13 -6.21 -2.48
N PHE B 703 7.07 -5.66 -1.88
CA PHE B 703 5.95 -5.16 -2.66
C PHE B 703 6.37 -3.94 -3.48
N VAL B 704 7.07 -2.99 -2.85
CA VAL B 704 7.47 -1.77 -3.53
C VAL B 704 8.59 -2.00 -4.54
N PHE B 705 9.29 -3.13 -4.47
CA PHE B 705 10.35 -3.43 -5.42
C PHE B 705 9.84 -4.27 -6.59
N PHE B 706 9.14 -5.38 -6.31
CA PHE B 706 8.74 -6.28 -7.39
C PHE B 706 7.57 -5.74 -8.20
N MET B 707 6.66 -4.96 -7.58
CA MET B 707 5.46 -4.53 -8.26
C MET B 707 5.51 -3.04 -8.60
N PHE B 708 6.67 -2.41 -8.43
CA PHE B 708 6.85 -1.02 -8.81
C PHE B 708 8.09 -0.78 -9.64
N PHE B 709 9.04 -1.72 -9.68
CA PHE B 709 10.22 -1.62 -10.53
C PHE B 709 10.23 -2.62 -11.67
N ILE B 710 9.49 -3.73 -11.57
CA ILE B 710 9.53 -4.80 -12.56
C ILE B 710 8.15 -5.03 -13.18
N LEU B 711 7.16 -5.37 -12.35
CA LEU B 711 5.84 -5.72 -12.87
C LEU B 711 5.18 -4.52 -13.56
N LEU B 712 5.37 -3.33 -13.02
CA LEU B 712 4.67 -2.18 -13.56
C LEU B 712 5.26 -1.66 -14.87
N ASN B 713 6.42 -2.17 -15.32
CA ASN B 713 7.03 -1.70 -16.55
C ASN B 713 6.70 -2.56 -17.76
N MET B 714 6.17 -3.76 -17.57
CA MET B 714 5.72 -4.58 -18.69
C MET B 714 4.53 -3.89 -19.37
N PHE B 715 3.72 -3.18 -18.59
CA PHE B 715 2.64 -2.40 -19.17
C PHE B 715 3.16 -1.34 -20.12
N LEU B 716 4.23 -0.64 -19.75
CA LEU B 716 4.87 0.31 -20.65
C LEU B 716 5.48 -0.38 -21.87
N ALA B 717 6.16 -1.50 -21.65
CA ALA B 717 6.86 -2.19 -22.74
C ALA B 717 5.89 -2.66 -23.81
N ILE B 718 4.78 -3.28 -23.38
CA ILE B 718 3.82 -3.83 -24.34
C ILE B 718 3.21 -2.72 -25.18
N ILE B 719 2.80 -1.63 -24.51
CA ILE B 719 2.18 -0.51 -25.23
C ILE B 719 3.16 0.11 -26.20
N ASN B 720 4.40 0.31 -25.73
CA ASN B 720 5.47 0.93 -26.55
C ASN B 720 5.74 0.09 -27.81
N ASP B 721 5.85 -1.22 -27.66
CA ASP B 721 6.13 -2.12 -28.78
C ASP B 721 4.94 -2.18 -29.74
N THR B 722 3.72 -2.25 -29.20
CA THR B 722 2.54 -2.31 -30.05
C THR B 722 2.41 -1.04 -30.89
N TYR B 723 2.59 0.12 -30.25
CA TYR B 723 2.48 1.37 -31.00
C TYR B 723 3.56 1.47 -32.06
N SER B 724 4.78 1.05 -31.73
CA SER B 724 5.87 1.11 -32.70
C SER B 724 5.58 0.24 -33.91
N GLU B 725 5.14 -1.00 -33.68
CA GLU B 725 4.88 -1.89 -34.81
C GLU B 725 3.70 -1.42 -35.63
N VAL B 726 2.67 -0.86 -34.97
CA VAL B 726 1.50 -0.37 -35.70
C VAL B 726 1.90 0.80 -36.59
N LYS B 727 2.67 1.74 -36.06
CA LYS B 727 3.08 2.88 -36.86
C LYS B 727 3.97 2.44 -38.01
N SER B 728 4.88 1.49 -37.76
CA SER B 728 5.74 0.99 -38.82
C SER B 728 4.93 0.31 -39.92
N ASP B 729 3.93 -0.49 -39.54
CA ASP B 729 3.09 -1.15 -40.54
C ASP B 729 2.31 -0.13 -41.36
N LEU B 730 1.73 0.88 -40.69
CA LEU B 730 0.96 1.87 -41.43
C LEU B 730 1.84 2.74 -42.30
N ALA B 731 3.11 2.94 -41.94
CA ALA B 731 4.03 3.65 -42.81
C ALA B 731 4.42 2.79 -44.01
N GLN B 732 4.63 1.49 -43.78
CA GLN B 732 4.96 0.58 -44.88
C GLN B 732 3.77 0.42 -45.82
N GLN B 733 2.57 0.67 -45.33
CA GLN B 733 1.36 0.61 -46.17
C GLN B 733 1.40 1.65 -47.28
N LYS B 734 2.41 2.52 -47.28
CA LYS B 734 2.59 3.49 -48.35
C LYS B 734 3.67 3.11 -49.34
N ALA B 735 4.49 2.10 -49.04
CA ALA B 735 5.50 1.63 -49.99
C ALA B 735 4.90 0.74 -51.06
N GLU B 736 3.70 0.20 -50.84
CA GLU B 736 3.01 -0.60 -51.83
C GLU B 736 2.14 0.26 -52.73
N MET B 737 1.46 1.25 -52.17
CA MET B 737 0.61 2.15 -52.95
C MET B 737 1.45 3.18 -53.69
N LYS C 254 23.82 35.97 -45.66
CA LYS C 254 22.52 36.63 -45.77
C LYS C 254 21.54 36.13 -44.73
N TYR C 255 21.57 34.82 -44.47
CA TYR C 255 20.72 34.24 -43.43
C TYR C 255 21.20 34.65 -42.04
N LEU C 256 22.51 34.54 -41.80
CA LEU C 256 23.06 34.82 -40.49
C LEU C 256 22.84 36.28 -40.09
N LYS C 257 23.04 37.20 -41.04
CA LYS C 257 22.92 38.62 -40.73
C LYS C 257 21.49 38.97 -40.30
N SER C 258 20.50 38.58 -41.10
CA SER C 258 19.11 38.88 -40.76
C SER C 258 18.71 38.18 -39.47
N VAL C 259 19.14 36.93 -39.29
CA VAL C 259 18.79 36.20 -38.08
C VAL C 259 19.38 36.88 -36.84
N LEU C 260 20.63 37.33 -36.91
CA LEU C 260 21.24 37.98 -35.74
C LEU C 260 20.60 39.33 -35.47
N ARG C 261 20.21 40.06 -36.52
CA ARG C 261 19.48 41.31 -36.31
C ARG C 261 18.16 41.06 -35.59
N GLU C 262 17.40 40.05 -36.05
CA GLU C 262 16.15 39.71 -35.41
C GLU C 262 16.37 39.29 -33.96
N LEU C 263 17.40 38.47 -33.73
CA LEU C 263 17.69 38.01 -32.38
C LEU C 263 18.06 39.15 -31.45
N VAL C 264 18.89 40.09 -31.92
CA VAL C 264 19.30 41.18 -31.04
C VAL C 264 18.12 42.11 -30.75
N THR C 265 17.27 42.36 -31.75
CA THR C 265 16.08 43.17 -31.50
C THR C 265 15.17 42.50 -30.48
N TYR C 266 14.98 41.19 -30.62
CA TYR C 266 14.14 40.45 -29.66
C TYR C 266 14.74 40.49 -28.26
N LEU C 267 16.07 40.38 -28.16
CA LEU C 267 16.70 40.45 -26.85
C LEU C 267 16.52 41.82 -26.20
N LEU C 268 16.65 42.90 -26.98
CA LEU C 268 16.38 44.22 -26.42
C LEU C 268 14.94 44.33 -25.94
N PHE C 269 14.00 43.84 -26.75
CA PHE C 269 12.59 43.88 -26.37
C PHE C 269 12.37 43.11 -25.06
N LEU C 270 12.94 41.91 -24.97
CA LEU C 270 12.75 41.07 -23.81
C LEU C 270 13.36 41.70 -22.56
N ILE C 271 14.55 42.27 -22.68
CA ILE C 271 15.19 42.86 -21.49
C ILE C 271 14.44 44.11 -21.05
N VAL C 272 13.94 44.91 -22.00
CA VAL C 272 13.15 46.08 -21.62
C VAL C 272 11.89 45.65 -20.88
N LEU C 273 11.20 44.62 -21.39
CA LEU C 273 9.98 44.15 -20.75
C LEU C 273 10.29 43.59 -19.36
N CYS C 274 11.39 42.83 -19.23
CA CYS C 274 11.76 42.25 -17.95
C CYS C 274 12.10 43.30 -16.91
N ILE C 275 12.81 44.35 -17.30
CA ILE C 275 13.10 45.45 -16.37
C ILE C 275 11.81 46.18 -15.99
N LEU C 276 10.95 46.44 -16.98
CA LEU C 276 9.72 47.19 -16.72
C LEU C 276 8.81 46.45 -15.75
N THR C 277 8.64 45.13 -15.93
CA THR C 277 7.77 44.37 -15.06
C THR C 277 8.37 44.22 -13.66
N TYR C 278 9.68 43.98 -13.58
CA TYR C 278 10.33 43.78 -12.29
C TYR C 278 10.45 45.06 -11.49
N GLY C 279 10.47 46.22 -12.14
CA GLY C 279 10.48 47.47 -11.39
C GLY C 279 9.15 47.85 -10.80
N MET C 280 8.08 47.13 -11.14
CA MET C 280 6.74 47.39 -10.63
C MET C 280 6.45 46.61 -9.34
N MET C 281 7.34 45.69 -8.95
CA MET C 281 7.16 44.84 -7.78
C MET C 281 8.05 45.35 -6.65
N SER C 282 7.45 45.99 -5.66
CA SER C 282 8.13 46.37 -4.44
C SER C 282 7.70 45.39 -3.34
N SER C 283 8.66 45.00 -2.49
CA SER C 283 8.41 43.94 -1.52
C SER C 283 7.48 44.35 -0.38
N ASN C 284 7.14 45.64 -0.26
CA ASN C 284 6.30 46.07 0.85
C ASN C 284 4.81 45.82 0.60
N VAL C 285 4.43 45.54 -0.65
CA VAL C 285 3.02 45.30 -0.96
C VAL C 285 2.53 44.05 -0.24
N TYR C 286 3.34 42.99 -0.25
CA TYR C 286 3.02 41.78 0.50
C TYR C 286 2.84 42.05 1.97
N TYR C 287 3.76 42.81 2.56
CA TYR C 287 3.73 43.07 4.00
C TYR C 287 2.46 43.84 4.33
N TYR C 288 2.13 44.82 3.49
CA TYR C 288 0.95 45.64 3.71
C TYR C 288 -0.32 44.79 3.67
N THR C 289 -0.50 44.00 2.60
CA THR C 289 -1.71 43.19 2.50
C THR C 289 -1.80 42.17 3.62
N ARG C 290 -0.67 41.53 3.96
CA ARG C 290 -0.67 40.52 5.00
C ARG C 290 -1.06 41.11 6.34
N MET C 291 -0.49 42.28 6.69
CA MET C 291 -0.84 42.89 7.96
C MET C 291 -2.28 43.40 7.98
N MET C 292 -2.76 43.93 6.84
CA MET C 292 -4.16 44.35 6.77
C MET C 292 -5.10 43.18 7.00
N SER C 293 -4.81 42.05 6.37
CA SER C 293 -5.64 40.85 6.55
C SER C 293 -5.56 40.36 7.98
N GLN C 294 -4.36 40.32 8.55
CA GLN C 294 -4.20 39.86 9.92
C GLN C 294 -4.89 40.77 10.92
N LEU C 295 -5.04 42.05 10.58
CA LEU C 295 -5.71 42.99 11.48
C LEU C 295 -7.23 42.91 11.36
N PHE C 296 -7.75 42.84 10.13
CA PHE C 296 -9.20 42.89 9.95
C PHE C 296 -9.86 41.52 9.95
N LEU C 297 -9.10 40.42 9.92
CA LEU C 297 -9.70 39.10 9.75
C LEU C 297 -9.27 38.08 10.79
N ASP C 298 -8.30 38.40 11.65
CA ASP C 298 -7.78 37.39 12.58
C ASP C 298 -8.09 37.74 14.03
N THR C 299 -8.20 39.02 14.34
CA THR C 299 -8.49 39.45 15.70
C THR C 299 -9.87 38.95 16.11
N PRO C 300 -10.04 38.47 17.34
CA PRO C 300 -11.34 37.94 17.76
C PRO C 300 -12.41 39.03 17.74
N VAL C 301 -13.64 38.60 17.48
CA VAL C 301 -14.78 39.51 17.40
C VAL C 301 -14.98 40.20 18.74
N SER C 302 -14.77 39.46 19.83
CA SER C 302 -14.89 39.99 21.17
C SER C 302 -13.78 39.40 22.04
N LYS C 303 -13.62 39.98 23.23
CA LYS C 303 -12.55 39.55 24.14
C LYS C 303 -12.77 38.12 24.60
N THR C 304 -14.02 37.76 24.91
CA THR C 304 -14.33 36.44 25.46
C THR C 304 -14.66 35.41 24.37
N GLU C 305 -14.69 35.81 23.11
CA GLU C 305 -14.99 34.91 22.01
C GLU C 305 -13.80 34.78 21.07
N LYS C 306 -13.89 33.82 20.16
CA LYS C 306 -12.83 33.54 19.21
C LYS C 306 -13.31 33.52 17.77
N THR C 307 -14.58 33.78 17.51
CA THR C 307 -15.14 33.70 16.17
C THR C 307 -14.76 34.96 15.40
N ASN C 308 -13.61 34.92 14.75
CA ASN C 308 -13.17 36.01 13.89
C ASN C 308 -14.01 36.06 12.62
N PHE C 309 -13.81 37.11 11.82
CA PHE C 309 -14.58 37.29 10.61
C PHE C 309 -14.44 36.11 9.65
N LYS C 310 -13.28 35.44 9.65
CA LYS C 310 -13.07 34.30 8.78
C LYS C 310 -13.97 33.11 9.12
N THR C 311 -14.49 33.05 10.35
CA THR C 311 -15.31 31.92 10.78
C THR C 311 -16.66 32.39 11.31
N LEU C 312 -17.31 33.30 10.58
CA LEU C 312 -18.66 33.70 10.94
C LEU C 312 -19.63 32.54 10.76
N SER C 313 -20.62 32.43 11.64
CA SER C 313 -21.53 31.29 11.58
C SER C 313 -22.99 31.67 11.82
N SER C 314 -23.31 32.94 11.97
CA SER C 314 -24.69 33.34 12.20
C SER C 314 -24.85 34.81 11.84
N MET C 315 -26.10 35.22 11.64
CA MET C 315 -26.43 36.61 11.37
C MET C 315 -26.26 37.51 12.58
N GLU C 316 -26.14 36.92 13.77
CA GLU C 316 -25.89 37.65 15.01
C GLU C 316 -24.40 37.92 15.24
N ASP C 317 -23.53 37.01 14.81
CA ASP C 317 -22.10 37.24 14.95
C ASP C 317 -21.65 38.41 14.08
N PHE C 318 -22.32 38.63 12.95
CA PHE C 318 -21.99 39.76 12.09
C PHE C 318 -22.26 41.07 12.81
N TRP C 319 -23.35 41.15 13.56
CA TRP C 319 -23.65 42.34 14.34
C TRP C 319 -22.63 42.60 15.44
N LYS C 320 -21.96 41.56 15.94
CA LYS C 320 -20.87 41.74 16.88
C LYS C 320 -19.59 42.17 16.16
N PHE C 321 -19.38 41.66 14.95
CA PHE C 321 -18.20 42.04 14.18
C PHE C 321 -18.24 43.51 13.79
N THR C 322 -19.41 43.98 13.38
CA THR C 322 -19.52 45.39 12.98
C THR C 322 -19.39 46.35 14.15
N GLU C 323 -19.37 45.83 15.39
CA GLU C 323 -19.12 46.65 16.57
C GLU C 323 -17.85 46.26 17.31
N GLY C 324 -17.15 45.22 16.86
CA GLY C 324 -15.96 44.76 17.54
C GLY C 324 -14.68 45.00 16.77
N SER C 325 -14.21 43.95 16.07
CA SER C 325 -12.93 44.04 15.38
C SER C 325 -12.93 45.11 14.30
N LEU C 326 -14.09 45.35 13.67
CA LEU C 326 -14.15 46.30 12.57
C LEU C 326 -13.81 47.70 13.03
N LEU C 327 -14.47 48.17 14.10
CA LEU C 327 -14.25 49.53 14.58
C LEU C 327 -12.82 49.69 15.12
N ASP C 328 -12.33 48.68 15.84
CA ASP C 328 -10.99 48.75 16.40
C ASP C 328 -9.94 48.82 15.30
N GLY C 329 -10.05 47.95 14.29
CA GLY C 329 -9.09 47.97 13.20
C GLY C 329 -9.16 49.23 12.37
N LEU C 330 -10.37 49.67 12.05
CA LEU C 330 -10.54 50.87 11.23
C LEU C 330 -10.10 52.11 11.98
N TYR C 331 -10.60 52.28 13.20
CA TYR C 331 -10.25 53.43 14.04
C TYR C 331 -9.17 53.04 15.06
N TRP C 332 -8.00 52.74 14.53
CA TRP C 332 -6.90 52.24 15.34
C TRP C 332 -6.42 53.31 16.33
N LYS C 333 -5.54 52.89 17.23
CA LYS C 333 -4.97 53.76 18.25
C LYS C 333 -4.31 54.99 17.64
N TYR C 350 -0.89 49.25 9.03
CA TYR C 350 -1.22 48.95 10.42
C TYR C 350 -1.29 50.25 11.22
N GLU C 351 -0.36 51.16 10.90
CA GLU C 351 -0.36 52.52 11.44
C GLU C 351 -1.06 53.49 10.50
N ASN C 352 -2.06 53.03 9.77
CA ASN C 352 -2.67 53.76 8.67
C ASN C 352 -3.61 54.85 9.19
N LEU C 353 -4.16 55.63 8.25
CA LEU C 353 -5.15 56.64 8.53
C LEU C 353 -6.28 56.52 7.53
N LEU C 354 -7.49 56.85 7.96
CA LEU C 354 -8.67 56.75 7.11
C LEU C 354 -8.72 57.92 6.14
N LEU C 355 -9.39 57.69 5.01
CA LEU C 355 -9.66 58.74 4.04
C LEU C 355 -11.08 58.55 3.51
N GLY C 356 -11.81 59.63 3.38
CA GLY C 356 -13.21 59.58 2.98
C GLY C 356 -14.08 59.10 4.12
N VAL C 357 -14.90 58.07 3.86
CA VAL C 357 -15.78 57.51 4.89
C VAL C 357 -16.24 56.14 4.42
N PRO C 358 -16.32 55.15 5.31
CA PRO C 358 -16.78 53.81 4.90
C PRO C 358 -18.26 53.82 4.57
N ARG C 359 -18.66 52.87 3.72
CA ARG C 359 -20.05 52.73 3.30
C ARG C 359 -20.49 51.28 3.46
N ILE C 360 -21.73 51.09 3.93
CA ILE C 360 -22.30 49.77 4.13
C ILE C 360 -23.57 49.66 3.31
N ARG C 361 -23.67 48.60 2.52
CA ARG C 361 -24.76 48.42 1.57
C ARG C 361 -25.38 47.04 1.74
N GLN C 362 -26.68 46.97 1.48
CA GLN C 362 -27.48 45.77 1.74
C GLN C 362 -28.28 45.41 0.51
N LEU C 363 -28.35 44.12 0.21
CA LEU C 363 -29.13 43.59 -0.90
C LEU C 363 -30.10 42.55 -0.36
N ARG C 364 -31.39 42.77 -0.62
CA ARG C 364 -32.46 41.93 -0.08
C ARG C 364 -33.36 41.45 -1.22
N VAL C 365 -34.17 40.44 -0.91
CA VAL C 365 -35.19 39.95 -1.83
C VAL C 365 -36.56 40.16 -1.16
N ARG C 366 -37.61 40.03 -1.96
CA ARG C 366 -38.97 40.38 -1.54
C ARG C 366 -39.75 39.13 -1.17
N ASN C 367 -40.74 39.31 -0.28
CA ASN C 367 -41.64 38.25 0.16
C ASN C 367 -42.55 37.81 -0.98
N GLY C 368 -43.02 36.56 -0.94
CA GLY C 368 -43.94 36.07 -1.95
C GLY C 368 -43.31 35.69 -3.26
N SER C 369 -42.06 35.26 -3.27
CA SER C 369 -41.35 34.98 -4.52
C SER C 369 -41.47 33.51 -4.95
N CYS C 370 -42.32 32.71 -4.33
CA CYS C 370 -42.55 31.35 -4.79
C CYS C 370 -43.95 31.22 -5.35
N SER C 371 -44.21 30.05 -5.92
CA SER C 371 -45.55 29.47 -5.95
C SER C 371 -45.57 28.31 -4.96
N ILE C 372 -45.98 28.60 -3.72
CA ILE C 372 -45.93 27.63 -2.63
C ILE C 372 -46.85 26.46 -2.96
N PRO C 373 -46.43 25.22 -2.72
CA PRO C 373 -47.32 24.09 -2.94
C PRO C 373 -48.60 24.23 -2.14
N GLN C 374 -49.73 23.93 -2.79
CA GLN C 374 -51.03 24.17 -2.18
C GLN C 374 -51.24 23.30 -0.96
N ASP C 375 -50.61 22.13 -0.93
CA ASP C 375 -50.77 21.16 0.14
C ASP C 375 -50.45 21.75 1.50
N LEU C 376 -49.21 22.20 1.69
CA LEU C 376 -48.77 22.75 2.96
C LEU C 376 -48.70 24.27 2.97
N ARG C 377 -49.50 24.94 2.14
CA ARG C 377 -49.51 26.40 2.10
C ARG C 377 -50.05 26.99 3.40
N ASP C 378 -50.75 26.17 4.18
CA ASP C 378 -51.32 26.64 5.44
C ASP C 378 -50.27 26.77 6.54
N GLU C 379 -49.23 25.94 6.51
CA GLU C 379 -48.21 25.99 7.56
C GLU C 379 -47.22 27.11 7.33
N ILE C 380 -46.50 27.08 6.20
CA ILE C 380 -45.56 28.14 5.88
C ILE C 380 -46.30 29.33 5.27
N LYS C 381 -45.65 30.50 5.31
CA LYS C 381 -46.30 31.72 4.85
C LYS C 381 -45.43 32.62 3.99
N GLU C 382 -44.15 32.31 3.76
CA GLU C 382 -43.33 33.21 2.97
C GLU C 382 -42.12 32.46 2.40
N CYS C 383 -41.73 32.82 1.18
CA CYS C 383 -40.41 32.49 0.64
C CYS C 383 -39.58 33.75 0.56
N TYR C 384 -38.29 33.59 0.82
CA TYR C 384 -37.27 34.58 0.48
C TYR C 384 -36.34 33.86 -0.50
N ASP C 385 -36.69 33.91 -1.78
CA ASP C 385 -36.04 33.11 -2.80
C ASP C 385 -34.56 33.51 -2.94
N VAL C 386 -33.81 32.65 -3.63
CA VAL C 386 -32.39 32.95 -3.86
C VAL C 386 -32.28 34.23 -4.69
N TYR C 387 -31.16 34.92 -4.51
CA TYR C 387 -31.02 36.25 -5.09
C TYR C 387 -31.07 36.21 -6.61
N SER C 388 -31.84 37.13 -7.18
CA SER C 388 -31.94 37.29 -8.63
C SER C 388 -32.44 38.71 -8.90
N VAL C 389 -32.18 39.19 -10.12
CA VAL C 389 -32.56 40.56 -10.47
C VAL C 389 -34.08 40.70 -10.47
N SER C 390 -34.79 39.66 -10.90
CA SER C 390 -36.24 39.73 -10.99
C SER C 390 -36.92 39.62 -9.63
N SER C 391 -36.20 39.19 -8.60
CA SER C 391 -36.78 38.96 -7.29
C SER C 391 -36.23 39.91 -6.24
N GLU C 392 -35.70 41.06 -6.68
CA GLU C 392 -35.16 42.03 -5.74
C GLU C 392 -36.30 42.87 -5.15
N ASP C 393 -36.09 43.33 -3.92
CA ASP C 393 -37.10 44.05 -3.14
C ASP C 393 -36.83 45.54 -3.29
N ARG C 394 -37.58 46.20 -4.17
CA ARG C 394 -37.45 47.63 -4.40
C ARG C 394 -38.34 48.48 -3.51
N ALA C 395 -39.22 47.86 -2.74
CA ALA C 395 -40.14 48.59 -1.88
C ALA C 395 -39.44 49.06 -0.61
N PRO C 396 -39.87 50.19 -0.06
CA PRO C 396 -39.32 50.65 1.22
C PRO C 396 -39.80 49.76 2.36
N PHE C 397 -39.05 49.78 3.46
CA PHE C 397 -39.35 48.95 4.62
C PHE C 397 -38.79 49.65 5.85
N GLY C 398 -39.37 49.33 7.01
CA GLY C 398 -38.96 49.91 8.26
C GLY C 398 -39.33 51.38 8.33
N PRO C 399 -38.74 52.10 9.28
CA PRO C 399 -38.96 53.55 9.35
C PRO C 399 -38.34 54.24 8.15
N ARG C 400 -39.17 54.93 7.38
CA ARG C 400 -38.73 55.57 6.14
C ARG C 400 -37.95 56.85 6.45
N ASN C 401 -36.78 56.66 7.05
CA ASN C 401 -35.94 57.78 7.46
C ASN C 401 -35.16 58.35 6.29
N GLY C 402 -34.29 57.55 5.69
CA GLY C 402 -33.43 58.03 4.63
C GLY C 402 -32.97 56.97 3.65
N THR C 403 -31.69 57.05 3.26
CA THR C 403 -31.16 56.14 2.26
C THR C 403 -31.12 54.70 2.76
N ALA C 404 -30.99 54.51 4.07
CA ALA C 404 -30.88 53.18 4.65
C ALA C 404 -32.18 52.38 4.57
N TRP C 405 -33.30 52.97 4.16
CA TRP C 405 -34.56 52.24 4.10
C TRP C 405 -35.30 52.49 2.78
N ILE C 406 -34.59 53.02 1.78
CA ILE C 406 -35.20 53.31 0.49
C ILE C 406 -34.32 52.73 -0.60
N TYR C 407 -34.95 52.06 -1.57
CA TYR C 407 -34.23 51.48 -2.67
C TYR C 407 -33.63 52.57 -3.56
N THR C 408 -32.38 52.36 -3.97
CA THR C 408 -31.68 53.30 -4.83
C THR C 408 -31.25 52.55 -6.08
N SER C 409 -31.47 53.16 -7.25
CA SER C 409 -31.14 52.50 -8.51
C SER C 409 -29.65 52.33 -8.65
N GLU C 410 -29.25 51.38 -9.51
CA GLU C 410 -27.83 51.11 -9.75
C GLU C 410 -27.15 52.32 -10.37
N LYS C 411 -27.82 52.99 -11.30
CA LYS C 411 -27.20 54.11 -12.01
C LYS C 411 -27.03 55.32 -11.10
N ASP C 412 -27.92 55.49 -10.12
CA ASP C 412 -27.85 56.63 -9.21
C ASP C 412 -26.57 56.60 -8.39
N LEU C 413 -26.12 55.38 -8.14
CA LEU C 413 -24.91 55.08 -7.38
C LEU C 413 -23.99 54.23 -8.27
N ASN C 414 -22.85 54.80 -8.59
CA ASN C 414 -21.83 54.19 -9.45
C ASN C 414 -21.62 52.70 -9.16
N GLY C 415 -22.54 51.81 -9.54
CA GLY C 415 -22.23 50.45 -9.14
C GLY C 415 -22.01 49.52 -10.32
N SER C 416 -21.57 48.32 -9.99
CA SER C 416 -21.31 47.28 -10.98
C SER C 416 -21.43 45.94 -10.26
N SER C 417 -21.46 44.86 -11.06
CA SER C 417 -21.60 43.53 -10.51
C SER C 417 -20.38 43.15 -9.68
N HIS C 418 -20.49 42.06 -8.91
CA HIS C 418 -19.39 41.66 -8.04
C HIS C 418 -18.97 40.20 -8.19
N TRP C 419 -19.85 39.31 -8.64
CA TRP C 419 -19.57 37.89 -8.81
C TRP C 419 -19.05 37.28 -7.50
N GLY C 420 -19.96 37.24 -6.53
CA GLY C 420 -19.67 36.60 -5.26
C GLY C 420 -19.54 35.10 -5.38
N ILE C 421 -19.46 34.41 -4.25
CA ILE C 421 -19.29 32.96 -4.25
C ILE C 421 -20.55 32.26 -4.75
N ILE C 422 -21.73 32.67 -4.28
CA ILE C 422 -22.96 31.99 -4.65
C ILE C 422 -23.46 32.49 -6.00
N ALA C 423 -23.58 33.80 -6.16
CA ALA C 423 -24.09 34.38 -7.39
C ALA C 423 -23.49 35.75 -7.59
N THR C 424 -23.77 36.34 -8.75
CA THR C 424 -23.30 37.68 -9.09
C THR C 424 -24.37 38.69 -8.65
N TYR C 425 -23.96 39.64 -7.82
CA TYR C 425 -24.90 40.62 -7.27
C TYR C 425 -24.89 41.90 -8.09
N SER C 426 -25.94 42.70 -7.90
CA SER C 426 -26.11 43.93 -8.65
C SER C 426 -25.44 45.08 -7.90
N GLY C 427 -25.56 46.30 -8.46
CA GLY C 427 -24.94 47.47 -7.85
C GLY C 427 -25.91 48.32 -7.07
N ALA C 428 -27.19 47.97 -7.12
CA ALA C 428 -28.23 48.69 -6.38
C ALA C 428 -28.23 48.23 -4.93
N GLY C 429 -29.26 48.61 -4.18
CA GLY C 429 -29.43 48.18 -2.81
C GLY C 429 -29.62 49.34 -1.88
N TYR C 430 -29.80 49.01 -0.60
CA TYR C 430 -29.99 50.01 0.44
C TYR C 430 -28.64 50.34 1.05
N TYR C 431 -28.18 51.58 0.84
CA TYR C 431 -26.84 51.98 1.25
C TYR C 431 -26.91 52.96 2.40
N LEU C 432 -25.79 53.07 3.13
CA LEU C 432 -25.68 54.02 4.21
C LEU C 432 -24.21 54.38 4.40
N ASP C 433 -23.94 55.67 4.57
CA ASP C 433 -22.60 56.16 4.80
C ASP C 433 -22.42 56.48 6.28
N LEU C 434 -21.35 55.96 6.86
CA LEU C 434 -21.07 56.16 8.28
C LEU C 434 -20.45 57.54 8.49
N SER C 435 -19.87 57.76 9.66
CA SER C 435 -19.21 59.01 9.99
C SER C 435 -17.70 58.80 10.07
N ARG C 436 -16.98 59.85 10.48
CA ARG C 436 -15.53 59.82 10.50
C ARG C 436 -14.96 59.22 11.78
N THR C 437 -15.45 59.64 12.95
CA THR C 437 -14.91 59.17 14.22
C THR C 437 -15.73 57.99 14.73
N ARG C 438 -15.30 57.44 15.87
CA ARG C 438 -15.86 56.19 16.36
C ARG C 438 -17.28 56.37 16.89
N GLU C 439 -17.54 57.47 17.60
CA GLU C 439 -18.79 57.60 18.34
C GLU C 439 -20.01 57.60 17.43
N GLU C 440 -19.97 58.40 16.36
CA GLU C 440 -21.15 58.52 15.50
C GLU C 440 -21.38 57.25 14.69
N THR C 441 -20.31 56.61 14.23
CA THR C 441 -20.47 55.33 13.53
C THR C 441 -21.05 54.28 14.46
N ALA C 442 -20.57 54.24 15.71
CA ALA C 442 -21.12 53.29 16.69
C ALA C 442 -22.60 53.57 16.93
N ALA C 443 -22.96 54.85 17.05
CA ALA C 443 -24.36 55.21 17.27
C ALA C 443 -25.23 54.79 16.08
N GLN C 444 -24.73 55.01 14.86
CA GLN C 444 -25.51 54.62 13.68
C GLN C 444 -25.67 53.11 13.58
N VAL C 445 -24.60 52.37 13.90
CA VAL C 445 -24.69 50.90 13.87
C VAL C 445 -25.66 50.42 14.94
N ALA C 446 -25.63 51.02 16.13
CA ALA C 446 -26.58 50.66 17.17
C ALA C 446 -28.01 50.97 16.76
N SER C 447 -28.22 52.10 16.07
CA SER C 447 -29.54 52.42 15.55
C SER C 447 -30.00 51.42 14.50
N LEU C 448 -29.11 50.96 13.63
CA LEU C 448 -29.47 49.92 12.66
C LEU C 448 -29.79 48.61 13.36
N LYS C 449 -29.07 48.28 14.42
CA LYS C 449 -29.32 47.03 15.14
C LYS C 449 -30.62 47.07 15.93
N LYS C 450 -30.95 48.25 16.48
CA LYS C 450 -32.17 48.38 17.29
C LYS C 450 -33.40 48.07 16.47
N ASN C 451 -33.45 48.52 15.23
CA ASN C 451 -34.48 48.11 14.28
C ASN C 451 -34.04 46.85 13.56
N VAL C 452 -34.96 46.28 12.78
CA VAL C 452 -34.66 45.08 12.02
C VAL C 452 -34.12 45.45 10.65
N TRP C 453 -32.82 45.72 10.57
CA TRP C 453 -32.19 46.01 9.28
C TRP C 453 -31.68 44.75 8.59
N LEU C 454 -31.13 43.80 9.34
CA LEU C 454 -30.74 42.51 8.80
C LEU C 454 -31.92 41.55 8.99
N ASP C 455 -32.93 41.74 8.15
CA ASP C 455 -34.15 40.95 8.23
C ASP C 455 -33.88 39.54 7.69
N ARG C 456 -34.93 38.72 7.69
CA ARG C 456 -34.82 37.38 7.11
C ARG C 456 -34.68 37.41 5.60
N GLY C 457 -34.99 38.53 4.94
CA GLY C 457 -34.96 38.60 3.50
C GLY C 457 -33.63 39.08 2.92
N THR C 458 -32.63 39.29 3.77
CA THR C 458 -31.34 39.77 3.32
C THR C 458 -30.64 38.73 2.46
N ARG C 459 -29.84 39.17 1.50
CA ARG C 459 -29.06 38.24 0.68
C ARG C 459 -27.62 38.67 0.47
N ALA C 460 -27.26 39.92 0.74
CA ALA C 460 -25.87 40.32 0.63
C ALA C 460 -25.62 41.55 1.48
N THR C 461 -24.40 41.65 2.00
CA THR C 461 -23.99 42.82 2.77
C THR C 461 -22.55 43.18 2.40
N PHE C 462 -22.35 44.42 1.95
CA PHE C 462 -21.05 44.92 1.54
C PHE C 462 -20.59 46.01 2.50
N ILE C 463 -19.31 45.98 2.85
CA ILE C 463 -18.66 47.06 3.59
C ILE C 463 -17.44 47.49 2.78
N ASP C 464 -17.36 48.79 2.47
CA ASP C 464 -16.32 49.28 1.58
C ASP C 464 -15.65 50.50 2.19
N PHE C 465 -14.32 50.55 2.12
CA PHE C 465 -13.62 51.78 2.48
C PHE C 465 -12.19 51.72 1.95
N SER C 466 -11.39 52.73 2.30
CA SER C 466 -10.04 52.87 1.81
C SER C 466 -9.19 53.61 2.84
N VAL C 467 -7.88 53.35 2.80
CA VAL C 467 -6.92 53.95 3.72
C VAL C 467 -5.68 54.35 2.94
N TYR C 468 -4.84 55.18 3.58
CA TYR C 468 -3.65 55.74 2.94
C TYR C 468 -2.34 55.25 3.55
N ASN C 469 -2.23 55.24 4.88
CA ASN C 469 -1.02 54.81 5.58
C ASN C 469 0.19 55.65 5.15
N ALA C 470 0.15 56.92 5.55
CA ALA C 470 1.16 57.90 5.12
C ALA C 470 2.59 57.46 5.41
N ASN C 471 2.80 56.45 6.26
CA ASN C 471 4.15 55.98 6.57
C ASN C 471 4.89 55.56 5.30
N ILE C 472 4.27 54.71 4.50
CA ILE C 472 4.78 54.31 3.19
C ILE C 472 3.68 54.59 2.17
N ASN C 473 4.05 55.18 1.04
CA ASN C 473 3.05 55.64 0.09
C ASN C 473 2.35 54.48 -0.59
N LEU C 474 1.19 54.10 -0.07
CA LEU C 474 0.41 52.98 -0.60
C LEU C 474 -1.06 53.09 -0.21
N PHE C 475 -1.92 53.42 -1.16
CA PHE C 475 -3.36 53.38 -0.95
C PHE C 475 -3.80 51.93 -0.76
N CYS C 476 -4.92 51.75 -0.05
CA CYS C 476 -5.49 50.43 0.11
C CYS C 476 -7.00 50.52 0.05
N VAL C 477 -7.61 49.79 -0.89
CA VAL C 477 -9.06 49.74 -1.04
C VAL C 477 -9.51 48.38 -0.54
N VAL C 478 -10.42 48.38 0.42
CA VAL C 478 -10.85 47.16 1.10
C VAL C 478 -12.36 47.00 0.94
N ARG C 479 -12.77 45.77 0.63
CA ARG C 479 -14.17 45.41 0.43
C ARG C 479 -14.44 44.09 1.14
N LEU C 480 -15.41 44.07 2.04
CA LEU C 480 -15.82 42.87 2.73
C LEU C 480 -17.25 42.52 2.33
N LEU C 481 -17.49 41.24 2.07
CA LEU C 481 -18.80 40.78 1.61
C LEU C 481 -19.26 39.65 2.52
N VAL C 482 -20.53 39.70 2.92
CA VAL C 482 -21.16 38.63 3.67
C VAL C 482 -22.40 38.20 2.92
N GLU C 483 -22.51 36.90 2.66
CA GLU C 483 -23.61 36.33 1.89
C GLU C 483 -24.47 35.45 2.78
N PHE C 484 -25.79 35.62 2.67
CA PHE C 484 -26.76 34.81 3.41
C PHE C 484 -27.50 33.95 2.41
N PRO C 485 -27.15 32.68 2.26
CA PRO C 485 -27.88 31.80 1.33
C PRO C 485 -29.29 31.54 1.80
N ALA C 486 -30.17 31.13 0.88
CA ALA C 486 -31.57 30.89 1.20
C ALA C 486 -31.79 29.67 2.07
N THR C 487 -30.73 28.98 2.51
CA THR C 487 -30.85 27.80 3.35
C THR C 487 -30.15 28.04 4.68
N GLY C 488 -30.05 29.30 5.08
CA GLY C 488 -29.39 29.66 6.32
C GLY C 488 -27.89 29.61 6.23
N GLY C 489 -27.20 30.16 7.23
CA GLY C 489 -25.76 30.18 7.26
C GLY C 489 -25.21 31.51 6.79
N VAL C 490 -23.88 31.63 6.88
CA VAL C 490 -23.17 32.85 6.51
C VAL C 490 -21.93 32.46 5.73
N ILE C 491 -21.67 33.22 4.66
CA ILE C 491 -20.48 33.01 3.84
C ILE C 491 -19.69 34.31 3.76
N PRO C 492 -18.53 34.40 4.40
CA PRO C 492 -17.73 35.63 4.31
C PRO C 492 -16.70 35.58 3.19
N SER C 493 -16.39 36.77 2.68
CA SER C 493 -15.35 36.92 1.66
C SER C 493 -14.78 38.34 1.78
N TRP C 494 -13.57 38.51 1.26
CA TRP C 494 -12.86 39.77 1.41
C TRP C 494 -12.02 40.03 0.18
N GLN C 495 -11.65 41.30 0.01
CA GLN C 495 -10.80 41.71 -1.11
C GLN C 495 -10.04 42.96 -0.69
N PHE C 496 -8.73 42.86 -0.60
CA PHE C 496 -7.85 43.98 -0.28
C PHE C 496 -6.97 44.26 -1.49
N GLN C 497 -7.00 45.50 -1.98
CA GLN C 497 -6.20 45.88 -3.15
C GLN C 497 -5.35 47.09 -2.80
N PRO C 498 -4.04 46.93 -2.70
CA PRO C 498 -3.15 48.09 -2.55
C PRO C 498 -2.81 48.72 -3.89
N LEU C 499 -2.48 50.01 -3.84
CA LEU C 499 -2.24 50.80 -5.03
C LEU C 499 -1.12 51.80 -4.77
N LYS C 500 -0.36 52.09 -5.82
CA LYS C 500 0.66 53.13 -5.79
C LYS C 500 0.43 54.04 -7.00
N LEU C 501 -0.01 55.27 -6.74
CA LEU C 501 -0.50 56.13 -7.81
C LEU C 501 0.10 57.52 -7.73
N ILE C 502 1.42 57.60 -7.56
CA ILE C 502 2.14 58.86 -7.70
C ILE C 502 3.14 58.72 -8.84
N ARG C 503 4.06 57.77 -8.70
CA ARG C 503 4.94 57.25 -9.73
C ARG C 503 5.95 58.27 -10.28
N TYR C 504 6.05 59.48 -9.71
CA TYR C 504 7.06 60.45 -10.11
C TYR C 504 7.72 61.00 -8.83
N VAL C 505 8.71 60.28 -8.32
CA VAL C 505 9.35 60.66 -7.05
C VAL C 505 10.87 60.70 -7.10
N THR C 506 11.54 59.96 -7.98
CA THR C 506 13.00 59.85 -7.96
C THR C 506 13.49 59.53 -9.37
N THR C 507 14.76 59.14 -9.50
CA THR C 507 15.32 58.85 -10.82
C THR C 507 14.81 57.52 -11.35
N PHE C 508 14.52 56.58 -10.45
CA PHE C 508 14.16 55.22 -10.86
C PHE C 508 12.91 55.23 -11.73
N ASP C 509 11.91 56.03 -11.36
CA ASP C 509 10.67 56.02 -12.13
C ASP C 509 10.78 56.86 -13.40
N PHE C 510 11.75 57.78 -13.49
CA PHE C 510 12.08 58.32 -14.80
C PHE C 510 12.66 57.25 -15.70
N PHE C 511 13.53 56.38 -15.15
CA PHE C 511 14.04 55.26 -15.92
C PHE C 511 12.90 54.36 -16.37
N LEU C 512 11.94 54.15 -15.47
CA LEU C 512 10.77 53.34 -15.76
C LEU C 512 9.93 53.98 -16.88
N ALA C 513 9.75 55.30 -16.85
CA ALA C 513 9.00 55.97 -17.90
C ALA C 513 9.72 55.87 -19.25
N ALA C 514 11.04 56.00 -19.24
CA ALA C 514 11.81 55.83 -20.47
C ALA C 514 11.64 54.41 -21.02
N CYS C 515 11.69 53.42 -20.13
CA CYS C 515 11.45 52.04 -20.54
C CYS C 515 10.05 51.87 -21.11
N GLU C 516 9.07 52.54 -20.49
CA GLU C 516 7.69 52.48 -20.99
C GLU C 516 7.59 53.04 -22.40
N ILE C 517 8.23 54.19 -22.64
CA ILE C 517 8.13 54.82 -23.95
C ILE C 517 8.86 54.00 -25.01
N ILE C 518 10.00 53.41 -24.64
CA ILE C 518 10.73 52.58 -25.62
C ILE C 518 9.98 51.28 -25.88
N PHE C 519 9.27 50.78 -24.87
CA PHE C 519 8.39 49.63 -25.07
C PHE C 519 7.27 49.97 -26.04
N CYS C 520 6.68 51.15 -25.91
CA CYS C 520 5.66 51.58 -26.86
C CYS C 520 6.22 51.69 -28.26
N PHE C 521 7.44 52.22 -28.40
CA PHE C 521 8.06 52.28 -29.71
C PHE C 521 8.30 50.89 -30.28
N PHE C 522 8.75 49.95 -29.44
CA PHE C 522 8.99 48.58 -29.88
C PHE C 522 7.71 47.93 -30.38
N ILE C 523 6.60 48.10 -29.64
CA ILE C 523 5.36 47.47 -30.05
C ILE C 523 4.81 48.14 -31.31
N PHE C 524 5.06 49.44 -31.48
CA PHE C 524 4.69 50.12 -32.71
C PHE C 524 5.46 49.52 -33.90
N TYR C 525 6.76 49.32 -33.72
CA TYR C 525 7.57 48.73 -34.78
C TYR C 525 7.09 47.32 -35.11
N TYR C 526 6.79 46.53 -34.09
CA TYR C 526 6.33 45.17 -34.32
C TYR C 526 4.98 45.15 -35.05
N VAL C 527 4.06 46.03 -34.66
CA VAL C 527 2.74 46.01 -35.29
C VAL C 527 2.82 46.49 -36.73
N VAL C 528 3.67 47.49 -37.02
CA VAL C 528 3.77 47.94 -38.41
C VAL C 528 4.46 46.88 -39.27
N GLU C 529 5.46 46.20 -38.70
CA GLU C 529 6.08 45.09 -39.42
C GLU C 529 5.06 43.99 -39.71
N GLU C 530 4.22 43.67 -38.73
CA GLU C 530 3.21 42.64 -38.91
C GLU C 530 2.19 43.03 -39.96
N ILE C 531 1.76 44.30 -39.96
CA ILE C 531 0.76 44.71 -40.94
C ILE C 531 1.35 44.70 -42.34
N LEU C 532 2.62 45.10 -42.49
CA LEU C 532 3.27 45.00 -43.79
C LEU C 532 3.38 43.55 -44.23
N GLU C 533 3.73 42.65 -43.30
CA GLU C 533 3.90 41.24 -43.64
C GLU C 533 2.58 40.62 -44.09
N ILE C 534 1.49 40.92 -43.37
CA ILE C 534 0.20 40.36 -43.77
C ILE C 534 -0.28 41.01 -45.06
N ARG C 535 0.11 42.26 -45.33
CA ARG C 535 -0.14 42.82 -46.67
C ARG C 535 0.59 42.04 -47.74
N ILE C 536 1.82 41.59 -47.47
CA ILE C 536 2.57 40.81 -48.45
C ILE C 536 1.90 39.46 -48.68
N HIS C 537 1.72 38.67 -47.61
CA HIS C 537 1.11 37.35 -47.70
C HIS C 537 -0.36 37.47 -47.34
N LYS C 538 -1.24 37.33 -48.34
CA LYS C 538 -2.67 37.52 -48.11
C LYS C 538 -3.21 36.52 -47.09
N LEU C 539 -2.82 35.25 -47.22
CA LEU C 539 -3.25 34.22 -46.28
C LEU C 539 -2.10 33.20 -46.22
N HIS C 540 -2.37 32.03 -45.63
CA HIS C 540 -1.39 30.95 -45.48
C HIS C 540 -0.32 31.43 -44.51
N TYR C 541 -0.58 32.58 -43.87
CA TYR C 541 0.34 33.17 -42.91
C TYR C 541 0.07 32.72 -41.49
N PHE C 542 -1.07 32.08 -41.23
CA PHE C 542 -1.47 31.65 -39.90
C PHE C 542 -1.26 30.15 -39.69
N ARG C 543 -0.18 29.62 -40.27
CA ARG C 543 0.11 28.20 -40.14
C ARG C 543 1.51 27.91 -39.60
N SER C 544 2.44 28.86 -39.70
CA SER C 544 3.80 28.63 -39.23
C SER C 544 3.84 28.47 -37.72
N PHE C 545 2.84 28.99 -37.02
CA PHE C 545 2.62 28.95 -35.58
C PHE C 545 3.58 29.88 -34.83
N TRP C 546 4.62 30.41 -35.49
CA TRP C 546 5.43 31.45 -34.89
C TRP C 546 4.95 32.85 -35.24
N ASN C 547 4.02 32.97 -36.18
CA ASN C 547 3.32 34.21 -36.43
C ASN C 547 2.01 34.28 -35.65
N CYS C 548 1.34 33.14 -35.49
CA CYS C 548 0.14 33.06 -34.67
C CYS C 548 0.41 33.39 -33.22
N LEU C 549 1.65 33.22 -32.75
CA LEU C 549 2.04 33.63 -31.40
C LEU C 549 2.49 35.09 -31.34
N ASP C 550 3.17 35.56 -32.38
CA ASP C 550 3.60 36.96 -32.42
C ASP C 550 2.38 37.87 -32.45
N VAL C 551 1.34 37.51 -33.21
CA VAL C 551 0.14 38.33 -33.24
C VAL C 551 -0.55 38.34 -31.88
N VAL C 552 -0.53 37.20 -31.17
CA VAL C 552 -1.12 37.16 -29.83
C VAL C 552 -0.35 38.08 -28.89
N ILE C 553 0.97 38.05 -28.96
CA ILE C 553 1.79 38.93 -28.13
C ILE C 553 1.49 40.38 -28.43
N VAL C 554 1.36 40.72 -29.72
CA VAL C 554 1.09 42.10 -30.11
C VAL C 554 -0.26 42.55 -29.59
N VAL C 555 -1.28 41.70 -29.73
CA VAL C 555 -2.63 42.05 -29.27
C VAL C 555 -2.64 42.23 -27.76
N LEU C 556 -1.97 41.32 -27.04
CA LEU C 556 -1.93 41.43 -25.59
C LEU C 556 -1.22 42.70 -25.15
N SER C 557 -0.13 43.05 -25.82
CA SER C 557 0.58 44.28 -25.48
C SER C 557 -0.26 45.52 -25.77
N VAL C 558 -1.00 45.51 -26.88
CA VAL C 558 -1.87 46.65 -27.21
C VAL C 558 -2.97 46.78 -26.15
N VAL C 559 -3.55 45.66 -25.75
CA VAL C 559 -4.57 45.71 -24.70
C VAL C 559 -3.98 46.23 -23.39
N ALA C 560 -2.76 45.79 -23.06
CA ALA C 560 -2.11 46.22 -21.83
C ALA C 560 -1.84 47.73 -21.86
N ILE C 561 -1.37 48.24 -23.01
CA ILE C 561 -1.06 49.67 -23.09
C ILE C 561 -2.36 50.49 -23.04
N GLY C 562 -3.42 49.98 -23.65
CA GLY C 562 -4.70 50.66 -23.55
C GLY C 562 -5.22 50.72 -22.12
N ILE C 563 -5.12 49.60 -21.40
CA ILE C 563 -5.53 49.58 -20.00
C ILE C 563 -4.68 50.52 -19.17
N ASN C 564 -3.37 50.57 -19.43
CA ASN C 564 -2.49 51.47 -18.68
C ASN C 564 -2.87 52.92 -18.93
N ILE C 565 -3.15 53.27 -20.19
CA ILE C 565 -3.58 54.65 -20.49
C ILE C 565 -4.88 54.97 -19.77
N TYR C 566 -5.82 54.01 -19.81
CA TYR C 566 -7.13 54.23 -19.18
C TYR C 566 -6.99 54.43 -17.67
N ARG C 567 -6.16 53.62 -17.02
CA ARG C 567 -6.04 53.69 -15.57
C ARG C 567 -5.05 54.74 -15.10
N THR C 568 -4.29 55.36 -16.01
CA THR C 568 -3.47 56.50 -15.64
C THR C 568 -4.07 57.84 -16.06
N SER C 569 -5.11 57.84 -16.90
CA SER C 569 -5.76 59.08 -17.28
C SER C 569 -6.46 59.72 -16.09
N ASN C 570 -7.17 58.91 -15.30
CA ASN C 570 -7.94 59.40 -14.16
C ASN C 570 -7.29 58.90 -12.88
N VAL C 571 -6.34 59.68 -12.36
CA VAL C 571 -5.66 59.38 -11.11
C VAL C 571 -5.76 60.60 -10.21
N GLU C 572 -6.03 61.76 -10.81
CA GLU C 572 -6.08 63.01 -10.06
C GLU C 572 -7.28 63.03 -9.10
N VAL C 573 -8.28 62.19 -9.36
CA VAL C 573 -9.53 62.27 -8.60
C VAL C 573 -9.31 61.98 -7.12
N LEU C 574 -8.32 61.16 -6.78
CA LEU C 574 -8.04 60.87 -5.39
C LEU C 574 -7.25 61.97 -4.70
N LEU C 575 -6.60 62.85 -5.47
CA LEU C 575 -5.76 63.89 -4.87
C LEU C 575 -6.59 64.79 -3.95
N GLN C 576 -7.81 65.11 -4.35
CA GLN C 576 -8.69 65.86 -3.46
C GLN C 576 -9.44 64.93 -2.51
N PHE C 577 -8.71 64.01 -1.89
CA PHE C 577 -9.27 63.19 -0.82
C PHE C 577 -8.31 63.15 0.37
N LEU C 578 -7.04 63.46 0.12
CA LEU C 578 -6.09 63.63 1.21
C LEU C 578 -6.34 64.93 1.97
N GLU C 579 -7.21 65.80 1.43
CA GLU C 579 -7.57 67.04 2.10
C GLU C 579 -8.67 66.80 3.13
N ASP C 580 -8.92 65.53 3.46
CA ASP C 580 -9.88 65.15 4.50
C ASP C 580 -11.30 65.62 4.16
N GLN C 581 -11.82 65.13 3.04
CA GLN C 581 -13.20 65.42 2.68
C GLN C 581 -14.16 64.58 3.52
N ASN C 582 -15.46 64.78 3.29
CA ASN C 582 -16.51 64.03 3.98
C ASN C 582 -17.46 63.47 2.92
N THR C 583 -17.10 62.31 2.37
CA THR C 583 -17.89 61.63 1.35
C THR C 583 -17.27 60.25 1.14
N PHE C 584 -17.88 59.47 0.25
CA PHE C 584 -17.41 58.12 -0.02
C PHE C 584 -16.53 58.14 -1.26
N PRO C 585 -15.26 57.73 -1.17
CA PRO C 585 -14.41 57.63 -2.36
C PRO C 585 -14.69 56.36 -3.13
N ASN C 586 -15.26 56.50 -4.32
CA ASN C 586 -15.55 55.36 -5.18
C ASN C 586 -14.28 54.92 -5.88
N PHE C 587 -13.70 53.80 -5.46
CA PHE C 587 -12.39 53.37 -5.93
C PHE C 587 -12.42 51.94 -6.46
N GLU C 588 -13.58 51.46 -6.89
CA GLU C 588 -13.68 50.09 -7.38
C GLU C 588 -13.04 49.95 -8.75
N HIS C 589 -13.20 50.95 -9.62
CA HIS C 589 -12.68 50.87 -10.97
C HIS C 589 -11.16 50.82 -10.98
N LEU C 590 -10.52 51.62 -10.13
CA LEU C 590 -9.06 51.64 -10.09
C LEU C 590 -8.51 50.27 -9.70
N ALA C 591 -9.07 49.68 -8.65
CA ALA C 591 -8.62 48.35 -8.22
C ALA C 591 -8.88 47.29 -9.29
N TYR C 592 -10.07 47.33 -9.90
CA TYR C 592 -10.41 46.34 -10.91
C TYR C 592 -9.46 46.43 -12.10
N TRP C 593 -9.17 47.65 -12.56
CA TRP C 593 -8.31 47.79 -13.72
C TRP C 593 -6.85 47.49 -13.37
N GLN C 594 -6.44 47.75 -12.13
CA GLN C 594 -5.12 47.33 -11.70
C GLN C 594 -4.99 45.81 -11.75
N ILE C 595 -6.01 45.11 -11.26
CA ILE C 595 -5.98 43.65 -11.28
C ILE C 595 -5.94 43.15 -12.71
N GLN C 596 -6.76 43.74 -13.58
CA GLN C 596 -6.80 43.33 -14.98
C GLN C 596 -5.46 43.57 -15.67
N PHE C 597 -4.84 44.72 -15.41
CA PHE C 597 -3.54 45.02 -16.01
C PHE C 597 -2.46 44.06 -15.52
N ASN C 598 -2.46 43.70 -14.25
CA ASN C 598 -1.55 42.67 -13.77
C ASN C 598 -1.79 41.34 -14.46
N ASN C 599 -3.06 40.95 -14.62
CA ASN C 599 -3.39 39.65 -15.21
C ASN C 599 -3.09 39.61 -16.70
N ILE C 600 -2.81 40.75 -17.31
CA ILE C 600 -2.42 40.83 -18.70
C ILE C 600 -0.90 40.89 -18.85
N ALA C 601 -0.23 41.65 -17.97
CA ALA C 601 1.23 41.67 -17.97
C ALA C 601 1.79 40.29 -17.67
N ALA C 602 1.21 39.59 -16.69
CA ALA C 602 1.70 38.28 -16.29
C ALA C 602 1.51 37.22 -17.35
N VAL C 603 0.69 37.47 -18.37
CA VAL C 603 0.55 36.55 -19.49
C VAL C 603 1.37 36.96 -20.70
N THR C 604 1.47 38.27 -20.98
CA THR C 604 2.34 38.69 -22.07
C THR C 604 3.79 38.38 -21.77
N VAL C 605 4.21 38.47 -20.50
CA VAL C 605 5.57 38.08 -20.14
C VAL C 605 5.78 36.58 -20.40
N PHE C 606 4.80 35.76 -19.99
CA PHE C 606 4.89 34.32 -20.21
C PHE C 606 5.04 34.02 -21.70
N PHE C 607 4.20 34.63 -22.53
CA PHE C 607 4.27 34.36 -23.96
C PHE C 607 5.54 34.88 -24.61
N VAL C 608 6.04 36.06 -24.21
CA VAL C 608 7.27 36.55 -24.81
C VAL C 608 8.45 35.67 -24.38
N TRP C 609 8.40 35.09 -23.17
CA TRP C 609 9.43 34.15 -22.77
C TRP C 609 9.34 32.86 -23.56
N ILE C 610 8.12 32.39 -23.81
CA ILE C 610 7.93 31.14 -24.57
C ILE C 610 8.38 31.30 -26.01
N LYS C 611 8.18 32.48 -26.60
CA LYS C 611 8.50 32.72 -28.00
C LYS C 611 9.98 32.49 -28.29
N LEU C 612 10.81 32.56 -27.25
CA LEU C 612 12.26 32.42 -27.38
C LEU C 612 12.69 31.06 -27.90
N PHE C 613 11.77 30.11 -28.12
CA PHE C 613 12.11 28.76 -28.57
C PHE C 613 12.32 28.67 -30.07
N LYS C 614 12.59 29.79 -30.75
CA LYS C 614 12.96 29.77 -32.16
C LYS C 614 14.37 30.26 -32.41
N PHE C 615 15.07 30.74 -31.38
CA PHE C 615 16.43 31.24 -31.51
C PHE C 615 17.44 30.34 -30.83
N ILE C 616 17.06 29.11 -30.48
CA ILE C 616 17.97 28.18 -29.83
C ILE C 616 18.06 26.89 -30.62
N ASN C 617 17.83 26.97 -31.93
CA ASN C 617 18.02 25.83 -32.81
C ASN C 617 19.41 25.82 -33.44
N PHE C 618 20.29 26.73 -33.03
CA PHE C 618 21.62 26.85 -33.59
C PHE C 618 22.54 25.69 -33.22
N ASN C 619 22.21 24.92 -32.19
CA ASN C 619 23.04 23.81 -31.77
C ASN C 619 22.65 22.54 -32.53
N ARG C 620 23.17 21.40 -32.10
CA ARG C 620 22.84 20.13 -32.74
C ARG C 620 21.79 19.38 -31.92
N THR C 621 22.06 19.19 -30.63
CA THR C 621 21.11 18.51 -29.75
C THR C 621 19.81 19.30 -29.63
N MET C 622 19.93 20.63 -29.50
CA MET C 622 18.75 21.48 -29.43
C MET C 622 17.92 21.38 -30.70
N SER C 623 18.57 21.33 -31.86
CA SER C 623 17.85 21.17 -33.12
C SER C 623 17.09 19.85 -33.14
N GLN C 624 17.71 18.78 -32.66
CA GLN C 624 17.04 17.48 -32.61
C GLN C 624 15.83 17.53 -31.68
N LEU C 625 15.96 18.15 -30.51
CA LEU C 625 14.83 18.26 -29.60
C LEU C 625 13.70 19.07 -30.22
N SER C 626 14.06 20.16 -30.91
CA SER C 626 13.07 21.01 -31.55
C SER C 626 12.29 20.25 -32.62
N THR C 627 13.00 19.54 -33.48
CA THR C 627 12.33 18.82 -34.56
C THR C 627 11.56 17.63 -34.00
N THR C 628 12.01 17.08 -32.87
CA THR C 628 11.26 16.02 -32.20
C THR C 628 9.91 16.55 -31.74
N MET C 629 9.91 17.66 -31.02
CA MET C 629 8.65 18.22 -30.52
C MET C 629 7.77 18.73 -31.65
N SER C 630 8.36 19.19 -32.75
CA SER C 630 7.56 19.63 -33.89
C SER C 630 7.03 18.45 -34.71
N ARG C 631 7.61 17.27 -34.56
CA ARG C 631 7.18 16.11 -35.33
C ARG C 631 6.20 15.21 -34.58
N CYS C 632 6.10 15.34 -33.26
CA CYS C 632 5.19 14.50 -32.48
C CYS C 632 4.10 15.35 -31.84
N ALA C 633 3.88 16.56 -32.37
CA ALA C 633 2.80 17.40 -31.87
C ALA C 633 1.44 16.95 -32.35
N LYS C 634 1.35 16.44 -33.58
CA LYS C 634 0.07 15.99 -34.13
C LYS C 634 -0.48 14.82 -33.34
N ASP C 635 0.36 13.82 -33.06
CA ASP C 635 -0.08 12.65 -32.30
C ASP C 635 -0.46 13.04 -30.88
N LEU C 636 0.33 13.91 -30.26
CA LEU C 636 0.04 14.34 -28.89
C LEU C 636 -1.31 15.06 -28.82
N PHE C 637 -1.56 15.95 -29.78
CA PHE C 637 -2.84 16.65 -29.83
C PHE C 637 -3.99 15.72 -30.14
N GLY C 638 -3.80 14.72 -31.00
CA GLY C 638 -4.86 13.78 -31.28
C GLY C 638 -5.15 12.84 -30.12
N PHE C 639 -4.16 12.59 -29.27
CA PHE C 639 -4.36 11.73 -28.11
C PHE C 639 -4.86 12.49 -26.89
N ALA C 640 -4.61 13.80 -26.81
CA ALA C 640 -5.09 14.59 -25.70
C ALA C 640 -6.61 14.72 -25.73
N ILE C 641 -7.22 14.36 -26.86
CA ILE C 641 -8.67 14.38 -26.99
C ILE C 641 -9.23 13.11 -26.39
N MET C 642 -8.66 11.96 -26.77
CA MET C 642 -9.11 10.69 -26.21
C MET C 642 -8.81 10.59 -24.72
N PHE C 643 -7.74 11.22 -24.25
CA PHE C 643 -7.48 11.24 -22.81
C PHE C 643 -8.49 12.11 -22.08
N PHE C 644 -8.76 13.30 -22.62
CA PHE C 644 -9.65 14.23 -21.92
C PHE C 644 -11.11 13.79 -21.96
N ILE C 645 -11.50 13.01 -22.96
CA ILE C 645 -12.86 12.47 -22.95
C ILE C 645 -13.07 11.56 -21.75
N ILE C 646 -12.12 10.65 -21.50
CA ILE C 646 -12.20 9.76 -20.34
C ILE C 646 -12.09 10.57 -19.06
N PHE C 647 -11.23 11.59 -19.06
CA PHE C 647 -11.05 12.43 -17.90
C PHE C 647 -12.37 13.12 -17.53
N LEU C 648 -13.08 13.64 -18.53
CA LEU C 648 -14.35 14.32 -18.27
C LEU C 648 -15.43 13.32 -17.89
N ALA C 649 -15.38 12.10 -18.43
CA ALA C 649 -16.33 11.08 -18.01
C ALA C 649 -16.19 10.77 -16.52
N TYR C 650 -14.93 10.58 -16.07
CA TYR C 650 -14.69 10.39 -14.64
C TYR C 650 -15.10 11.62 -13.83
N ALA C 651 -14.86 12.81 -14.36
CA ALA C 651 -15.25 14.02 -13.65
C ALA C 651 -16.75 14.07 -13.44
N GLN C 652 -17.53 13.75 -14.48
CA GLN C 652 -18.98 13.76 -14.37
C GLN C 652 -19.47 12.68 -13.42
N LEU C 653 -18.85 11.49 -13.47
CA LEU C 653 -19.21 10.43 -12.54
C LEU C 653 -19.00 10.86 -11.09
N ALA C 654 -17.81 11.42 -10.81
CA ALA C 654 -17.51 11.86 -9.45
C ALA C 654 -18.45 12.98 -9.01
N TYR C 655 -18.76 13.90 -9.93
CA TYR C 655 -19.68 14.98 -9.60
C TYR C 655 -21.06 14.44 -9.27
N LEU C 656 -21.54 13.45 -10.01
CA LEU C 656 -22.87 12.91 -9.73
C LEU C 656 -22.89 12.11 -8.43
N VAL C 657 -21.80 11.41 -8.11
CA VAL C 657 -21.81 10.57 -6.91
C VAL C 657 -21.46 11.38 -5.67
N PHE C 658 -20.35 12.13 -5.72
CA PHE C 658 -19.82 12.81 -4.57
C PHE C 658 -20.14 14.30 -4.53
N GLY C 659 -20.99 14.79 -5.43
CA GLY C 659 -21.19 16.21 -5.57
C GLY C 659 -22.07 16.86 -4.53
N THR C 660 -22.31 16.19 -3.41
CA THR C 660 -23.17 16.77 -2.38
C THR C 660 -22.57 16.77 -0.98
N GLN C 661 -21.60 15.91 -0.66
CA GLN C 661 -21.18 15.74 0.72
C GLN C 661 -19.68 15.73 0.96
N VAL C 662 -18.83 15.46 -0.04
CA VAL C 662 -17.39 15.44 0.21
C VAL C 662 -16.88 16.83 0.53
N ASP C 663 -17.25 17.83 -0.29
CA ASP C 663 -16.90 19.25 -0.44
C ASP C 663 -15.73 19.43 -1.41
N ASP C 664 -15.13 18.32 -1.84
CA ASP C 664 -14.07 18.39 -2.85
C ASP C 664 -14.58 18.18 -4.26
N PHE C 665 -15.83 17.75 -4.41
CA PHE C 665 -16.47 17.58 -5.70
C PHE C 665 -17.75 18.41 -5.79
N SER C 666 -17.82 19.53 -5.06
CA SER C 666 -19.03 20.33 -4.99
C SER C 666 -19.41 20.86 -6.37
N THR C 667 -18.55 21.69 -6.96
CA THR C 667 -18.79 22.19 -8.30
C THR C 667 -18.25 21.20 -9.32
N PHE C 668 -18.35 21.54 -10.61
CA PHE C 668 -17.87 20.63 -11.64
C PHE C 668 -16.36 20.76 -11.84
N GLN C 669 -15.87 21.99 -11.98
CA GLN C 669 -14.43 22.20 -12.16
C GLN C 669 -13.64 21.72 -10.94
N GLU C 670 -14.30 21.71 -9.77
CA GLU C 670 -13.66 21.18 -8.58
C GLU C 670 -13.31 19.71 -8.75
N CYS C 671 -14.17 18.96 -9.44
CA CYS C 671 -13.87 17.55 -9.72
C CYS C 671 -12.63 17.42 -10.58
N ILE C 672 -12.51 18.26 -11.62
CA ILE C 672 -11.36 18.20 -12.50
C ILE C 672 -10.08 18.52 -11.73
N PHE C 673 -10.13 19.56 -10.90
CA PHE C 673 -8.95 19.95 -10.13
C PHE C 673 -8.58 18.88 -9.11
N THR C 674 -9.59 18.25 -8.50
CA THR C 674 -9.32 17.17 -7.56
C THR C 674 -8.67 15.98 -8.26
N GLN C 675 -9.14 15.63 -9.46
CA GLN C 675 -8.52 14.54 -10.20
C GLN C 675 -7.08 14.88 -10.59
N PHE C 676 -6.84 16.14 -10.99
CA PHE C 676 -5.47 16.55 -11.29
C PHE C 676 -4.58 16.44 -10.07
N ARG C 677 -5.10 16.80 -8.90
CA ARG C 677 -4.32 16.62 -7.67
C ARG C 677 -4.10 15.15 -7.35
N ILE C 678 -5.07 14.30 -7.69
CA ILE C 678 -4.90 12.86 -7.49
C ILE C 678 -3.77 12.35 -8.38
N ILE C 679 -3.65 12.89 -9.59
CA ILE C 679 -2.55 12.51 -10.47
C ILE C 679 -1.20 12.78 -9.81
N LEU C 680 -1.08 13.90 -9.09
CA LEU C 680 0.12 14.20 -8.33
C LEU C 680 0.24 13.37 -7.05
N GLY C 681 -0.70 12.48 -6.80
CA GLY C 681 -0.68 11.69 -5.58
C GLY C 681 -1.00 12.50 -4.35
N ASP C 682 -2.20 13.06 -4.29
CA ASP C 682 -2.65 13.86 -3.15
C ASP C 682 -4.07 13.47 -2.76
N ILE C 683 -4.39 12.18 -2.88
CA ILE C 683 -5.71 11.68 -2.53
C ILE C 683 -5.89 11.69 -1.01
N ASN C 684 -7.13 11.85 -0.56
CA ASN C 684 -7.46 11.75 0.85
C ASN C 684 -8.04 10.39 1.19
N PHE C 685 -9.11 9.99 0.49
CA PHE C 685 -9.71 8.65 0.57
C PHE C 685 -10.34 8.38 1.93
N ALA C 686 -10.20 9.32 2.87
CA ALA C 686 -10.90 9.19 4.15
C ALA C 686 -12.36 9.56 4.05
N GLU C 687 -12.75 10.32 3.02
CA GLU C 687 -14.13 10.71 2.80
C GLU C 687 -14.74 10.06 1.57
N ILE C 688 -13.93 9.68 0.57
CA ILE C 688 -14.46 9.01 -0.60
C ILE C 688 -15.09 7.67 -0.22
N GLU C 689 -14.43 6.92 0.66
CA GLU C 689 -14.90 5.60 1.05
C GLU C 689 -16.09 5.65 2.00
N GLU C 690 -16.22 6.72 2.79
CA GLU C 690 -17.33 6.82 3.74
C GLU C 690 -18.52 7.59 3.18
N ALA C 691 -18.35 8.36 2.11
CA ALA C 691 -19.48 9.00 1.46
C ALA C 691 -20.30 8.02 0.64
N ASN C 692 -19.67 7.00 0.07
CA ASN C 692 -20.39 5.95 -0.65
C ASN C 692 -19.52 4.70 -0.60
N ARG C 693 -19.90 3.75 0.27
CA ARG C 693 -19.07 2.57 0.51
C ARG C 693 -18.95 1.73 -0.76
N VAL C 694 -20.01 1.66 -1.54
CA VAL C 694 -19.98 1.02 -2.85
C VAL C 694 -20.06 2.12 -3.90
N LEU C 695 -19.42 1.88 -5.04
CA LEU C 695 -19.32 2.75 -6.21
C LEU C 695 -18.35 3.91 -5.97
N GLY C 696 -17.85 4.11 -4.77
CA GLY C 696 -16.82 5.09 -4.52
C GLY C 696 -15.43 4.49 -4.60
N PRO C 697 -15.19 3.44 -3.81
CA PRO C 697 -13.95 2.69 -3.98
C PRO C 697 -13.80 2.10 -5.37
N ILE C 698 -14.91 1.71 -6.01
CA ILE C 698 -14.83 1.23 -7.39
C ILE C 698 -14.27 2.33 -8.29
N TYR C 699 -14.78 3.55 -8.13
CA TYR C 699 -14.30 4.68 -8.91
C TYR C 699 -12.82 4.94 -8.63
N PHE C 700 -12.43 4.92 -7.37
CA PHE C 700 -11.04 5.18 -7.01
C PHE C 700 -10.10 4.15 -7.61
N THR C 701 -10.46 2.86 -7.50
CA THR C 701 -9.58 1.80 -7.99
C THR C 701 -9.52 1.80 -9.51
N THR C 702 -10.67 1.92 -10.18
CA THR C 702 -10.67 1.92 -11.63
C THR C 702 -10.09 3.21 -12.21
N PHE C 703 -9.97 4.26 -11.41
CA PHE C 703 -9.32 5.48 -11.87
C PHE C 703 -7.80 5.38 -11.86
N VAL C 704 -7.22 4.69 -10.88
CA VAL C 704 -5.77 4.53 -10.81
C VAL C 704 -5.26 3.52 -11.82
N PHE C 705 -6.00 2.44 -12.08
CA PHE C 705 -5.59 1.44 -13.04
C PHE C 705 -5.67 1.93 -14.47
N PHE C 706 -6.59 2.84 -14.78
CA PHE C 706 -6.72 3.38 -16.13
C PHE C 706 -5.94 4.66 -16.36
N MET C 707 -5.23 5.16 -15.37
CA MET C 707 -4.42 6.37 -15.53
C MET C 707 -2.93 6.12 -15.37
N PHE C 708 -2.50 5.53 -14.25
CA PHE C 708 -1.09 5.31 -13.99
C PHE C 708 -0.52 4.11 -14.73
N PHE C 709 -1.39 3.26 -15.27
CA PHE C 709 -0.92 2.03 -15.89
C PHE C 709 -1.08 2.09 -17.40
N ILE C 710 -2.17 2.69 -17.88
CA ILE C 710 -2.50 2.65 -19.30
C ILE C 710 -2.36 4.03 -19.94
N LEU C 711 -3.16 4.99 -19.47
CA LEU C 711 -3.28 6.25 -20.20
C LEU C 711 -2.12 7.20 -19.98
N LEU C 712 -1.25 6.96 -19.00
CA LEU C 712 -0.03 7.75 -18.85
C LEU C 712 1.19 7.06 -19.41
N ASN C 713 1.05 5.83 -19.89
CA ASN C 713 2.12 5.13 -20.58
C ASN C 713 2.02 5.27 -22.08
N MET C 714 1.05 6.04 -22.57
CA MET C 714 0.86 6.25 -24.00
C MET C 714 1.54 7.51 -24.50
N PHE C 715 1.54 8.60 -23.72
CA PHE C 715 2.32 9.77 -24.08
C PHE C 715 3.79 9.43 -24.21
N LEU C 716 4.31 8.68 -23.23
CA LEU C 716 5.71 8.30 -23.24
C LEU C 716 6.03 7.42 -24.43
N ALA C 717 5.11 6.54 -24.82
CA ALA C 717 5.35 5.68 -25.98
C ALA C 717 5.51 6.50 -27.25
N ILE C 718 4.63 7.48 -27.46
CA ILE C 718 4.72 8.32 -28.64
C ILE C 718 6.03 9.12 -28.63
N ILE C 719 6.34 9.72 -27.47
CA ILE C 719 7.56 10.55 -27.31
C ILE C 719 8.82 9.67 -27.35
N ASN C 720 8.68 8.37 -27.07
CA ASN C 720 9.84 7.45 -27.08
C ASN C 720 10.12 6.97 -28.51
N ASP C 721 9.06 6.71 -29.28
CA ASP C 721 9.18 6.26 -30.65
C ASP C 721 9.61 7.38 -31.58
N THR C 722 8.99 8.56 -31.44
CA THR C 722 9.30 9.66 -32.33
C THR C 722 10.74 10.15 -32.15
N TYR C 723 11.25 10.15 -30.91
CA TYR C 723 12.62 10.58 -30.69
C TYR C 723 13.61 9.68 -31.40
N SER C 724 13.42 8.36 -31.27
CA SER C 724 14.31 7.42 -31.93
C SER C 724 14.22 7.56 -33.45
N GLU C 725 13.00 7.69 -33.97
CA GLU C 725 12.81 7.83 -35.40
C GLU C 725 13.51 9.08 -35.95
N VAL C 726 13.34 10.20 -35.24
CA VAL C 726 13.91 11.45 -35.73
C VAL C 726 15.43 11.44 -35.61
N LYS C 727 15.96 10.84 -34.55
CA LYS C 727 17.41 10.73 -34.45
C LYS C 727 17.97 9.87 -35.58
N SER C 728 17.30 8.76 -35.88
CA SER C 728 17.76 7.90 -36.98
C SER C 728 17.76 8.66 -38.30
N ASP C 729 16.65 9.37 -38.59
CA ASP C 729 16.56 10.10 -39.85
C ASP C 729 17.59 11.21 -39.92
N LEU C 730 17.77 11.97 -38.84
CA LEU C 730 18.71 13.07 -38.84
C LEU C 730 20.15 12.58 -38.97
N ALA C 731 20.50 11.49 -38.29
CA ALA C 731 21.83 10.93 -38.42
C ALA C 731 22.09 10.42 -39.83
N GLN C 732 21.08 9.78 -40.43
CA GLN C 732 21.24 9.31 -41.81
C GLN C 732 21.43 10.49 -42.75
N GLN C 733 20.67 11.57 -42.55
CA GLN C 733 20.81 12.75 -43.40
C GLN C 733 22.18 13.38 -43.23
N LYS C 734 22.67 13.43 -42.00
CA LYS C 734 24.01 13.97 -41.75
C LYS C 734 25.07 13.11 -42.43
N ALA C 735 24.91 11.80 -42.39
CA ALA C 735 25.83 10.87 -43.04
C ALA C 735 25.53 10.69 -44.52
N GLU C 736 24.47 11.32 -45.04
CA GLU C 736 24.12 11.23 -46.44
C GLU C 736 25.03 12.11 -47.29
N TYR D 255 27.04 -23.30 -23.72
CA TYR D 255 27.14 -21.86 -23.56
C TYR D 255 25.77 -21.24 -23.29
N LEU D 256 24.83 -22.07 -22.84
CA LEU D 256 23.48 -21.61 -22.55
C LEU D 256 23.10 -21.72 -21.08
N LYS D 257 23.92 -22.34 -20.23
CA LYS D 257 23.57 -22.51 -18.83
C LYS D 257 24.49 -21.69 -17.93
N SER D 258 25.80 -21.89 -18.08
CA SER D 258 26.76 -21.27 -17.16
C SER D 258 26.67 -19.75 -17.21
N VAL D 259 26.76 -19.18 -18.40
CA VAL D 259 26.72 -17.73 -18.55
C VAL D 259 25.42 -17.16 -18.00
N LEU D 260 24.39 -18.00 -17.87
CA LEU D 260 23.15 -17.60 -17.24
C LEU D 260 23.01 -18.12 -15.81
N ARG D 261 24.00 -18.84 -15.28
CA ARG D 261 23.91 -19.38 -13.93
C ARG D 261 24.91 -18.76 -12.97
N GLU D 262 26.22 -18.88 -13.21
CA GLU D 262 27.16 -18.31 -12.25
C GLU D 262 27.23 -16.79 -12.41
N LEU D 263 26.82 -16.27 -13.56
CA LEU D 263 26.67 -14.82 -13.68
C LEU D 263 25.66 -14.30 -12.67
N VAL D 264 24.46 -14.90 -12.67
CA VAL D 264 23.42 -14.48 -11.74
C VAL D 264 23.84 -14.75 -10.29
N THR D 265 24.45 -15.91 -10.05
CA THR D 265 24.92 -16.21 -8.71
C THR D 265 25.94 -15.19 -8.22
N TYR D 266 26.86 -14.79 -9.09
CA TYR D 266 27.89 -13.82 -8.71
C TYR D 266 27.25 -12.46 -8.47
N LEU D 267 26.24 -12.09 -9.26
CA LEU D 267 25.56 -10.82 -9.03
C LEU D 267 24.91 -10.80 -7.64
N LEU D 268 24.13 -11.84 -7.32
CA LEU D 268 23.53 -11.90 -5.98
C LEU D 268 24.59 -11.91 -4.90
N PHE D 269 25.72 -12.59 -5.14
CA PHE D 269 26.83 -12.56 -4.20
C PHE D 269 27.33 -11.14 -3.99
N LEU D 270 27.39 -10.38 -5.07
CA LEU D 270 27.84 -8.99 -5.02
C LEU D 270 26.94 -8.14 -4.15
N ILE D 271 25.62 -8.20 -4.40
CA ILE D 271 24.69 -7.43 -3.56
C ILE D 271 24.78 -7.88 -2.11
N VAL D 272 24.80 -9.19 -1.87
CA VAL D 272 24.88 -9.69 -0.50
C VAL D 272 26.10 -9.16 0.22
N LEU D 273 27.28 -9.20 -0.40
CA LEU D 273 28.47 -8.69 0.27
C LEU D 273 28.44 -7.18 0.44
N CYS D 274 27.92 -6.44 -0.54
CA CYS D 274 27.88 -4.98 -0.41
C CYS D 274 26.95 -4.55 0.72
N ILE D 275 25.91 -5.34 1.00
CA ILE D 275 25.00 -4.97 2.09
C ILE D 275 25.72 -4.94 3.43
N LEU D 276 26.43 -6.02 3.76
CA LEU D 276 27.14 -5.99 5.03
C LEU D 276 28.47 -5.25 4.94
N THR D 277 28.91 -4.86 3.73
CA THR D 277 29.96 -3.88 3.62
C THR D 277 29.47 -2.52 4.09
N TYR D 278 28.28 -2.12 3.65
CA TYR D 278 27.60 -0.95 4.20
C TYR D 278 27.42 -1.05 5.70
N GLY D 279 26.93 -2.20 6.16
CA GLY D 279 26.72 -2.43 7.58
C GLY D 279 28.00 -2.29 8.39
N MET D 280 29.09 -2.86 7.88
CA MET D 280 30.39 -2.73 8.54
C MET D 280 30.89 -1.31 8.46
N MET D 281 30.59 -0.62 7.36
CA MET D 281 31.16 0.72 7.10
C MET D 281 30.51 1.73 8.05
N SER D 282 30.98 1.72 9.30
CA SER D 282 30.61 2.70 10.29
C SER D 282 31.54 3.91 10.26
N SER D 283 32.84 3.68 10.38
CA SER D 283 33.86 4.73 10.26
C SER D 283 33.57 5.91 11.18
N ASN D 284 33.18 5.60 12.42
CA ASN D 284 32.90 6.64 13.40
C ASN D 284 34.20 7.22 13.94
N VAL D 285 35.33 6.65 13.52
CA VAL D 285 36.65 7.08 13.96
C VAL D 285 36.85 8.55 13.64
N TYR D 286 36.41 8.98 12.44
CA TYR D 286 36.56 10.38 12.05
C TYR D 286 35.85 11.32 13.01
N TYR D 287 34.87 10.82 13.77
CA TYR D 287 34.23 11.59 14.82
C TYR D 287 34.50 11.02 16.21
N TYR D 288 35.18 9.89 16.34
CA TYR D 288 35.45 9.29 17.64
C TYR D 288 36.92 8.97 17.88
N THR D 289 37.72 8.80 16.84
CA THR D 289 39.16 8.58 17.00
C THR D 289 39.99 9.78 16.57
N ARG D 290 39.53 10.55 15.58
CA ARG D 290 40.22 11.79 15.21
C ARG D 290 40.11 12.83 16.32
N MET D 291 38.90 13.02 16.86
CA MET D 291 38.72 13.96 17.96
C MET D 291 39.45 13.48 19.21
N MET D 292 39.40 12.16 19.47
CA MET D 292 40.09 11.61 20.63
C MET D 292 41.59 11.80 20.51
N SER D 293 42.13 11.57 19.30
CA SER D 293 43.56 11.78 19.07
C SER D 293 43.95 13.25 19.18
N GLN D 294 43.12 14.16 18.65
CA GLN D 294 43.42 15.58 18.76
C GLN D 294 43.41 16.03 20.21
N LEU D 295 42.44 15.56 21.00
CA LEU D 295 42.36 15.92 22.41
C LEU D 295 43.50 15.33 23.22
N PHE D 296 44.18 14.30 22.71
CA PHE D 296 45.28 13.66 23.42
C PHE D 296 46.63 13.89 22.77
N LEU D 297 46.66 14.37 21.53
CA LEU D 297 47.92 14.64 20.85
C LEU D 297 48.05 16.04 20.28
N ASP D 298 47.01 16.87 20.33
CA ASP D 298 47.09 18.27 19.93
C ASP D 298 46.73 19.12 21.14
N THR D 299 47.74 19.40 21.96
CA THR D 299 47.57 20.20 23.16
C THR D 299 48.94 20.73 23.56
N PRO D 300 49.00 21.94 24.12
CA PRO D 300 50.30 22.50 24.51
C PRO D 300 50.73 22.10 25.91
N VAL D 301 51.93 21.54 26.04
CA VAL D 301 52.46 21.21 27.35
C VAL D 301 52.70 22.47 28.17
N SER D 302 53.31 23.48 27.55
CA SER D 302 53.54 24.77 28.18
C SER D 302 52.36 25.69 27.87
N LYS D 303 52.50 26.98 28.21
CA LYS D 303 51.43 27.93 27.93
C LYS D 303 51.21 28.09 26.42
N THR D 304 52.29 28.39 25.70
CA THR D 304 52.21 28.52 24.24
C THR D 304 53.60 28.33 23.67
N GLU D 305 53.84 27.18 23.04
CA GLU D 305 55.13 26.88 22.45
C GLU D 305 54.96 25.73 21.47
N LYS D 306 56.07 25.21 20.94
CA LYS D 306 56.05 24.07 20.05
C LYS D 306 56.27 22.74 20.77
N THR D 307 56.32 22.76 22.10
CA THR D 307 56.57 21.55 22.87
C THR D 307 55.30 20.73 23.06
N ASN D 308 54.64 20.39 21.96
CA ASN D 308 53.43 19.59 22.00
C ASN D 308 53.76 18.13 21.68
N PHE D 309 52.70 17.33 21.53
CA PHE D 309 52.90 15.92 21.18
C PHE D 309 53.41 15.76 19.76
N LYS D 310 53.14 16.72 18.88
CA LYS D 310 53.68 16.65 17.52
C LYS D 310 55.20 16.75 17.53
N THR D 311 55.74 17.73 18.24
CA THR D 311 57.18 17.90 18.41
C THR D 311 57.51 17.82 19.90
N LEU D 312 58.07 16.69 20.32
CA LEU D 312 58.35 16.46 21.73
C LEU D 312 59.30 17.54 22.27
N SER D 313 59.17 17.82 23.56
CA SER D 313 59.90 18.95 24.16
C SER D 313 61.39 18.64 24.29
N SER D 314 61.74 17.64 25.10
CA SER D 314 63.13 17.31 25.37
C SER D 314 63.26 16.02 26.15
N MET D 315 64.48 15.47 26.21
CA MET D 315 64.72 14.28 27.03
C MET D 315 64.57 14.60 28.51
N GLU D 316 65.06 15.76 28.94
CA GLU D 316 64.93 16.21 30.32
C GLU D 316 63.59 16.87 30.60
N ASP D 317 62.65 16.76 29.66
CA ASP D 317 61.34 17.36 29.80
C ASP D 317 60.34 16.34 30.34
N PHE D 318 60.80 15.43 31.19
CA PHE D 318 59.95 14.42 31.79
C PHE D 318 58.76 15.06 32.50
N TRP D 319 59.03 16.05 33.35
CA TRP D 319 57.97 16.83 33.99
C TRP D 319 57.16 17.61 32.96
N LYS D 320 57.85 18.21 31.98
CA LYS D 320 57.16 19.00 30.96
C LYS D 320 56.29 18.14 30.06
N PHE D 321 56.57 16.85 29.94
CA PHE D 321 55.80 15.98 29.07
C PHE D 321 54.71 15.22 29.82
N THR D 322 55.08 14.51 30.89
CA THR D 322 54.12 13.76 31.67
C THR D 322 53.08 14.65 32.35
N GLU D 323 53.49 15.79 32.89
CA GLU D 323 52.55 16.73 33.49
C GLU D 323 51.99 17.66 32.42
N GLY D 324 51.47 17.09 31.35
CA GLY D 324 50.89 17.84 30.26
C GLY D 324 49.60 17.22 29.76
N SER D 325 49.54 16.94 28.47
CA SER D 325 48.39 16.23 27.90
C SER D 325 48.25 14.86 28.55
N LEU D 326 49.38 14.24 28.90
CA LEU D 326 49.34 12.98 29.63
C LEU D 326 48.69 13.17 31.00
N LEU D 327 49.05 14.25 31.69
CA LEU D 327 48.38 14.57 32.95
C LEU D 327 46.91 14.92 32.73
N ASP D 328 46.58 15.40 31.52
CA ASP D 328 45.19 15.67 31.14
C ASP D 328 44.44 14.41 30.73
N GLY D 329 45.01 13.24 30.98
CA GLY D 329 44.33 11.98 30.71
C GLY D 329 43.90 11.28 31.98
N LEU D 330 44.72 11.40 33.03
CA LEU D 330 44.36 10.87 34.34
C LEU D 330 43.51 11.85 35.14
N TYR D 331 43.83 13.14 35.08
CA TYR D 331 43.00 14.20 35.64
C TYR D 331 42.63 15.13 34.51
N TRP D 332 41.55 14.78 33.80
CA TRP D 332 41.04 15.60 32.70
C TRP D 332 39.95 16.50 33.28
N LYS D 333 40.33 17.72 33.63
CA LYS D 333 39.41 18.66 34.24
C LYS D 333 38.81 19.59 33.19
N MET D 334 37.49 19.70 33.19
CA MET D 334 36.78 20.58 32.27
C MET D 334 35.62 21.22 33.04
N GLN D 335 34.69 21.82 32.31
CA GLN D 335 33.53 22.46 32.92
C GLN D 335 32.58 21.43 33.52
N ASN D 344 42.41 12.24 38.37
CA ASN D 344 41.52 12.86 39.35
C ASN D 344 40.20 13.26 38.72
N ARG D 345 40.19 13.36 37.39
CA ARG D 345 38.99 13.74 36.67
C ARG D 345 39.08 13.18 35.25
N SER D 346 37.91 13.06 34.60
CA SER D 346 37.86 12.58 33.22
C SER D 346 36.87 13.45 32.45
N PHE D 347 37.38 14.54 31.89
CA PHE D 347 36.59 15.45 31.07
C PHE D 347 37.54 16.30 30.26
N ILE D 348 37.53 16.14 28.93
CA ILE D 348 38.38 16.91 28.03
C ILE D 348 37.54 17.75 27.08
N PHE D 349 36.69 17.09 26.27
CA PHE D 349 35.79 17.81 25.38
C PHE D 349 34.37 17.25 25.43
N TYR D 350 33.97 16.67 26.57
CA TYR D 350 32.65 16.07 26.78
C TYR D 350 32.37 14.94 25.80
N GLU D 351 33.41 14.35 25.20
CA GLU D 351 33.23 13.29 24.23
C GLU D 351 33.89 11.97 24.63
N ASN D 352 34.65 11.93 25.72
CA ASN D 352 35.34 10.73 26.14
C ASN D 352 35.48 10.74 27.65
N LEU D 353 35.72 9.55 28.21
CA LEU D 353 35.94 9.39 29.64
C LEU D 353 37.17 8.54 29.89
N LEU D 354 37.40 8.15 31.15
CA LEU D 354 38.54 7.33 31.52
C LEU D 354 38.12 5.87 31.65
N LEU D 355 39.11 4.98 31.75
CA LEU D 355 38.86 3.55 31.89
C LEU D 355 40.16 2.88 32.31
N GLY D 356 40.01 1.73 32.96
CA GLY D 356 41.15 0.92 33.37
C GLY D 356 42.12 1.62 34.30
N VAL D 357 43.41 1.50 34.00
CA VAL D 357 44.47 2.11 34.81
C VAL D 357 45.64 2.45 33.91
N PRO D 358 46.26 3.62 34.06
CA PRO D 358 47.38 3.98 33.18
C PRO D 358 48.63 3.15 33.43
N ARG D 359 49.48 3.03 32.42
CA ARG D 359 50.72 2.28 32.55
C ARG D 359 51.75 2.89 31.60
N ILE D 360 52.89 3.29 32.15
CA ILE D 360 53.95 3.94 31.37
C ILE D 360 55.21 3.11 31.52
N ARG D 361 55.86 2.81 30.38
CA ARG D 361 57.08 2.03 30.36
C ARG D 361 58.23 2.92 29.94
N GLN D 362 59.26 3.02 30.77
CA GLN D 362 60.43 3.84 30.52
C GLN D 362 61.60 2.93 30.20
N LEU D 363 61.87 2.73 28.90
CA LEU D 363 62.97 1.88 28.46
C LEU D 363 64.30 2.61 28.63
N ARG D 364 64.97 2.39 29.76
CA ARG D 364 66.24 3.05 30.03
C ARG D 364 67.39 2.16 29.59
N VAL D 365 68.21 2.66 28.67
CA VAL D 365 69.41 1.95 28.22
C VAL D 365 70.54 2.43 29.12
N ARG D 366 70.75 1.70 30.21
CA ARG D 366 71.74 2.05 31.23
C ARG D 366 73.11 1.49 30.82
N ASN D 367 74.02 1.43 31.79
CA ASN D 367 75.38 0.95 31.56
C ASN D 367 75.38 -0.39 30.83
N GLY D 368 76.18 -0.47 29.78
CA GLY D 368 76.21 -1.64 28.92
C GLY D 368 76.20 -1.25 27.45
N SER D 369 76.20 0.05 27.18
CA SER D 369 76.19 0.53 25.80
C SER D 369 77.44 0.10 25.05
N CYS D 370 78.60 0.21 25.69
CA CYS D 370 79.86 -0.17 25.07
C CYS D 370 80.87 -0.51 26.15
N SER D 371 81.88 -1.28 25.78
CA SER D 371 82.94 -1.62 26.72
C SER D 371 83.70 -0.38 27.14
N ILE D 372 84.15 -0.37 28.39
CA ILE D 372 84.84 0.79 28.96
C ILE D 372 86.30 0.44 29.19
N PRO D 373 87.21 0.88 28.33
CA PRO D 373 88.64 0.63 28.55
C PRO D 373 89.21 1.61 29.57
N GLN D 374 90.44 1.33 29.98
CA GLN D 374 91.13 2.16 30.97
C GLN D 374 91.65 3.47 30.40
N ASP D 375 91.51 3.68 29.09
CA ASP D 375 92.07 4.88 28.46
C ASP D 375 91.16 6.10 28.67
N LEU D 376 89.89 6.00 28.27
CA LEU D 376 89.01 7.16 28.32
C LEU D 376 87.61 6.83 28.83
N ARG D 377 87.46 5.84 29.71
CA ARG D 377 86.13 5.55 30.26
C ARG D 377 85.64 6.64 31.20
N ASP D 378 86.55 7.47 31.73
CA ASP D 378 86.17 8.49 32.69
C ASP D 378 85.27 9.57 32.09
N GLU D 379 85.22 9.70 30.76
CA GLU D 379 84.40 10.73 30.13
C GLU D 379 82.96 10.26 29.95
N ILE D 380 82.76 9.18 29.20
CA ILE D 380 81.42 8.64 28.98
C ILE D 380 81.52 7.17 28.56
N LYS D 381 80.73 6.31 29.19
CA LYS D 381 80.67 4.91 28.81
C LYS D 381 79.27 4.31 28.94
N GLU D 382 78.27 5.09 29.33
CA GLU D 382 76.90 4.57 29.54
C GLU D 382 75.93 5.60 28.99
N CYS D 383 75.42 5.34 27.78
CA CYS D 383 74.47 6.22 27.13
C CYS D 383 73.31 5.38 26.58
N TYR D 384 72.32 6.07 26.02
CA TYR D 384 71.14 5.40 25.45
C TYR D 384 71.53 4.77 24.12
N ASP D 385 71.87 3.49 24.15
CA ASP D 385 72.27 2.76 22.97
C ASP D 385 71.10 1.94 22.43
N VAL D 386 71.40 1.07 21.46
CA VAL D 386 70.37 0.23 20.87
C VAL D 386 69.82 -0.74 21.91
N TYR D 387 68.61 -1.25 21.65
CA TYR D 387 67.96 -2.16 22.59
C TYR D 387 68.73 -3.47 22.69
N SER D 388 68.84 -3.98 23.92
CA SER D 388 69.54 -5.23 24.17
C SER D 388 69.01 -5.80 25.49
N VAL D 389 69.68 -6.84 25.97
CA VAL D 389 69.31 -7.51 27.22
C VAL D 389 70.26 -7.12 28.35
N SER D 390 71.56 -7.35 28.16
CA SER D 390 72.56 -6.99 29.15
C SER D 390 73.00 -5.53 29.05
N SER D 391 72.48 -4.79 28.06
CA SER D 391 72.78 -3.38 27.91
C SER D 391 71.66 -2.46 28.39
N GLU D 392 70.50 -3.00 28.73
CA GLU D 392 69.39 -2.19 29.21
C GLU D 392 69.61 -1.84 30.68
N ASP D 393 68.55 -1.34 31.31
CA ASP D 393 68.63 -0.93 32.72
C ASP D 393 69.02 -2.11 33.60
N ARG D 394 70.23 -2.05 34.16
CA ARG D 394 70.72 -3.04 35.09
C ARG D 394 70.99 -2.50 36.48
N ALA D 395 71.29 -1.22 36.61
CA ALA D 395 71.43 -0.53 37.89
C ALA D 395 70.44 0.62 37.93
N PRO D 396 70.37 1.38 39.02
CA PRO D 396 69.47 2.54 39.06
C PRO D 396 69.75 3.52 37.92
N PHE D 397 68.74 3.78 37.09
CA PHE D 397 68.91 4.66 35.95
C PHE D 397 68.93 6.11 36.39
N GLY D 398 69.92 6.47 37.20
CA GLY D 398 70.00 7.78 37.80
C GLY D 398 69.73 7.72 39.29
N PRO D 399 69.22 8.81 39.86
CA PRO D 399 68.92 8.82 41.31
C PRO D 399 67.70 7.98 41.61
N ARG D 400 67.89 6.97 42.47
CA ARG D 400 66.78 6.12 42.91
C ARG D 400 67.21 5.42 44.18
N ASN D 401 66.50 5.66 45.28
CA ASN D 401 66.82 5.00 46.54
C ASN D 401 66.54 3.51 46.47
N GLY D 402 65.33 3.15 46.02
CA GLY D 402 64.95 1.75 45.91
C GLY D 402 64.70 1.33 44.48
N THR D 403 63.43 1.15 44.13
CA THR D 403 63.02 0.74 42.79
C THR D 403 62.37 1.86 42.00
N ALA D 404 62.65 3.13 42.34
CA ALA D 404 62.11 4.24 41.59
C ALA D 404 62.55 4.18 40.13
N TRP D 405 63.85 4.02 39.91
CA TRP D 405 64.40 3.66 38.61
C TRP D 405 64.67 2.16 38.65
N ILE D 406 63.59 1.38 38.55
CA ILE D 406 63.63 -0.06 38.76
C ILE D 406 64.59 -0.71 37.77
N TYR D 407 65.64 -1.33 38.30
CA TYR D 407 66.64 -2.02 37.49
C TYR D 407 66.31 -3.50 37.35
N THR D 408 65.09 -3.80 36.90
CA THR D 408 64.62 -5.16 36.74
C THR D 408 64.07 -5.36 35.33
N SER D 409 64.18 -6.59 34.84
CA SER D 409 63.68 -6.96 33.53
C SER D 409 62.25 -7.46 33.68
N GLU D 410 61.30 -6.75 33.10
CA GLU D 410 59.88 -7.11 33.18
C GLU D 410 59.50 -8.09 32.08
N LYS D 411 60.25 -9.19 31.97
CA LYS D 411 59.94 -10.22 30.99
C LYS D 411 58.67 -10.97 31.35
N ASP D 412 58.42 -11.16 32.65
CA ASP D 412 57.23 -11.86 33.12
C ASP D 412 56.02 -10.95 33.28
N LEU D 413 56.01 -9.81 32.58
CA LEU D 413 54.92 -8.86 32.65
C LEU D 413 53.79 -9.18 31.68
N ASN D 414 53.82 -10.35 31.03
CA ASN D 414 52.81 -10.75 30.06
C ASN D 414 52.70 -9.75 28.92
N GLY D 415 53.84 -9.35 28.39
CA GLY D 415 53.88 -8.40 27.29
C GLY D 415 54.82 -8.87 26.19
N SER D 416 54.42 -8.60 24.95
CA SER D 416 55.19 -8.98 23.77
C SER D 416 55.80 -7.71 23.17
N SER D 417 57.06 -7.81 22.74
CA SER D 417 57.75 -6.67 22.17
C SER D 417 57.07 -6.23 20.88
N HIS D 418 57.04 -4.91 20.67
CA HIS D 418 56.41 -4.34 19.50
C HIS D 418 57.28 -4.42 18.25
N TRP D 419 58.57 -4.73 18.39
CA TRP D 419 59.50 -4.85 17.28
C TRP D 419 59.51 -3.57 16.43
N GLY D 420 59.54 -2.43 17.11
CA GLY D 420 59.56 -1.15 16.45
C GLY D 420 60.80 -0.92 15.60
N ILE D 421 60.61 -0.29 14.44
CA ILE D 421 61.74 -0.03 13.54
C ILE D 421 62.53 1.18 14.02
N ILE D 422 61.86 2.30 14.26
CA ILE D 422 62.54 3.50 14.72
C ILE D 422 63.14 3.28 16.10
N ALA D 423 62.40 2.64 17.00
CA ALA D 423 62.88 2.30 18.34
C ALA D 423 62.67 0.80 18.55
N THR D 424 63.77 0.05 18.61
CA THR D 424 63.68 -1.39 18.80
C THR D 424 63.01 -1.71 20.13
N TYR D 425 62.04 -2.62 20.09
CA TYR D 425 61.25 -2.99 21.26
C TYR D 425 61.67 -4.37 21.73
N SER D 426 61.88 -4.51 23.03
CA SER D 426 62.25 -5.77 23.66
C SER D 426 61.18 -6.20 24.64
N GLY D 427 61.33 -7.42 25.16
CA GLY D 427 60.39 -7.95 26.13
C GLY D 427 60.62 -7.49 27.56
N ALA D 428 61.64 -6.67 27.79
CA ALA D 428 61.98 -6.20 29.12
C ALA D 428 62.18 -4.68 29.09
N GLY D 429 62.13 -4.08 30.27
CA GLY D 429 62.29 -2.65 30.40
C GLY D 429 61.63 -2.08 31.64
N TYR D 430 62.19 -1.01 32.20
CA TYR D 430 61.61 -0.39 33.38
C TYR D 430 60.23 0.17 33.05
N TYR D 431 59.27 -0.10 33.94
CA TYR D 431 57.89 0.34 33.74
C TYR D 431 57.22 0.46 35.09
N LEU D 432 56.13 1.23 35.11
CA LEU D 432 55.34 1.41 36.32
C LEU D 432 53.95 1.87 35.92
N ASP D 433 53.00 1.67 36.83
CA ASP D 433 51.62 2.05 36.61
C ASP D 433 51.24 3.24 37.50
N LEU D 434 50.09 3.83 37.20
CA LEU D 434 49.56 4.95 37.96
C LEU D 434 48.33 4.51 38.74
N SER D 435 47.91 5.37 39.67
CA SER D 435 46.76 5.08 40.51
C SER D 435 45.47 5.33 39.74
N ARG D 436 44.35 5.26 40.44
CA ARG D 436 43.04 5.52 39.86
C ARG D 436 42.79 7.01 39.62
N THR D 437 43.73 7.86 40.01
CA THR D 437 43.63 9.29 39.80
C THR D 437 45.00 9.79 39.35
N ARG D 438 45.16 11.12 39.33
CA ARG D 438 46.43 11.72 38.93
C ARG D 438 47.20 12.35 40.07
N GLU D 439 46.58 12.55 41.24
CA GLU D 439 47.31 13.11 42.38
C GLU D 439 48.49 12.23 42.74
N GLU D 440 48.25 10.93 42.92
CA GLU D 440 49.34 9.99 43.12
C GLU D 440 50.24 9.90 41.89
N THR D 441 49.66 9.93 40.69
CA THR D 441 50.46 9.90 39.47
C THR D 441 51.35 11.14 39.37
N ALA D 442 50.80 12.31 39.67
CA ALA D 442 51.60 13.53 39.65
C ALA D 442 52.67 13.50 40.73
N ALA D 443 52.36 12.98 41.91
CA ALA D 443 53.35 12.87 42.96
C ALA D 443 54.49 11.95 42.55
N GLN D 444 54.16 10.82 41.92
CA GLN D 444 55.19 9.90 41.44
C GLN D 444 56.03 10.54 40.34
N VAL D 445 55.40 11.28 39.43
CA VAL D 445 56.13 11.96 38.37
C VAL D 445 57.09 12.98 38.94
N ALA D 446 56.63 13.75 39.93
CA ALA D 446 57.50 14.73 40.58
C ALA D 446 58.64 14.05 41.34
N SER D 447 58.36 12.92 41.98
CA SER D 447 59.41 12.19 42.69
C SER D 447 60.47 11.67 41.72
N LEU D 448 60.04 11.15 40.57
CA LEU D 448 60.96 10.65 39.55
C LEU D 448 61.64 11.77 38.77
N LYS D 449 61.10 12.99 38.82
CA LYS D 449 61.76 14.13 38.20
C LYS D 449 62.80 14.76 39.12
N LYS D 450 62.49 14.88 40.42
CA LYS D 450 63.50 15.29 41.38
C LYS D 450 64.62 14.25 41.46
N ASN D 451 64.25 12.98 41.47
CA ASN D 451 65.20 11.89 41.27
C ASN D 451 65.44 11.73 39.77
N VAL D 452 66.07 10.63 39.37
CA VAL D 452 66.30 10.35 37.95
C VAL D 452 65.87 8.92 37.67
N TRP D 453 64.75 8.75 36.96
CA TRP D 453 64.34 7.45 36.45
C TRP D 453 64.31 7.41 34.93
N LEU D 454 63.76 8.43 34.27
CA LEU D 454 63.86 8.59 32.83
C LEU D 454 65.04 9.49 32.47
N ASP D 455 66.24 9.07 32.86
CA ASP D 455 67.43 9.90 32.71
C ASP D 455 67.94 9.86 31.28
N ARG D 456 69.16 10.39 31.10
CA ARG D 456 69.76 10.46 29.78
C ARG D 456 69.94 9.09 29.14
N GLY D 457 70.06 8.03 29.94
CA GLY D 457 70.20 6.70 29.38
C GLY D 457 68.92 6.14 28.80
N THR D 458 67.78 6.78 29.07
CA THR D 458 66.50 6.32 28.54
C THR D 458 66.45 6.48 27.03
N ARG D 459 66.24 5.37 26.31
CA ARG D 459 66.18 5.44 24.86
C ARG D 459 64.80 5.93 24.40
N ALA D 460 63.75 5.19 24.76
CA ALA D 460 62.40 5.55 24.37
C ALA D 460 61.46 5.28 25.51
N THR D 461 60.35 6.01 25.52
CA THR D 461 59.30 5.85 26.52
C THR D 461 58.03 5.38 25.83
N PHE D 462 57.33 4.42 26.46
CA PHE D 462 56.11 3.87 25.90
C PHE D 462 55.02 3.87 26.96
N ILE D 463 53.78 4.04 26.51
CA ILE D 463 52.62 4.06 27.40
C ILE D 463 51.42 3.54 26.64
N ASP D 464 50.49 2.93 27.36
CA ASP D 464 49.25 2.43 26.77
C ASP D 464 48.10 2.87 27.65
N PHE D 465 46.94 3.07 27.01
CA PHE D 465 45.77 3.59 27.72
C PHE D 465 44.50 3.12 27.03
N SER D 466 43.41 3.16 27.79
CA SER D 466 42.08 2.82 27.32
C SER D 466 41.15 4.00 27.57
N VAL D 467 39.91 3.89 27.09
CA VAL D 467 38.93 4.96 27.21
C VAL D 467 37.55 4.34 27.20
N TYR D 468 36.56 5.10 27.66
CA TYR D 468 35.17 4.64 27.73
C TYR D 468 34.28 5.36 26.72
N ASN D 469 34.21 6.69 26.79
CA ASN D 469 33.42 7.50 25.86
C ASN D 469 31.96 7.04 25.83
N ALA D 470 31.30 7.22 26.96
CA ALA D 470 29.92 6.76 27.15
C ALA D 470 28.91 7.40 26.19
N ASN D 471 29.20 8.54 25.56
CA ASN D 471 28.26 9.11 24.60
C ASN D 471 28.10 8.20 23.39
N ILE D 472 29.20 7.70 22.86
CA ILE D 472 29.18 6.67 21.80
C ILE D 472 29.86 5.43 22.35
N ASN D 473 29.06 4.49 22.86
CA ASN D 473 29.58 3.35 23.60
C ASN D 473 30.57 2.53 22.78
N LEU D 474 31.84 2.56 23.17
CA LEU D 474 32.89 1.81 22.51
C LEU D 474 34.10 1.74 23.43
N PHE D 475 35.12 1.02 22.99
CA PHE D 475 36.40 0.94 23.69
C PHE D 475 37.48 1.54 22.79
N CYS D 476 38.41 2.28 23.39
CA CYS D 476 39.51 2.89 22.67
C CYS D 476 40.82 2.39 23.23
N VAL D 477 41.69 1.89 22.36
CA VAL D 477 43.02 1.44 22.74
C VAL D 477 44.02 2.39 22.11
N VAL D 478 44.88 3.00 22.94
CA VAL D 478 45.86 3.97 22.48
C VAL D 478 47.23 3.59 23.00
N ARG D 479 48.24 3.71 22.14
CA ARG D 479 49.62 3.48 22.51
C ARG D 479 50.46 4.66 22.05
N LEU D 480 51.21 5.24 22.98
CA LEU D 480 52.03 6.41 22.73
C LEU D 480 53.50 6.06 22.94
N LEU D 481 54.34 6.44 21.98
CA LEU D 481 55.77 6.16 22.05
C LEU D 481 56.54 7.42 21.73
N VAL D 482 57.47 7.79 22.61
CA VAL D 482 58.39 8.90 22.39
C VAL D 482 59.79 8.30 22.29
N GLU D 483 60.34 8.28 21.08
CA GLU D 483 61.68 7.75 20.84
C GLU D 483 62.68 8.89 20.76
N PHE D 484 63.12 9.32 21.94
CA PHE D 484 64.13 10.37 22.04
C PHE D 484 65.50 9.80 21.72
N PRO D 485 66.05 10.04 20.53
CA PRO D 485 67.38 9.51 20.21
C PRO D 485 68.44 10.10 21.12
N ALA D 486 69.46 9.29 21.45
CA ALA D 486 70.55 9.77 22.28
C ALA D 486 71.32 10.89 21.60
N THR D 487 71.47 10.82 20.27
CA THR D 487 72.14 11.87 19.51
C THR D 487 71.33 13.15 19.43
N GLY D 488 70.06 13.13 19.82
CA GLY D 488 69.25 14.34 19.80
C GLY D 488 67.88 14.14 19.19
N GLY D 489 66.93 15.00 19.55
CA GLY D 489 65.59 14.93 19.00
C GLY D 489 64.73 13.87 19.63
N VAL D 490 63.50 13.73 19.14
CA VAL D 490 62.56 12.73 19.65
C VAL D 490 61.51 12.47 18.57
N ILE D 491 61.16 11.20 18.41
CA ILE D 491 60.22 10.77 17.38
C ILE D 491 58.89 10.45 18.06
N PRO D 492 57.77 11.05 17.63
CA PRO D 492 56.48 10.70 18.22
C PRO D 492 55.76 9.62 17.42
N SER D 493 55.08 8.74 18.16
CA SER D 493 54.28 7.68 17.54
C SER D 493 53.00 7.52 18.34
N TRP D 494 51.86 7.55 17.66
CA TRP D 494 50.55 7.43 18.30
C TRP D 494 49.72 6.42 17.52
N GLN D 495 49.48 5.26 18.12
CA GLN D 495 48.65 4.23 17.50
C GLN D 495 47.39 4.07 18.33
N PHE D 496 46.28 4.64 17.85
CA PHE D 496 45.02 4.61 18.57
C PHE D 496 43.92 4.10 17.65
N GLN D 497 43.11 3.17 18.16
CA GLN D 497 42.06 2.58 17.34
C GLN D 497 40.89 2.10 18.20
N PRO D 498 39.67 2.12 17.66
CA PRO D 498 38.51 1.74 18.47
C PRO D 498 38.14 0.28 18.32
N LEU D 499 37.22 -0.17 19.17
CA LEU D 499 36.71 -1.53 19.15
C LEU D 499 35.39 -1.53 19.92
N LYS D 500 34.31 -1.91 19.27
CA LYS D 500 32.98 -1.84 19.84
C LYS D 500 32.30 -3.21 19.86
N LEU D 501 31.18 -3.28 20.59
CA LEU D 501 30.39 -4.49 20.69
C LEU D 501 28.90 -4.11 20.68
N ILE D 502 28.22 -4.41 19.58
CA ILE D 502 26.84 -4.00 19.37
C ILE D 502 25.97 -5.22 19.09
N ARG D 503 26.27 -6.35 19.75
CA ARG D 503 25.80 -7.68 19.37
C ARG D 503 24.34 -7.74 18.92
N TYR D 504 23.39 -7.45 19.80
CA TYR D 504 21.99 -7.47 19.39
C TYR D 504 21.10 -6.62 20.28
N VAL D 505 20.80 -5.40 19.84
CA VAL D 505 19.84 -4.55 20.55
C VAL D 505 18.87 -3.89 19.57
N THR D 506 19.18 -3.98 18.28
CA THR D 506 18.48 -3.17 17.29
C THR D 506 17.69 -4.05 16.31
N THR D 507 16.93 -3.40 15.44
CA THR D 507 16.15 -4.07 14.41
C THR D 507 16.83 -4.04 13.05
N PHE D 508 18.04 -3.49 12.96
CA PHE D 508 18.81 -3.48 11.73
C PHE D 508 20.01 -4.41 11.77
N ASP D 509 20.64 -4.60 12.93
CA ASP D 509 21.79 -5.50 13.03
C ASP D 509 21.37 -6.95 12.83
N PHE D 510 20.10 -7.27 13.12
CA PHE D 510 19.60 -8.61 12.83
C PHE D 510 19.57 -8.86 11.33
N PHE D 511 19.23 -7.83 10.54
CA PHE D 511 19.33 -7.96 9.09
C PHE D 511 20.77 -8.20 8.67
N LEU D 512 21.72 -7.55 9.33
CA LEU D 512 23.13 -7.80 9.05
C LEU D 512 23.52 -9.23 9.38
N ALA D 513 23.01 -9.76 10.49
CA ALA D 513 23.30 -11.16 10.85
C ALA D 513 22.72 -12.11 9.80
N ALA D 514 21.50 -11.83 9.34
CA ALA D 514 20.91 -12.64 8.28
C ALA D 514 21.75 -12.57 7.00
N CYS D 515 22.23 -11.38 6.65
CA CYS D 515 23.10 -11.25 5.48
C CYS D 515 24.40 -12.03 5.66
N GLU D 516 24.94 -12.05 6.88
CA GLU D 516 26.14 -12.82 7.15
C GLU D 516 25.87 -14.31 6.99
N ILE D 517 24.70 -14.78 7.45
CA ILE D 517 24.34 -16.19 7.28
C ILE D 517 24.22 -16.53 5.79
N ILE D 518 23.60 -15.64 5.02
CA ILE D 518 23.44 -15.86 3.59
C ILE D 518 24.81 -15.88 2.92
N PHE D 519 25.72 -15.05 3.41
CA PHE D 519 27.08 -15.00 2.88
C PHE D 519 27.83 -16.29 3.18
N CYS D 520 27.67 -16.83 4.39
CA CYS D 520 28.27 -18.11 4.72
C CYS D 520 27.72 -19.23 3.85
N PHE D 521 26.41 -19.21 3.57
CA PHE D 521 25.84 -20.19 2.66
C PHE D 521 26.42 -20.06 1.26
N PHE D 522 26.62 -18.82 0.79
CA PHE D 522 27.22 -18.62 -0.52
C PHE D 522 28.66 -19.13 -0.57
N ILE D 523 29.42 -18.93 0.50
CA ILE D 523 30.80 -19.43 0.54
C ILE D 523 30.80 -20.96 0.56
N PHE D 524 29.85 -21.57 1.27
CA PHE D 524 29.72 -23.02 1.23
C PHE D 524 29.40 -23.49 -0.18
N TYR D 525 28.51 -22.77 -0.87
CA TYR D 525 28.16 -23.13 -2.24
C TYR D 525 29.37 -23.06 -3.15
N TYR D 526 30.16 -22.00 -3.03
CA TYR D 526 31.37 -21.89 -3.85
C TYR D 526 32.48 -22.82 -3.44
N VAL D 527 32.55 -23.34 -2.21
CA VAL D 527 33.61 -24.28 -1.82
C VAL D 527 33.21 -25.71 -2.15
N VAL D 528 31.91 -26.00 -2.18
CA VAL D 528 31.45 -27.34 -2.53
C VAL D 528 31.44 -27.46 -4.05
N GLU D 529 31.55 -26.33 -4.74
CA GLU D 529 31.56 -26.30 -6.19
C GLU D 529 32.96 -26.37 -6.77
N GLU D 530 33.96 -25.91 -6.02
CA GLU D 530 35.33 -25.86 -6.52
C GLU D 530 36.08 -27.19 -6.41
N ILE D 531 35.72 -28.02 -5.44
CA ILE D 531 36.40 -29.31 -5.28
C ILE D 531 36.13 -30.20 -6.48
N LEU D 532 34.92 -30.14 -7.04
CA LEU D 532 34.59 -30.93 -8.22
C LEU D 532 35.37 -30.51 -9.46
N GLU D 533 35.76 -29.23 -9.55
CA GLU D 533 36.54 -28.76 -10.68
C GLU D 533 37.99 -29.25 -10.64
N ILE D 534 38.43 -29.79 -9.51
CA ILE D 534 39.78 -30.35 -9.39
C ILE D 534 39.79 -31.87 -9.38
N ARG D 535 38.74 -32.52 -8.88
CA ARG D 535 38.73 -33.97 -8.80
C ARG D 535 38.23 -34.60 -10.10
N ILE D 536 37.00 -34.30 -10.49
CA ILE D 536 36.44 -34.87 -11.72
C ILE D 536 37.08 -34.22 -12.94
N HIS D 537 37.12 -32.89 -12.96
CA HIS D 537 37.78 -32.17 -14.02
C HIS D 537 39.29 -32.33 -13.91
N LYS D 538 39.98 -32.17 -15.04
CA LYS D 538 41.43 -32.32 -15.06
C LYS D 538 42.07 -31.32 -14.11
N LEU D 539 43.03 -31.81 -13.31
CA LEU D 539 43.64 -31.01 -12.25
C LEU D 539 45.00 -30.49 -12.68
N HIS D 540 45.62 -29.71 -11.80
CA HIS D 540 46.93 -29.09 -12.04
C HIS D 540 46.92 -28.26 -13.32
N TYR D 541 45.80 -27.57 -13.56
CA TYR D 541 45.67 -26.67 -14.69
C TYR D 541 45.12 -25.34 -14.16
N PHE D 542 46.02 -24.45 -13.78
CA PHE D 542 45.68 -23.14 -13.24
C PHE D 542 46.15 -21.98 -14.11
N ARG D 543 46.80 -22.27 -15.25
CA ARG D 543 47.35 -21.23 -16.11
C ARG D 543 46.21 -20.59 -16.91
N SER D 544 45.26 -20.00 -16.19
CA SER D 544 44.11 -19.35 -16.81
C SER D 544 43.83 -18.00 -16.17
N PHE D 545 44.43 -17.76 -15.00
CA PHE D 545 44.25 -16.52 -14.24
C PHE D 545 42.80 -16.35 -13.78
N TRP D 546 41.97 -17.35 -14.08
CA TRP D 546 40.55 -17.30 -13.73
C TRP D 546 40.23 -18.35 -12.69
N ASN D 547 40.83 -19.54 -12.84
CA ASN D 547 40.73 -20.55 -11.81
C ASN D 547 41.56 -20.14 -10.60
N CYS D 548 42.50 -19.20 -10.82
CA CYS D 548 43.32 -18.68 -9.75
C CYS D 548 42.52 -17.82 -8.78
N LEU D 549 41.71 -16.90 -9.29
CA LEU D 549 40.89 -16.06 -8.42
C LEU D 549 39.83 -16.87 -7.70
N ASP D 550 39.25 -17.86 -8.39
CA ASP D 550 38.15 -18.63 -7.82
C ASP D 550 38.54 -19.31 -6.53
N VAL D 551 39.80 -19.74 -6.41
CA VAL D 551 40.23 -20.48 -5.23
C VAL D 551 40.73 -19.54 -4.14
N VAL D 552 41.44 -18.47 -4.53
CA VAL D 552 42.01 -17.56 -3.56
C VAL D 552 40.89 -16.77 -2.88
N ILE D 553 39.85 -16.42 -3.64
CA ILE D 553 38.71 -15.72 -3.06
C ILE D 553 38.05 -16.59 -2.00
N VAL D 554 37.86 -17.88 -2.31
CA VAL D 554 37.26 -18.81 -1.35
C VAL D 554 38.14 -18.95 -0.12
N VAL D 555 39.46 -19.09 -0.32
CA VAL D 555 40.37 -19.28 0.81
C VAL D 555 40.34 -18.08 1.73
N LEU D 556 40.38 -16.87 1.16
CA LEU D 556 40.30 -15.66 1.98
C LEU D 556 38.94 -15.53 2.64
N SER D 557 37.88 -15.97 1.96
CA SER D 557 36.54 -15.86 2.50
C SER D 557 36.32 -16.81 3.66
N VAL D 558 37.02 -17.95 3.66
CA VAL D 558 36.98 -18.83 4.82
C VAL D 558 37.52 -18.11 6.04
N VAL D 559 38.62 -17.38 5.87
CA VAL D 559 39.10 -16.47 6.88
C VAL D 559 38.10 -15.33 7.04
N ALA D 560 38.16 -14.63 8.17
CA ALA D 560 37.25 -13.54 8.52
C ALA D 560 35.86 -14.06 8.82
N ILE D 561 35.67 -15.38 8.75
CA ILE D 561 34.45 -16.03 9.21
C ILE D 561 34.77 -16.74 10.52
N GLY D 562 35.94 -17.38 10.58
CA GLY D 562 36.42 -17.95 11.82
C GLY D 562 37.20 -16.93 12.62
N ILE D 563 37.29 -15.72 12.08
CA ILE D 563 37.97 -14.62 12.76
C ILE D 563 36.91 -13.73 13.41
N ASN D 564 35.87 -13.40 12.65
CA ASN D 564 34.82 -12.53 13.18
C ASN D 564 34.15 -13.13 14.40
N ILE D 565 33.84 -14.43 14.35
CA ILE D 565 33.24 -15.08 15.52
C ILE D 565 34.20 -15.09 16.69
N TYR D 566 35.46 -15.47 16.42
CA TYR D 566 36.47 -15.49 17.48
C TYR D 566 36.74 -14.10 18.02
N ARG D 567 36.82 -13.10 17.13
CA ARG D 567 37.05 -11.73 17.56
C ARG D 567 35.90 -11.24 18.44
N THR D 568 34.67 -11.53 18.02
CA THR D 568 33.50 -11.11 18.80
C THR D 568 33.49 -11.77 20.17
N SER D 569 33.77 -13.08 20.21
CA SER D 569 33.79 -13.80 21.47
C SER D 569 34.86 -13.25 22.41
N ASN D 570 36.07 -13.04 21.89
CA ASN D 570 37.15 -12.51 22.71
C ASN D 570 36.84 -11.11 23.20
N VAL D 571 36.27 -10.26 22.33
CA VAL D 571 35.95 -8.89 22.70
C VAL D 571 34.89 -8.88 23.80
N GLU D 572 33.86 -9.73 23.66
CA GLU D 572 32.83 -9.81 24.68
C GLU D 572 33.40 -10.29 26.01
N VAL D 573 34.28 -11.30 25.95
CA VAL D 573 34.88 -11.83 27.18
C VAL D 573 35.70 -10.75 27.88
N LEU D 574 36.50 -10.02 27.11
CA LEU D 574 37.32 -8.96 27.68
C LEU D 574 36.47 -7.83 28.25
N LEU D 575 35.40 -7.44 27.53
CA LEU D 575 34.56 -6.35 27.97
C LEU D 575 33.74 -6.73 29.19
N GLN D 576 33.53 -8.03 29.40
CA GLN D 576 32.80 -8.51 30.57
C GLN D 576 33.49 -8.08 31.86
N PHE D 577 34.82 -8.20 31.89
CA PHE D 577 35.60 -7.78 33.06
C PHE D 577 36.05 -6.33 32.91
N LEU D 578 35.10 -5.40 32.97
CA LEU D 578 35.40 -3.98 32.81
C LEU D 578 35.16 -3.18 34.09
N GLU D 579 35.01 -3.85 35.23
CA GLU D 579 34.74 -3.17 36.49
C GLU D 579 35.82 -3.40 37.53
N ASP D 580 36.45 -4.57 37.54
CA ASP D 580 37.47 -4.93 38.52
C ASP D 580 38.79 -4.22 38.29
N GLN D 581 38.91 -3.33 37.31
CA GLN D 581 40.18 -2.66 37.02
C GLN D 581 40.24 -1.25 37.59
N ASN D 582 39.29 -0.87 38.45
CA ASN D 582 39.33 0.44 39.09
C ASN D 582 40.56 0.58 39.99
N THR D 583 40.87 -0.47 40.75
CA THR D 583 42.03 -0.49 41.62
C THR D 583 43.01 -1.61 41.29
N PHE D 584 42.79 -2.36 40.21
CA PHE D 584 43.67 -3.45 39.82
C PHE D 584 45.01 -2.89 39.36
N PRO D 585 46.08 -3.67 39.45
CA PRO D 585 47.41 -3.16 39.07
C PRO D 585 47.51 -2.80 37.60
N ASN D 586 47.21 -3.75 36.72
CA ASN D 586 47.37 -3.56 35.29
C ASN D 586 46.13 -4.02 34.55
N PHE D 587 45.67 -3.19 33.61
CA PHE D 587 44.55 -3.53 32.74
C PHE D 587 44.88 -3.27 31.27
N GLU D 588 46.16 -3.28 30.90
CA GLU D 588 46.61 -3.01 29.55
C GLU D 588 46.87 -4.27 28.76
N HIS D 589 46.13 -5.35 29.06
CA HIS D 589 46.27 -6.61 28.36
C HIS D 589 45.43 -6.67 27.08
N LEU D 590 44.70 -5.61 26.74
CA LEU D 590 43.85 -5.61 25.57
C LEU D 590 44.63 -5.41 24.28
N ALA D 591 45.94 -5.16 24.38
CA ALA D 591 46.76 -4.99 23.18
C ALA D 591 46.72 -6.19 22.27
N TYR D 592 46.55 -7.39 22.83
CA TYR D 592 46.42 -8.59 22.00
C TYR D 592 45.17 -8.57 21.14
N TRP D 593 44.13 -7.87 21.56
CA TRP D 593 42.87 -7.82 20.83
C TRP D 593 43.01 -7.05 19.52
N GLN D 594 43.63 -5.87 19.58
CA GLN D 594 43.78 -5.06 18.37
C GLN D 594 44.64 -5.77 17.34
N ILE D 595 45.60 -6.59 17.79
CA ILE D 595 46.44 -7.37 16.89
C ILE D 595 45.58 -8.20 15.96
N GLN D 596 44.39 -8.58 16.39
CA GLN D 596 43.42 -9.24 15.51
C GLN D 596 42.47 -8.24 14.85
N PHE D 597 42.02 -7.24 15.59
CA PHE D 597 40.95 -6.36 15.10
C PHE D 597 41.40 -5.61 13.84
N ASN D 598 42.64 -5.14 13.83
CA ASN D 598 43.16 -4.52 12.61
C ASN D 598 43.33 -5.54 11.48
N ASN D 599 43.77 -6.77 11.78
CA ASN D 599 43.90 -7.76 10.72
C ASN D 599 42.56 -8.05 10.04
N ILE D 600 41.51 -8.29 10.82
CA ILE D 600 40.20 -8.44 10.20
C ILE D 600 39.77 -7.14 9.54
N ALA D 601 40.25 -6.00 10.03
CA ALA D 601 40.00 -4.73 9.36
C ALA D 601 40.77 -4.64 8.05
N ALA D 602 41.90 -5.34 7.95
CA ALA D 602 42.69 -5.37 6.72
C ALA D 602 42.30 -6.52 5.81
N VAL D 603 42.12 -7.72 6.37
CA VAL D 603 41.76 -8.87 5.55
C VAL D 603 40.46 -8.62 4.82
N THR D 604 39.50 -7.98 5.47
CA THR D 604 38.20 -7.73 4.84
C THR D 604 38.36 -6.87 3.58
N VAL D 605 39.42 -6.05 3.52
CA VAL D 605 39.65 -5.24 2.33
C VAL D 605 40.76 -5.80 1.45
N PHE D 606 41.30 -6.98 1.79
CA PHE D 606 42.26 -7.65 0.92
C PHE D 606 41.59 -8.59 -0.06
N PHE D 607 40.28 -8.81 0.04
CA PHE D 607 39.56 -9.64 -0.92
C PHE D 607 38.30 -9.00 -1.48
N VAL D 608 37.68 -8.04 -0.77
CA VAL D 608 36.49 -7.40 -1.30
C VAL D 608 36.81 -6.68 -2.61
N TRP D 609 38.02 -6.14 -2.72
CA TRP D 609 38.50 -5.67 -4.02
C TRP D 609 38.78 -6.84 -4.95
N ILE D 610 39.51 -7.85 -4.46
CA ILE D 610 39.88 -8.99 -5.29
C ILE D 610 38.65 -9.67 -5.86
N LYS D 611 37.64 -9.89 -5.00
CA LYS D 611 36.40 -10.48 -5.48
C LYS D 611 35.75 -9.57 -6.51
N LEU D 612 35.72 -8.27 -6.26
CA LEU D 612 35.16 -7.34 -7.24
C LEU D 612 36.08 -7.16 -8.44
N PHE D 613 37.21 -7.87 -8.46
CA PHE D 613 38.21 -7.78 -9.51
C PHE D 613 38.05 -8.92 -10.51
N LYS D 614 36.82 -9.38 -10.70
CA LYS D 614 36.51 -10.51 -11.59
C LYS D 614 35.73 -10.00 -12.78
N PHE D 615 36.31 -10.16 -13.98
CA PHE D 615 35.71 -9.68 -15.21
C PHE D 615 35.54 -10.73 -16.29
N ILE D 616 35.50 -12.02 -15.94
CA ILE D 616 35.33 -13.08 -16.92
C ILE D 616 34.05 -12.88 -17.72
N ASN D 617 33.03 -12.28 -17.09
CA ASN D 617 31.74 -12.13 -17.75
C ASN D 617 31.73 -11.04 -18.81
N PHE D 618 32.57 -10.02 -18.70
CA PHE D 618 32.58 -8.95 -19.69
C PHE D 618 33.97 -8.35 -19.76
N ASN D 619 34.39 -8.03 -20.98
CA ASN D 619 35.76 -7.61 -21.26
C ASN D 619 36.12 -6.36 -20.46
N ARG D 620 37.36 -6.34 -19.96
CA ARG D 620 37.87 -5.23 -19.18
C ARG D 620 38.31 -4.06 -20.06
N THR D 621 39.06 -4.34 -21.13
CA THR D 621 39.56 -3.28 -21.99
C THR D 621 38.47 -2.63 -22.83
N MET D 622 37.25 -3.19 -22.83
CA MET D 622 36.14 -2.56 -23.54
C MET D 622 35.45 -1.50 -22.69
N SER D 623 36.25 -0.56 -22.19
CA SER D 623 35.73 0.60 -21.49
C SER D 623 35.48 1.78 -22.42
N GLN D 624 35.67 1.59 -23.72
CA GLN D 624 35.41 2.64 -24.70
C GLN D 624 33.93 2.99 -24.80
N LEU D 625 33.03 2.14 -24.32
CA LEU D 625 31.61 2.43 -24.34
C LEU D 625 31.11 2.85 -22.95
N SER D 626 32.04 3.05 -22.02
CA SER D 626 31.72 3.66 -20.73
C SER D 626 32.36 5.03 -20.59
N THR D 627 33.09 5.49 -21.61
CA THR D 627 33.65 6.84 -21.64
C THR D 627 33.19 7.62 -22.86
N THR D 628 32.63 6.96 -23.87
CA THR D 628 32.02 7.62 -25.01
C THR D 628 30.54 7.90 -24.76
N MET D 629 30.06 7.60 -23.56
CA MET D 629 28.72 7.97 -23.13
C MET D 629 28.61 9.47 -22.85
N SER D 630 29.63 10.25 -23.18
CA SER D 630 29.55 11.70 -23.00
C SER D 630 28.47 12.29 -23.89
N ARG D 631 28.02 11.55 -24.90
CA ARG D 631 26.87 11.97 -25.69
C ARG D 631 25.62 12.07 -24.83
N CYS D 632 25.46 11.13 -23.91
CA CYS D 632 24.33 11.17 -22.98
C CYS D 632 24.41 12.41 -22.09
N ALA D 633 25.61 12.72 -21.61
CA ALA D 633 25.80 13.91 -20.77
C ALA D 633 25.53 15.18 -21.56
N LYS D 634 25.95 15.23 -22.82
CA LYS D 634 25.69 16.38 -23.67
C LYS D 634 24.20 16.55 -23.91
N ASP D 635 23.50 15.43 -24.15
CA ASP D 635 22.06 15.49 -24.36
C ASP D 635 21.34 15.96 -23.10
N LEU D 636 21.81 15.53 -21.94
CA LEU D 636 21.23 15.93 -20.66
C LEU D 636 21.44 17.41 -20.35
N PHE D 637 22.35 18.07 -21.07
CA PHE D 637 22.59 19.50 -20.91
C PHE D 637 21.77 20.34 -21.87
N GLY D 638 21.40 19.80 -23.02
CA GLY D 638 20.52 20.49 -23.94
C GLY D 638 19.07 20.29 -23.57
N PHE D 639 18.84 19.65 -22.42
CA PHE D 639 17.50 19.45 -21.90
C PHE D 639 17.28 20.35 -20.69
N ALA D 640 18.34 20.57 -19.91
CA ALA D 640 18.25 21.47 -18.78
C ALA D 640 18.09 22.92 -19.19
N ILE D 641 18.51 23.28 -20.40
CA ILE D 641 18.36 24.64 -20.90
C ILE D 641 17.08 24.77 -21.74
N MET D 642 16.37 23.66 -21.97
CA MET D 642 15.07 23.69 -22.60
C MET D 642 13.95 23.40 -21.61
N PHE D 643 14.30 22.96 -20.40
CA PHE D 643 13.36 22.74 -19.32
C PHE D 643 13.29 23.91 -18.37
N PHE D 644 14.41 24.58 -18.10
CA PHE D 644 14.41 25.72 -17.19
C PHE D 644 13.79 26.97 -17.81
N ILE D 645 13.66 27.04 -19.14
CA ILE D 645 13.02 28.19 -19.76
C ILE D 645 11.52 28.13 -19.49
N ILE D 646 10.94 26.95 -19.72
CA ILE D 646 9.52 26.76 -19.40
C ILE D 646 9.29 26.83 -17.90
N PHE D 647 10.23 26.33 -17.10
CA PHE D 647 10.07 26.34 -15.65
C PHE D 647 10.17 27.73 -15.06
N LEU D 648 10.98 28.61 -15.64
CA LEU D 648 11.12 29.98 -15.13
C LEU D 648 9.97 30.87 -15.59
N ALA D 649 9.42 30.61 -16.78
CA ALA D 649 8.29 31.39 -17.25
C ALA D 649 7.09 31.19 -16.34
N TYR D 650 6.85 29.93 -15.94
CA TYR D 650 5.78 29.63 -15.00
C TYR D 650 6.03 30.29 -13.66
N ALA D 651 7.29 30.29 -13.20
CA ALA D 651 7.62 30.95 -11.94
C ALA D 651 7.33 32.44 -12.00
N GLN D 652 7.69 33.08 -13.12
CA GLN D 652 7.42 34.51 -13.30
C GLN D 652 5.92 34.79 -13.30
N LEU D 653 5.16 33.96 -14.02
CA LEU D 653 3.72 34.15 -14.07
C LEU D 653 3.10 34.00 -12.68
N ALA D 654 3.54 33.00 -11.93
CA ALA D 654 3.03 32.79 -10.58
C ALA D 654 3.38 33.97 -9.68
N TYR D 655 4.64 34.44 -9.77
CA TYR D 655 5.07 35.56 -8.95
C TYR D 655 4.34 36.85 -9.28
N LEU D 656 3.93 37.02 -10.54
CA LEU D 656 3.21 38.23 -10.92
C LEU D 656 1.71 38.16 -10.60
N VAL D 657 1.10 36.99 -10.75
CA VAL D 657 -0.34 36.87 -10.48
C VAL D 657 -0.59 36.73 -8.98
N PHE D 658 0.14 35.83 -8.33
CA PHE D 658 -0.08 35.48 -6.94
C PHE D 658 0.89 36.16 -5.99
N GLY D 659 1.48 37.29 -6.39
CA GLY D 659 2.51 37.90 -5.57
C GLY D 659 2.02 38.39 -4.22
N THR D 660 0.85 39.03 -4.21
CA THR D 660 0.41 39.76 -3.03
C THR D 660 -0.48 38.97 -2.09
N GLN D 661 -0.97 37.80 -2.50
CA GLN D 661 -2.04 37.15 -1.75
C GLN D 661 -1.68 35.79 -1.17
N VAL D 662 -1.05 34.91 -1.95
CA VAL D 662 -0.95 33.51 -1.56
C VAL D 662 -0.24 33.34 -0.22
N ASP D 663 0.93 33.96 -0.07
CA ASP D 663 2.03 33.90 0.93
C ASP D 663 3.12 32.91 0.54
N ASP D 664 2.96 32.15 -0.54
CA ASP D 664 4.03 31.30 -1.05
C ASP D 664 4.67 31.85 -2.31
N PHE D 665 3.90 32.49 -3.18
CA PHE D 665 4.43 33.14 -4.37
C PHE D 665 4.69 34.61 -4.05
N SER D 666 5.42 34.84 -2.95
CA SER D 666 5.68 36.17 -2.46
C SER D 666 7.01 36.73 -2.94
N THR D 667 8.09 35.98 -2.80
CA THR D 667 9.41 36.37 -3.29
C THR D 667 9.80 35.40 -4.40
N PHE D 668 10.48 35.92 -5.42
CA PHE D 668 10.85 35.12 -6.58
C PHE D 668 11.69 33.91 -6.16
N GLN D 669 12.50 34.07 -5.12
CA GLN D 669 13.34 32.98 -4.64
C GLN D 669 12.49 31.91 -3.95
N GLU D 670 11.25 32.25 -3.63
CA GLU D 670 10.32 31.30 -3.00
C GLU D 670 9.42 30.60 -4.00
N CYS D 671 9.12 31.24 -5.13
CA CYS D 671 8.31 30.60 -6.16
C CYS D 671 9.01 29.37 -6.72
N ILE D 672 10.33 29.43 -6.84
CA ILE D 672 11.08 28.29 -7.36
C ILE D 672 10.90 27.08 -6.44
N PHE D 673 11.07 27.29 -5.14
CA PHE D 673 10.92 26.19 -4.19
C PHE D 673 9.47 25.72 -4.12
N THR D 674 8.51 26.64 -4.24
CA THR D 674 7.11 26.22 -4.26
C THR D 674 6.81 25.34 -5.46
N GLN D 675 7.32 25.70 -6.63
CA GLN D 675 7.10 24.87 -7.81
C GLN D 675 7.78 23.51 -7.68
N PHE D 676 8.99 23.50 -7.10
CA PHE D 676 9.67 22.23 -6.89
C PHE D 676 8.91 21.33 -5.92
N ARG D 677 8.33 21.93 -4.89
CA ARG D 677 7.47 21.17 -3.97
C ARG D 677 6.22 20.67 -4.68
N ILE D 678 5.69 21.46 -5.61
CA ILE D 678 4.55 21.03 -6.41
C ILE D 678 4.92 19.79 -7.22
N ILE D 679 6.13 19.79 -7.79
CA ILE D 679 6.60 18.62 -8.53
C ILE D 679 6.64 17.39 -7.62
N LEU D 680 7.05 17.58 -6.37
CA LEU D 680 7.13 16.49 -5.40
C LEU D 680 5.77 16.12 -4.81
N GLY D 681 4.67 16.55 -5.42
CA GLY D 681 3.35 16.21 -4.93
C GLY D 681 3.01 16.80 -3.58
N ASP D 682 3.33 18.08 -3.40
CA ASP D 682 3.03 18.81 -2.17
C ASP D 682 2.26 20.08 -2.53
N ILE D 683 1.19 19.89 -3.33
CA ILE D 683 0.34 21.01 -3.69
C ILE D 683 -0.58 21.35 -2.51
N ASN D 684 -0.97 22.63 -2.45
CA ASN D 684 -1.93 23.10 -1.46
C ASN D 684 -3.27 23.43 -2.10
N PHE D 685 -3.27 24.33 -3.09
CA PHE D 685 -4.44 24.63 -3.90
C PHE D 685 -5.63 25.14 -3.09
N ALA D 686 -5.43 25.35 -1.79
CA ALA D 686 -6.50 25.93 -0.98
C ALA D 686 -6.62 27.43 -1.19
N GLU D 687 -5.48 28.11 -1.40
CA GLU D 687 -5.47 29.54 -1.63
C GLU D 687 -4.99 29.95 -3.02
N ILE D 688 -4.43 29.03 -3.81
CA ILE D 688 -4.03 29.33 -5.18
C ILE D 688 -5.29 29.69 -5.98
N GLU D 689 -6.34 28.90 -5.81
CA GLU D 689 -7.62 29.20 -6.44
C GLU D 689 -8.37 30.31 -5.75
N GLU D 690 -8.23 30.41 -4.42
CA GLU D 690 -8.91 31.46 -3.68
C GLU D 690 -8.42 32.84 -4.08
N ALA D 691 -7.10 32.97 -4.30
CA ALA D 691 -6.53 34.26 -4.68
C ALA D 691 -7.02 34.72 -6.05
N ASN D 692 -7.36 33.80 -6.95
CA ASN D 692 -7.85 34.17 -8.27
C ASN D 692 -8.69 33.01 -8.80
N ARG D 693 -10.01 33.24 -8.90
CA ARG D 693 -10.92 32.18 -9.31
C ARG D 693 -10.64 31.68 -10.72
N VAL D 694 -10.35 32.59 -11.64
CA VAL D 694 -10.01 32.24 -13.01
C VAL D 694 -8.54 32.60 -13.22
N LEU D 695 -7.92 31.91 -14.19
CA LEU D 695 -6.50 32.05 -14.51
C LEU D 695 -5.59 31.53 -13.40
N GLY D 696 -6.16 31.12 -12.27
CA GLY D 696 -5.40 30.52 -11.20
C GLY D 696 -5.36 29.01 -11.32
N PRO D 697 -6.53 28.36 -11.44
CA PRO D 697 -6.53 26.92 -11.72
C PRO D 697 -5.99 26.59 -13.10
N ILE D 698 -6.10 27.53 -14.04
CA ILE D 698 -5.53 27.31 -15.37
C ILE D 698 -4.02 27.14 -15.25
N TYR D 699 -3.39 27.99 -14.43
CA TYR D 699 -1.96 27.85 -14.16
C TYR D 699 -1.62 26.44 -13.67
N PHE D 700 -2.33 25.97 -12.64
CA PHE D 700 -1.98 24.70 -12.04
C PHE D 700 -2.21 23.55 -13.03
N THR D 701 -3.33 23.58 -13.74
CA THR D 701 -3.65 22.52 -14.68
C THR D 701 -2.65 22.45 -15.83
N THR D 702 -2.34 23.59 -16.45
CA THR D 702 -1.36 23.57 -17.54
C THR D 702 0.03 23.22 -17.05
N PHE D 703 0.40 23.66 -15.85
CA PHE D 703 1.70 23.32 -15.29
C PHE D 703 1.81 21.81 -15.09
N VAL D 704 0.77 21.20 -14.54
CA VAL D 704 0.76 19.75 -14.35
C VAL D 704 0.78 19.02 -15.69
N PHE D 705 0.00 19.47 -16.66
CA PHE D 705 -0.04 18.79 -17.95
C PHE D 705 1.28 18.92 -18.71
N PHE D 706 1.95 20.06 -18.63
CA PHE D 706 3.19 20.26 -19.35
C PHE D 706 4.42 19.79 -18.59
N MET D 707 4.29 19.49 -17.29
CA MET D 707 5.44 19.07 -16.51
C MET D 707 5.50 17.57 -16.31
N PHE D 708 4.35 16.89 -16.25
CA PHE D 708 4.30 15.46 -16.00
C PHE D 708 4.04 14.63 -17.25
N PHE D 709 3.52 15.22 -18.32
CA PHE D 709 3.10 14.47 -19.49
C PHE D 709 3.98 14.71 -20.71
N ILE D 710 4.42 15.94 -20.94
CA ILE D 710 5.10 16.30 -22.18
C ILE D 710 6.57 16.62 -21.96
N LEU D 711 6.95 16.98 -20.75
CA LEU D 711 8.33 17.40 -20.49
C LEU D 711 9.11 16.38 -19.68
N LEU D 712 8.43 15.66 -18.78
CA LEU D 712 9.08 14.57 -18.06
C LEU D 712 9.48 13.42 -18.97
N ASN D 713 8.64 13.07 -19.94
CA ASN D 713 8.87 11.90 -20.77
C ASN D 713 9.98 12.06 -21.80
N MET D 714 10.35 13.29 -22.17
CA MET D 714 11.51 13.43 -23.05
C MET D 714 12.79 13.00 -22.35
N PHE D 715 12.87 13.22 -21.04
CA PHE D 715 14.02 12.74 -20.26
C PHE D 715 14.11 11.22 -20.33
N LEU D 716 12.97 10.54 -20.15
CA LEU D 716 12.96 9.08 -20.23
C LEU D 716 13.27 8.60 -21.63
N ALA D 717 12.80 9.33 -22.65
CA ALA D 717 13.10 8.98 -24.03
C ALA D 717 14.59 9.10 -24.30
N ILE D 718 15.22 10.15 -23.76
CA ILE D 718 16.66 10.34 -23.91
C ILE D 718 17.41 9.18 -23.27
N ILE D 719 16.99 8.79 -22.06
CA ILE D 719 17.65 7.68 -21.37
C ILE D 719 17.49 6.39 -22.17
N ASN D 720 16.28 6.16 -22.67
CA ASN D 720 15.99 4.97 -23.46
C ASN D 720 16.83 4.91 -24.73
N ASP D 721 16.98 6.05 -25.39
CA ASP D 721 17.77 6.12 -26.62
C ASP D 721 19.25 5.93 -26.32
N THR D 722 19.74 6.47 -25.21
CA THR D 722 21.13 6.24 -24.83
C THR D 722 21.39 4.76 -24.59
N TYR D 723 20.48 4.09 -23.88
CA TYR D 723 20.64 2.66 -23.64
C TYR D 723 20.63 1.88 -24.96
N SER D 724 19.69 2.20 -25.85
CA SER D 724 19.59 1.48 -27.11
C SER D 724 20.83 1.69 -27.97
N GLU D 725 21.34 2.93 -28.01
CA GLU D 725 22.53 3.21 -28.80
C GLU D 725 23.75 2.48 -28.24
N VAL D 726 23.90 2.46 -26.92
CA VAL D 726 25.00 1.74 -26.30
C VAL D 726 24.91 0.25 -26.63
N LYS D 727 23.71 -0.32 -26.52
CA LYS D 727 23.49 -1.72 -26.85
C LYS D 727 23.88 -2.00 -28.30
N SER D 728 23.39 -1.17 -29.23
CA SER D 728 23.64 -1.41 -30.64
C SER D 728 25.12 -1.30 -30.97
N ASP D 729 25.79 -0.28 -30.40
CA ASP D 729 27.22 -0.12 -30.65
C ASP D 729 28.01 -1.29 -30.10
N LEU D 730 27.68 -1.75 -28.89
CA LEU D 730 28.38 -2.88 -28.31
C LEU D 730 28.16 -4.14 -29.12
N ALA D 731 26.93 -4.36 -29.58
CA ALA D 731 26.63 -5.55 -30.40
C ALA D 731 27.39 -5.50 -31.71
N GLN D 732 27.43 -4.34 -32.35
CA GLN D 732 28.16 -4.20 -33.61
C GLN D 732 29.64 -4.43 -33.42
N GLN D 733 30.21 -3.90 -32.34
CA GLN D 733 31.64 -4.04 -32.07
C GLN D 733 31.99 -5.49 -31.78
N LYS D 734 31.22 -6.14 -30.92
CA LYS D 734 31.52 -7.51 -30.52
C LYS D 734 31.16 -8.53 -31.59
N ALA D 735 30.29 -8.18 -32.54
CA ALA D 735 29.93 -9.08 -33.63
C ALA D 735 30.67 -8.79 -34.93
N GLU D 736 31.59 -7.82 -34.92
CA GLU D 736 32.35 -7.48 -36.11
C GLU D 736 33.47 -8.48 -36.35
C10 A1EQ3 E . 27.36 -1.53 -14.32
C13 A1EQ3 E . 25.69 -7.58 -16.46
C15 A1EQ3 E . 24.87 -6.68 -18.58
C17 A1EQ3 E . 27.88 -1.74 -12.98
C20 A1EQ3 E . 28.54 -1.36 -15.29
C21 A1EQ3 E . 28.55 -0.44 -12.41
C22 A1EQ3 E . 27.14 0.92 -13.87
C24 A1EQ3 E . 27.67 0.72 -12.49
C26 A1EQ3 E . 24.16 -8.31 -20.43
C28 A1EQ3 E . 24.63 -10.20 -22.04
O01 A1EQ3 E . 27.77 -5.37 -12.73
O02 A1EQ3 E . 28.44 1.92 -12.09
O03 A1EQ3 E . 24.21 -10.72 -24.35
C04 A1EQ3 E . 25.63 -5.04 -16.75
C05 A1EQ3 E . 25.94 -5.20 -15.22
C06 A1EQ3 E . 26.83 -4.04 -14.64
C07 A1EQ3 E . 26.32 -2.88 -14.89
C08 A1EQ3 E . 24.87 -6.47 -17.17
C09 A1EQ3 E . 25.13 -3.91 -17.04
C11 A1EQ3 E . 26.31 -6.79 -15.03
C12 A1EQ3 E . 26.03 -2.70 -16.45
C14 A1EQ3 E . 27.06 -4.31 -12.90
C16 A1EQ3 E . 26.99 -5.07 -17.43
C18 A1EQ3 E . 26.47 -0.31 -14.42
C19 A1EQ3 E . 27.75 -3.14 -12.20
C23 A1EQ3 E . 24.30 -8.13 -18.90
C25 A1EQ3 E . 23.98 -5.61 -19.27
C27 A1EQ3 E . 23.90 -9.82 -20.76
C29 A1EQ3 E . 23.61 -10.73 -23.08
C30 A1EQ3 E . 25.64 -11.29 -21.73
H132 A1EQ3 E . 26.54 -7.79 -17.10
H131 A1EQ3 E . 24.99 -8.33 -16.13
H151 A1EQ3 E . 25.89 -6.61 -18.96
H202 A1EQ3 E . 29.04 -2.31 -15.41
H201 A1EQ3 E . 29.23 -0.62 -14.90
H203 A1EQ3 E . 28.17 -1.03 -16.26
H211 A1EQ3 E . 29.46 -0.24 -12.97
H212 A1EQ3 E . 28.80 -0.61 -11.37
H221 A1EQ3 E . 26.43 1.74 -13.85
H222 A1EQ3 E . 27.96 1.20 -14.52
H241 A1EQ3 E . 26.84 0.59 -11.81
H262 A1EQ3 E . 23.34 -7.70 -20.80
H261 A1EQ3 E . 25.08 -8.00 -20.91
H281 A1EQ3 E . 25.14 -9.34 -22.44
H011 A1EQ3 E . 27.28 -6.01 -12.24
H021 A1EQ3 E . 29.15 2.05 -12.70
H031 A1EQ3 E . 23.69 -11.25 -24.94
H051 A1EQ3 E . 24.98 -5.07 -14.71
H061 A1EQ3 E . 27.80 -4.09 -15.12
H071 A1EQ3 E . 25.37 -2.81 -14.36
H081 A1EQ3 E . 23.86 -6.47 -16.79
H092 A1EQ3 E . 25.20 -3.83 -18.11
H091 A1EQ3 E . 24.19 -3.85 -16.50
H112 A1EQ3 E . 27.38 -6.92 -14.96
H111 A1EQ3 E . 25.82 -7.19 -14.14
H122 A1EQ3 E . 25.51 -1.76 -16.60
H121 A1EQ3 E . 26.98 -2.68 -16.98
H141 A1EQ3 E . 26.08 -4.46 -12.43
H163 A1EQ3 E . 26.89 -4.69 -18.44
H162 A1EQ3 E . 27.36 -6.09 -17.46
H161 A1EQ3 E . 27.68 -4.45 -16.88
H181 A1EQ3 E . 25.64 -0.51 -13.74
H182 A1EQ3 E . 26.33 -0.12 -15.47
H191 A1EQ3 E . 28.14 -3.25 -11.19
H232 A1EQ3 E . 24.98 -8.88 -18.50
H231 A1EQ3 E . 23.32 -8.24 -18.43
H252 A1EQ3 E . 23.52 -4.99 -18.51
H251 A1EQ3 E . 23.20 -6.10 -19.85
H253 A1EQ3 E . 24.58 -4.99 -19.93
H271 A1EQ3 E . 24.25 -10.44 -19.94
H272 A1EQ3 E . 22.83 -9.97 -20.89
H292 A1EQ3 E . 23.32 -11.75 -22.81
H291 A1EQ3 E . 22.74 -10.09 -23.08
H303 A1EQ3 E . 25.12 -12.22 -21.48
H301 A1EQ3 E . 26.27 -10.99 -20.89
H302 A1EQ3 E . 26.27 -11.46 -22.60
C1 NAG F . -47.13 2.28 9.62
C2 NAG F . -47.38 3.57 10.40
C3 NAG F . -48.86 3.67 10.80
C4 NAG F . -49.75 3.51 9.58
C5 NAG F . -49.42 2.22 8.86
C6 NAG F . -50.20 2.04 7.58
C7 NAG F . -46.57 2.84 12.62
C8 NAG F . -45.59 3.12 13.72
N2 NAG F . -46.52 3.67 11.56
O3 NAG F . -49.09 4.93 11.42
O4 NAG F . -51.11 3.48 9.98
O5 NAG F . -48.02 2.21 8.50
O6 NAG F . -51.30 2.93 7.51
O7 NAG F . -47.36 1.89 12.68
C1 NAG G . -28.62 -13.03 33.20
C2 NAG G . -29.00 -12.44 34.56
C3 NAG G . -29.56 -13.52 35.49
C4 NAG G . -28.60 -14.69 35.64
C5 NAG G . -27.95 -15.02 34.30
C6 NAG G . -27.89 -16.50 34.03
C7 NAG G . -27.98 -10.77 36.05
C8 NAG G . -26.70 -10.21 36.60
N2 NAG G . -27.86 -11.78 35.18
O3 NAG G . -30.80 -13.98 34.98
O4 NAG G . -27.58 -14.37 36.58
O5 NAG G . -28.72 -14.44 33.24
O6 NAG G . -28.37 -16.82 32.73
O7 NAG G . -29.08 -10.34 36.39
C1 NAG H . -44.64 4.26 34.81
C2 NAG H . -44.26 5.73 35.02
C3 NAG H . -44.41 6.14 36.49
C4 NAG H . -45.81 5.79 36.99
C5 NAG H . -46.11 4.32 36.73
C6 NAG H . -47.52 3.92 37.12
C7 NAG H . -41.73 5.60 34.86
C8 NAG H . -41.66 4.57 35.96
N2 NAG H . -42.94 6.07 34.49
O3 NAG H . -44.19 7.54 36.61
O4 NAG H . -45.91 6.05 38.38
O5 NAG H . -45.97 4.03 35.32
O6 NAG H . -48.32 3.71 35.96
O7 NAG H . -40.70 5.99 34.30
C1 NAG I . -22.26 58.01 -7.54
C2 NAG I . -22.66 58.81 -6.31
C3 NAG I . -22.71 60.31 -6.62
C4 NAG I . -21.44 60.76 -7.32
C5 NAG I . -21.11 59.84 -8.49
C6 NAG I . -19.80 60.26 -9.16
C7 NAG I . -24.44 58.74 -4.65
C8 NAG I . -25.83 59.27 -4.65
N2 NAG I . -23.96 58.37 -5.83
O3 NAG I . -22.87 61.03 -5.39
O4 NAG I . -21.60 62.10 -7.78
O5 NAG I . -21.02 58.50 -8.03
O6 NAG I . -19.70 61.69 -9.18
O7 NAG I . -23.76 58.66 -3.63
C1 NAG J . -45.38 37.40 3.32
C2 NAG J . -45.89 38.00 4.63
C3 NAG J . -47.07 37.19 5.17
C4 NAG J . -48.15 37.05 4.11
C5 NAG J . -47.55 36.48 2.83
C6 NAG J . -48.54 36.41 1.70
C7 NAG J . -44.81 38.98 6.61
C8 NAG J . -43.63 38.91 7.53
N2 NAG J . -44.83 38.07 5.62
O3 NAG J . -47.60 37.83 6.33
O4 NAG J . -49.18 36.20 4.57
O5 NAG J . -46.46 37.30 2.39
O6 NAG J . -49.87 36.24 2.17
O7 NAG J . -45.70 39.81 6.74
C1 NAG K . -36.28 58.89 11.77
C2 NAG K . -35.22 58.87 12.89
C3 NAG K . -35.27 60.15 13.70
C4 NAG K . -35.17 61.35 12.77
C5 NAG K . -36.42 61.40 11.90
C6 NAG K . -36.12 61.77 10.46
C7 NAG K . -36.45 57.42 14.47
C8 NAG K . -36.40 56.17 15.29
N2 NAG K . -35.37 57.70 13.74
O3 NAG K . -34.19 60.17 14.63
O4 NAG K . -35.08 62.55 13.53
O5 NAG K . -37.10 60.12 11.88
O6 NAG K . -37.10 61.25 9.58
O7 NAG K . -37.45 58.15 14.48
#